data_5OR4
#
_entry.id   5OR4
#
_cell.length_a   60.856
_cell.length_b   81.879
_cell.length_c   82.705
_cell.angle_alpha   87.15
_cell.angle_beta   89.04
_cell.angle_gamma   73.86
#
_symmetry.space_group_name_H-M   'P 1'
#
loop_
_entity.id
_entity.type
_entity.pdbx_description
1 polymer 'catechol oxidase'
2 branched beta-D-mannopyranose-(1-4)-2-acetamido-2-deoxy-beta-D-glucopyranose-(1-4)-2-acetamido-2-deoxy-beta-D-glucopyranose
3 branched 2-acetamido-2-deoxy-beta-D-glucopyranose-(1-4)-2-acetamido-2-deoxy-beta-D-glucopyranose
4 non-polymer 'COPPER (II) ION'
5 non-polymer 2-acetamido-2-deoxy-beta-D-glucopyranose
6 non-polymer alpha-D-mannopyranose
7 water water
#
_entity_poly.entity_id   1
_entity_poly.type   'polypeptide(L)'
_entity_poly.pdbx_seq_one_letter_code
;AATATLPTTASSSTAVASSQLDQLANFAYNVTTDSVAGGSESKRGGCTLQNLRVRRDWRAFSKTQKKDYINSVLCLQKLP
SRTPAHLAPGARTRYDDFVATHINQTQIIHYTGTFLAWHRYFIYEFEQALRDECSYTGDYPYWNWGADADNMEKSQVFDG
SETSMSGNGEYIPNQGDIKLLLGNYPAIDLPPGSGGGCVTSGPFKDYKLNLGPAALSLPGGNMTAAANPLTYNPRCMKRS
LTTEILQRYNTFPKIVELILDSDDIWDFQMTMQGVPGSGSIGVHGGGHYSMGGDPGRDVYVSPGDTAFWLHHGMIDRVWW
IWQNLDLRKRQNAISGTGTFMNNPASPNTTLDTVIDLGYANGGPIAMRDLMSTTAGPFCYVYL
;
_entity_poly.pdbx_strand_id   A,B,C,D
#
# COMPACT_ATOMS: atom_id res chain seq x y z
N THR A 5 -12.81 27.63 -33.32
CA THR A 5 -12.61 27.18 -34.70
C THR A 5 -11.30 26.38 -34.81
N LEU A 6 -11.44 25.08 -35.05
CA LEU A 6 -10.27 24.22 -34.97
C LEU A 6 -9.76 23.83 -36.35
N PRO A 7 -8.44 23.71 -36.51
CA PRO A 7 -7.89 23.20 -37.76
C PRO A 7 -8.29 21.75 -38.00
N THR A 8 -8.25 21.35 -39.27
CA THR A 8 -8.55 19.98 -39.66
C THR A 8 -7.47 19.33 -40.53
N THR A 9 -6.65 20.12 -41.21
CA THR A 9 -5.55 19.61 -42.02
C THR A 9 -4.24 20.16 -41.44
N ALA A 10 -3.34 19.26 -41.08
CA ALA A 10 -2.03 19.69 -40.59
C ALA A 10 -1.30 20.47 -41.68
N SER A 11 -0.50 21.43 -41.25
CA SER A 11 0.21 22.30 -42.19
C SER A 11 1.65 21.81 -42.40
N SER A 12 2.27 22.35 -43.44
CA SER A 12 3.65 22.03 -43.76
C SER A 12 4.64 23.00 -43.13
N SER A 13 4.22 24.23 -42.84
CA SER A 13 5.08 25.19 -42.18
C SER A 13 5.18 24.89 -40.69
N THR A 14 6.41 24.81 -40.18
CA THR A 14 6.59 24.52 -38.76
C THR A 14 6.04 25.65 -37.90
N ALA A 15 6.07 26.88 -38.40
CA ALA A 15 5.61 28.02 -37.60
C ALA A 15 4.10 27.97 -37.38
N VAL A 16 3.33 27.75 -38.45
CA VAL A 16 1.88 27.77 -38.31
C VAL A 16 1.36 26.45 -37.76
N ALA A 17 2.07 25.35 -38.00
CA ALA A 17 1.69 24.08 -37.38
C ALA A 17 1.91 24.11 -35.88
N SER A 18 2.93 24.85 -35.42
CA SER A 18 3.08 25.10 -33.99
C SER A 18 1.88 25.85 -33.43
N SER A 19 1.34 26.80 -34.21
CA SER A 19 0.15 27.52 -33.79
C SER A 19 -1.06 26.60 -33.74
N GLN A 20 -1.14 25.64 -34.66
CA GLN A 20 -2.25 24.70 -34.67
C GLN A 20 -2.25 23.85 -33.40
N LEU A 21 -1.09 23.32 -33.02
CA LEU A 21 -1.01 22.47 -31.83
C LEU A 21 -1.34 23.26 -30.57
N ASP A 22 -1.02 24.55 -30.53
CA ASP A 22 -1.39 25.36 -29.38
C ASP A 22 -2.90 25.55 -29.30
N GLN A 23 -3.58 25.63 -30.44
CA GLN A 23 -5.04 25.72 -30.43
C GLN A 23 -5.66 24.43 -29.90
N LEU A 24 -5.23 23.28 -30.44
CA LEU A 24 -5.82 22.01 -30.04
C LEU A 24 -5.56 21.73 -28.57
N ALA A 25 -4.34 21.98 -28.09
CA ALA A 25 -4.05 21.81 -26.67
C ALA A 25 -4.90 22.75 -25.83
N ASN A 26 -5.14 23.96 -26.32
CA ASN A 26 -5.97 24.91 -25.58
C ASN A 26 -7.43 24.48 -25.58
N PHE A 27 -7.92 23.99 -26.71
CA PHE A 27 -9.27 23.41 -26.75
C PHE A 27 -9.38 22.25 -25.77
N ALA A 28 -8.39 21.36 -25.76
CA ALA A 28 -8.39 20.23 -24.85
C ALA A 28 -8.40 20.70 -23.40
N TYR A 29 -7.63 21.74 -23.09
CA TYR A 29 -7.64 22.31 -21.74
C TYR A 29 -9.02 22.86 -21.40
N ASN A 30 -9.68 23.48 -22.39
CA ASN A 30 -11.01 24.04 -22.16
C ASN A 30 -12.03 22.94 -21.89
N VAL A 31 -11.96 21.84 -22.63
CA VAL A 31 -12.93 20.77 -22.46
C VAL A 31 -12.74 20.07 -21.12
N THR A 32 -11.49 19.83 -20.73
CA THR A 32 -11.23 19.10 -19.49
C THR A 32 -11.58 19.93 -18.26
N THR A 33 -11.19 21.22 -18.26
CA THR A 33 -11.43 22.04 -17.07
C THR A 33 -12.91 22.32 -16.87
N ASP A 34 -13.66 22.52 -17.96
CA ASP A 34 -15.09 22.71 -17.83
C ASP A 34 -15.79 21.43 -17.38
N SER A 35 -15.19 20.27 -17.68
CA SER A 35 -15.78 19.01 -17.26
C SER A 35 -15.59 18.76 -15.77
N VAL A 36 -14.49 19.26 -15.20
CA VAL A 36 -14.27 19.09 -13.77
C VAL A 36 -15.25 19.93 -12.97
N ALA A 37 -15.67 21.08 -13.50
CA ALA A 37 -16.63 21.94 -12.83
C ALA A 37 -18.00 21.28 -12.73
N GLY A 46 -13.70 12.91 -6.85
CA GLY A 46 -12.70 13.45 -5.94
C GLY A 46 -11.78 14.45 -6.61
N CYS A 47 -12.07 14.76 -7.86
CA CYS A 47 -11.24 15.65 -8.68
C CYS A 47 -11.99 16.96 -8.88
N THR A 48 -11.46 18.04 -8.32
CA THR A 48 -12.07 19.36 -8.40
C THR A 48 -11.12 20.35 -9.08
N LEU A 49 -11.62 21.56 -9.31
CA LEU A 49 -10.78 22.62 -9.84
C LEU A 49 -9.75 23.09 -8.82
N GLN A 50 -9.99 22.85 -7.53
CA GLN A 50 -9.08 23.31 -6.50
C GLN A 50 -7.86 22.40 -6.35
N ASN A 51 -8.01 21.12 -6.65
CA ASN A 51 -6.92 20.16 -6.53
C ASN A 51 -6.39 19.68 -7.87
N LEU A 52 -6.92 20.19 -8.98
CA LEU A 52 -6.48 19.78 -10.30
C LEU A 52 -5.00 20.09 -10.49
N ARG A 53 -4.24 19.07 -10.90
CA ARG A 53 -2.82 19.24 -11.15
C ARG A 53 -2.58 19.71 -12.57
N VAL A 54 -1.43 20.34 -12.78
CA VAL A 54 -1.04 20.86 -14.08
C VAL A 54 0.34 20.32 -14.43
N ARG A 55 0.50 19.86 -15.67
CA ARG A 55 1.78 19.42 -16.19
C ARG A 55 2.24 20.42 -17.24
N ARG A 56 3.50 20.86 -17.15
CA ARG A 56 3.97 22.00 -17.92
C ARG A 56 5.20 21.63 -18.73
N ASP A 57 5.35 22.33 -19.86
CA ASP A 57 6.56 22.26 -20.67
C ASP A 57 7.79 22.46 -19.80
N TRP A 58 8.83 21.66 -20.06
CA TRP A 58 10.08 21.79 -19.32
C TRP A 58 10.66 23.20 -19.45
N ARG A 59 10.39 23.88 -20.58
CA ARG A 59 10.85 25.25 -20.75
C ARG A 59 10.09 26.23 -19.87
N ALA A 60 8.86 25.89 -19.45
CA ALA A 60 8.13 26.75 -18.53
C ALA A 60 8.70 26.68 -17.12
N PHE A 61 9.50 25.67 -16.81
CA PHE A 61 10.10 25.54 -15.49
C PHE A 61 11.14 26.63 -15.29
N SER A 62 11.11 27.29 -14.13
CA SER A 62 12.18 28.18 -13.75
C SER A 62 13.42 27.36 -13.37
N LYS A 63 14.51 28.06 -13.03
CA LYS A 63 15.75 27.38 -12.69
C LYS A 63 15.61 26.57 -11.40
N THR A 64 14.99 27.16 -10.38
CA THR A 64 14.82 26.45 -9.11
C THR A 64 13.88 25.27 -9.26
N GLN A 65 12.83 25.42 -10.08
CA GLN A 65 11.90 24.32 -10.30
C GLN A 65 12.54 23.18 -11.07
N LYS A 66 13.46 23.49 -11.99
CA LYS A 66 14.16 22.45 -12.74
C LYS A 66 15.04 21.61 -11.81
N LYS A 67 15.81 22.27 -10.95
CA LYS A 67 16.65 21.56 -10.00
C LYS A 67 15.81 20.81 -8.96
N ASP A 68 14.59 21.30 -8.69
CA ASP A 68 13.69 20.58 -7.79
C ASP A 68 13.34 19.21 -8.36
N TYR A 69 12.98 19.16 -9.65
CA TYR A 69 12.63 17.89 -10.26
C TYR A 69 13.85 16.97 -10.37
N ILE A 70 14.99 17.52 -10.78
CA ILE A 70 16.19 16.70 -10.97
C ILE A 70 16.63 16.08 -9.65
N ASN A 71 16.60 16.87 -8.57
CA ASN A 71 17.06 16.36 -7.28
C ASN A 71 16.15 15.27 -6.75
N SER A 72 14.86 15.30 -7.10
CA SER A 72 13.96 14.24 -6.67
C SER A 72 14.20 12.96 -7.45
N VAL A 73 14.50 13.06 -8.74
CA VAL A 73 14.89 11.90 -9.52
C VAL A 73 16.22 11.37 -9.04
N LEU A 74 17.12 12.27 -8.67
CA LEU A 74 18.38 11.85 -8.12
C LEU A 74 18.20 11.11 -6.81
N CYS A 75 17.32 11.62 -5.93
CA CYS A 75 17.03 10.91 -4.69
C CYS A 75 16.47 9.51 -4.96
N LEU A 76 15.62 9.38 -5.97
CA LEU A 76 15.06 8.08 -6.33
C LEU A 76 16.16 7.10 -6.76
N GLN A 77 17.24 7.62 -7.33
CA GLN A 77 18.37 6.79 -7.71
C GLN A 77 19.31 6.48 -6.56
N LYS A 78 18.92 6.81 -5.31
CA LYS A 78 19.70 6.42 -4.14
C LYS A 78 18.92 5.61 -3.12
N LEU A 79 17.61 5.81 -3.01
CA LEU A 79 16.82 4.99 -2.10
C LEU A 79 16.92 3.53 -2.51
N PRO A 80 16.79 2.60 -1.58
CA PRO A 80 16.97 1.19 -1.91
C PRO A 80 15.78 0.60 -2.66
N SER A 81 16.08 -0.38 -3.51
CA SER A 81 15.05 -1.00 -4.33
C SER A 81 14.08 -1.82 -3.49
N ARG A 82 12.86 -1.96 -4.00
CA ARG A 82 11.83 -2.76 -3.37
C ARG A 82 11.73 -4.17 -3.94
N THR A 83 12.24 -4.39 -5.15
CA THR A 83 12.04 -5.67 -5.81
C THR A 83 12.80 -6.76 -5.07
N PRO A 84 12.18 -7.92 -4.83
CA PRO A 84 12.90 -9.03 -4.18
C PRO A 84 14.11 -9.43 -5.01
N ALA A 85 15.21 -9.71 -4.31
CA ALA A 85 16.50 -9.89 -4.98
C ALA A 85 16.47 -11.02 -6.01
N HIS A 86 15.69 -12.07 -5.75
CA HIS A 86 15.70 -13.21 -6.67
C HIS A 86 14.88 -12.96 -7.93
N LEU A 87 13.99 -11.98 -7.93
CA LEU A 87 13.26 -11.63 -9.14
C LEU A 87 14.05 -10.67 -10.03
N ALA A 88 14.92 -9.86 -9.44
CA ALA A 88 15.74 -8.91 -10.20
C ALA A 88 17.03 -8.69 -9.42
N PRO A 89 18.03 -9.54 -9.63
CA PRO A 89 19.26 -9.45 -8.83
C PRO A 89 20.08 -8.19 -9.09
N GLY A 90 19.82 -7.46 -10.17
CA GLY A 90 20.56 -6.26 -10.45
C GLY A 90 19.96 -4.99 -9.91
N ALA A 91 18.76 -5.05 -9.34
CA ALA A 91 18.09 -3.86 -8.84
C ALA A 91 18.73 -3.41 -7.52
N ARG A 92 19.21 -2.17 -7.49
CA ARG A 92 19.80 -1.59 -6.30
C ARG A 92 19.07 -0.36 -5.79
N THR A 93 18.32 0.33 -6.64
CA THR A 93 17.69 1.58 -6.28
C THR A 93 16.19 1.51 -6.58
N ARG A 94 15.44 2.46 -5.98
CA ARG A 94 14.03 2.61 -6.32
C ARG A 94 13.85 2.88 -7.81
N TYR A 95 14.81 3.60 -8.42
CA TYR A 95 14.76 3.86 -9.85
C TYR A 95 14.88 2.56 -10.64
N ASP A 96 15.66 1.60 -10.15
CA ASP A 96 15.79 0.31 -10.83
C ASP A 96 14.47 -0.45 -10.82
N ASP A 97 13.63 -0.25 -9.81
CA ASP A 97 12.36 -0.95 -9.74
C ASP A 97 11.48 -0.61 -10.94
N PHE A 98 11.49 0.65 -11.36
CA PHE A 98 10.69 1.06 -12.51
C PHE A 98 11.27 0.51 -13.81
N VAL A 99 12.59 0.52 -13.94
CA VAL A 99 13.22 -0.01 -15.15
C VAL A 99 12.99 -1.51 -15.24
N ALA A 100 13.03 -2.21 -14.10
CA ALA A 100 12.94 -3.66 -14.11
C ALA A 100 11.55 -4.14 -14.54
N THR A 101 10.49 -3.51 -14.01
CA THR A 101 9.15 -3.89 -14.43
C THR A 101 8.91 -3.56 -15.91
N HIS A 102 9.64 -2.58 -16.45
CA HIS A 102 9.52 -2.25 -17.87
C HIS A 102 10.20 -3.31 -18.73
N ILE A 103 11.40 -3.74 -18.34
CA ILE A 103 12.07 -4.83 -19.05
C ILE A 103 11.21 -6.09 -19.02
N ASN A 104 10.71 -6.43 -17.82
CA ASN A 104 9.90 -7.63 -17.65
C ASN A 104 8.69 -7.65 -18.56
N GLN A 105 8.06 -6.49 -18.76
CA GLN A 105 6.75 -6.41 -19.40
C GLN A 105 6.80 -5.79 -20.79
N THR A 106 7.99 -5.64 -21.39
CA THR A 106 8.09 -4.90 -22.64
C THR A 106 7.25 -5.53 -23.76
N GLN A 107 7.18 -6.86 -23.80
CA GLN A 107 6.51 -7.53 -24.90
C GLN A 107 5.00 -7.58 -24.75
N ILE A 108 4.43 -6.97 -23.71
CA ILE A 108 2.98 -6.92 -23.56
C ILE A 108 2.50 -5.49 -23.33
N ILE A 109 3.37 -4.51 -23.56
CA ILE A 109 3.01 -3.11 -23.31
C ILE A 109 3.31 -2.22 -24.52
N HIS A 110 3.92 -2.79 -25.55
CA HIS A 110 4.19 -2.06 -26.79
C HIS A 110 3.49 -2.76 -27.94
N TYR A 111 2.81 -1.97 -28.77
CA TYR A 111 1.97 -2.49 -29.87
C TYR A 111 0.88 -3.42 -29.32
N THR A 112 0.36 -3.07 -28.15
CA THR A 112 -0.76 -3.77 -27.52
C THR A 112 -1.95 -2.82 -27.43
N GLY A 113 -3.03 -3.32 -26.84
CA GLY A 113 -4.15 -2.44 -26.52
C GLY A 113 -3.90 -1.58 -25.30
N THR A 114 -2.95 -1.96 -24.46
CA THR A 114 -2.66 -1.26 -23.22
C THR A 114 -1.54 -0.24 -23.34
N PHE A 115 -0.93 -0.10 -24.53
CA PHE A 115 0.29 0.69 -24.66
C PHE A 115 0.13 2.09 -24.09
N LEU A 116 -0.90 2.80 -24.54
CA LEU A 116 -1.08 4.19 -24.08
C LEU A 116 -1.48 4.24 -22.61
N ALA A 117 -2.38 3.36 -22.17
CA ALA A 117 -2.85 3.42 -20.79
C ALA A 117 -1.80 2.92 -19.81
N TRP A 118 -0.97 1.94 -20.21
CA TRP A 118 0.06 1.44 -19.32
C TRP A 118 1.10 2.52 -19.01
N HIS A 119 1.48 3.30 -20.03
CA HIS A 119 2.50 4.32 -19.81
C HIS A 119 1.95 5.54 -19.09
N ARG A 120 0.66 5.85 -19.27
CA ARG A 120 0.04 6.89 -18.47
C ARG A 120 0.08 6.52 -16.99
N TYR A 121 -0.18 5.25 -16.68
CA TYR A 121 -0.08 4.78 -15.30
C TYR A 121 1.36 4.66 -14.84
N PHE A 122 2.26 4.30 -15.76
CA PHE A 122 3.67 4.14 -15.41
C PHE A 122 4.27 5.45 -14.90
N ILE A 123 4.09 6.53 -15.65
CA ILE A 123 4.70 7.80 -15.27
C ILE A 123 3.98 8.42 -14.08
N TYR A 124 2.68 8.10 -13.91
CA TYR A 124 1.96 8.62 -12.74
C TYR A 124 2.51 8.03 -11.46
N GLU A 125 2.76 6.71 -11.43
CA GLU A 125 3.32 6.09 -10.24
C GLU A 125 4.77 6.49 -10.03
N PHE A 126 5.50 6.77 -11.12
CA PHE A 126 6.82 7.35 -11.00
C PHE A 126 6.75 8.74 -10.38
N GLU A 127 5.75 9.52 -10.80
CA GLU A 127 5.52 10.83 -10.18
C GLU A 127 5.14 10.68 -8.72
N GLN A 128 4.32 9.67 -8.39
CA GLN A 128 3.95 9.43 -7.00
C GLN A 128 5.16 9.03 -6.16
N ALA A 129 6.12 8.33 -6.76
CA ALA A 129 7.33 7.98 -6.02
C ALA A 129 8.18 9.22 -5.74
N LEU A 130 8.21 10.16 -6.68
CA LEU A 130 8.91 11.42 -6.43
C LEU A 130 8.27 12.20 -5.30
N ARG A 131 6.94 12.19 -5.23
CA ARG A 131 6.24 13.02 -4.25
C ARG A 131 6.36 12.43 -2.84
N ASP A 132 6.12 11.13 -2.70
CA ASP A 132 5.97 10.52 -1.39
C ASP A 132 7.27 10.07 -0.75
N GLU A 133 8.35 9.90 -1.53
CA GLU A 133 9.61 9.44 -0.99
C GLU A 133 10.76 10.43 -1.17
N CYS A 134 10.64 11.40 -2.08
CA CYS A 134 11.72 12.36 -2.29
C CYS A 134 11.22 13.81 -2.20
N SER A 135 10.04 14.01 -1.60
CA SER A 135 9.56 15.34 -1.21
C SER A 135 9.43 16.30 -2.39
N TYR A 136 8.89 15.80 -3.50
CA TYR A 136 8.65 16.65 -4.67
C TYR A 136 7.25 17.25 -4.58
N THR A 137 7.17 18.57 -4.75
CA THR A 137 5.89 19.27 -4.76
C THR A 137 5.62 20.01 -6.06
N GLY A 138 6.52 19.95 -7.03
CA GLY A 138 6.36 20.66 -8.28
C GLY A 138 5.46 19.92 -9.25
N ASP A 139 5.51 20.37 -10.49
CA ASP A 139 4.68 19.82 -11.56
C ASP A 139 5.43 18.74 -12.34
N TYR A 140 4.67 17.89 -13.00
CA TYR A 140 5.26 16.89 -13.89
C TYR A 140 5.64 17.55 -15.22
N PRO A 141 6.89 17.41 -15.66
CA PRO A 141 7.32 18.05 -16.90
C PRO A 141 7.19 17.14 -18.11
N TYR A 142 7.13 17.77 -19.29
CA TYR A 142 7.17 17.05 -20.54
C TYR A 142 8.14 17.74 -21.50
N TRP A 143 8.49 17.02 -22.56
CA TRP A 143 9.46 17.47 -23.55
C TRP A 143 8.71 17.68 -24.88
N ASN A 144 8.61 18.93 -25.30
CA ASN A 144 7.97 19.28 -26.57
C ASN A 144 9.00 19.10 -27.67
N TRP A 145 8.95 17.96 -28.36
CA TRP A 145 9.97 17.67 -29.38
C TRP A 145 9.99 18.73 -30.47
N GLY A 146 8.82 19.24 -30.86
CA GLY A 146 8.75 20.16 -31.97
C GLY A 146 9.57 21.41 -31.79
N ALA A 147 9.83 21.80 -30.53
CA ALA A 147 10.61 23.00 -30.28
C ALA A 147 12.11 22.76 -30.41
N ASP A 148 12.56 21.51 -30.32
CA ASP A 148 13.98 21.19 -30.41
C ASP A 148 14.35 20.45 -31.68
N ALA A 149 13.41 20.27 -32.61
CA ALA A 149 13.71 19.54 -33.84
C ALA A 149 14.75 20.24 -34.70
N ASP A 150 15.00 21.54 -34.48
CA ASP A 150 15.96 22.26 -35.31
C ASP A 150 17.39 22.18 -34.78
N ASN A 151 17.58 21.83 -33.50
CA ASN A 151 18.89 21.51 -32.94
C ASN A 151 18.71 20.91 -31.56
N MET A 152 18.80 19.58 -31.46
CA MET A 152 18.64 18.90 -30.18
C MET A 152 19.74 19.28 -29.19
N GLU A 153 20.92 19.65 -29.68
CA GLU A 153 22.02 20.00 -28.79
C GLU A 153 21.77 21.32 -28.06
N LYS A 154 20.82 22.13 -28.53
CA LYS A 154 20.43 23.35 -27.85
C LYS A 154 19.28 23.14 -26.85
N SER A 155 18.70 21.95 -26.83
CA SER A 155 17.52 21.69 -26.02
C SER A 155 17.81 21.90 -24.55
N GLN A 156 16.84 22.49 -23.84
CA GLN A 156 16.94 22.60 -22.39
C GLN A 156 16.91 21.23 -21.72
N VAL A 157 16.38 20.21 -22.39
CA VAL A 157 16.42 18.85 -21.85
C VAL A 157 17.81 18.23 -22.02
N PHE A 158 18.56 18.63 -23.05
CA PHE A 158 19.73 17.88 -23.47
C PHE A 158 20.99 18.73 -23.62
N ASP A 159 21.03 19.93 -23.03
CA ASP A 159 22.21 20.76 -23.22
C ASP A 159 23.35 20.43 -22.26
N GLY A 160 23.15 19.48 -21.35
CA GLY A 160 24.23 19.06 -20.46
C GLY A 160 24.56 20.03 -19.36
N SER A 161 23.64 20.94 -19.02
CA SER A 161 23.89 21.91 -17.96
C SER A 161 23.37 21.37 -16.63
N GLU A 162 23.35 22.22 -15.61
CA GLU A 162 22.82 21.81 -14.31
C GLU A 162 21.34 21.49 -14.38
N THR A 163 20.61 22.10 -15.32
CA THR A 163 19.17 21.95 -15.43
C THR A 163 18.78 21.06 -16.60
N SER A 164 19.60 20.07 -16.94
CA SER A 164 19.31 19.12 -18.00
C SER A 164 19.26 17.71 -17.44
N MET A 165 18.80 16.77 -18.26
CA MET A 165 18.96 15.36 -17.98
C MET A 165 20.32 14.85 -18.44
N SER A 166 21.38 15.61 -18.17
CA SER A 166 22.68 15.48 -18.81
C SER A 166 22.55 15.70 -20.31
N GLY A 167 23.67 15.77 -21.02
CA GLY A 167 23.60 16.12 -22.42
C GLY A 167 24.10 15.06 -23.38
N ASN A 168 25.04 15.42 -24.23
CA ASN A 168 25.57 14.51 -25.22
C ASN A 168 26.64 13.61 -24.60
N GLY A 169 27.03 12.58 -25.36
CA GLY A 169 28.05 11.65 -24.93
C GLY A 169 29.41 11.98 -25.53
N GLU A 170 30.41 11.22 -25.09
CA GLU A 170 31.76 11.41 -25.59
C GLU A 170 31.84 11.09 -27.08
N TYR A 171 32.68 11.84 -27.79
CA TYR A 171 32.78 11.69 -29.24
C TYR A 171 33.31 10.31 -29.61
N ILE A 172 32.65 9.67 -30.56
CA ILE A 172 33.14 8.44 -31.17
C ILE A 172 33.16 8.66 -32.68
N PRO A 173 34.33 8.70 -33.31
CA PRO A 173 34.41 9.12 -34.71
C PRO A 173 34.01 8.03 -35.68
N ASN A 174 33.50 8.47 -36.83
CA ASN A 174 33.24 7.64 -38.01
C ASN A 174 32.43 6.39 -37.65
N GLN A 175 31.28 6.62 -37.04
CA GLN A 175 30.41 5.52 -36.65
C GLN A 175 29.48 5.13 -37.78
N GLY A 176 29.07 3.86 -37.78
CA GLY A 176 28.10 3.38 -38.75
C GLY A 176 26.68 3.77 -38.39
N ASP A 177 25.77 3.48 -39.31
CA ASP A 177 24.38 3.87 -39.12
C ASP A 177 23.66 2.89 -38.19
N ILE A 178 22.49 3.29 -37.74
CA ILE A 178 21.61 2.46 -36.91
C ILE A 178 20.59 1.79 -37.82
N LYS A 179 20.51 0.47 -37.76
CA LYS A 179 19.58 -0.31 -38.57
C LYS A 179 18.43 -0.77 -37.69
N LEU A 180 17.24 -0.26 -37.96
CA LEU A 180 16.04 -0.55 -37.17
C LEU A 180 15.12 -1.45 -37.97
N LEU A 181 14.82 -2.63 -37.43
CA LEU A 181 13.84 -3.52 -38.01
C LEU A 181 12.48 -3.21 -37.40
N LEU A 182 11.52 -2.84 -38.26
CA LEU A 182 10.16 -2.48 -37.85
C LEU A 182 9.20 -3.30 -38.70
N GLY A 183 8.85 -4.49 -38.23
CA GLY A 183 8.03 -5.40 -39.01
C GLY A 183 8.86 -6.22 -39.97
N ASN A 184 8.15 -7.02 -40.77
CA ASN A 184 8.80 -7.86 -41.78
C ASN A 184 9.15 -7.04 -43.01
N TYR A 185 10.11 -6.15 -42.81
CA TYR A 185 10.49 -5.16 -43.81
C TYR A 185 11.97 -4.87 -43.67
N PRO A 186 12.61 -4.28 -44.69
CA PRO A 186 14.03 -3.94 -44.56
C PRO A 186 14.27 -2.93 -43.45
N ALA A 187 15.54 -2.85 -43.02
CA ALA A 187 15.89 -2.03 -41.89
C ALA A 187 15.86 -0.55 -42.24
N ILE A 188 15.35 0.27 -41.32
CA ILE A 188 15.37 1.72 -41.48
C ILE A 188 16.70 2.24 -40.98
N ASP A 189 17.37 3.06 -41.80
CA ASP A 189 18.69 3.57 -41.50
C ASP A 189 18.58 4.95 -40.85
N LEU A 190 19.12 5.08 -39.65
CA LEU A 190 19.22 6.36 -38.96
C LEU A 190 20.68 6.77 -38.82
N PRO A 191 20.99 8.07 -38.91
CA PRO A 191 22.36 8.51 -38.63
C PRO A 191 22.70 8.28 -37.17
N PRO A 192 23.98 8.04 -36.87
CA PRO A 192 24.37 7.63 -35.51
C PRO A 192 24.50 8.76 -34.50
N GLY A 193 24.13 9.99 -34.84
CA GLY A 193 24.20 11.08 -33.88
C GLY A 193 25.59 11.64 -33.72
N SER A 194 25.68 12.68 -32.89
CA SER A 194 26.91 13.45 -32.71
C SER A 194 27.63 13.12 -31.41
N GLY A 195 27.27 12.02 -30.74
CA GLY A 195 27.94 11.64 -29.52
C GLY A 195 28.41 10.19 -29.54
N GLY A 196 27.92 9.38 -28.62
CA GLY A 196 28.22 7.96 -28.63
C GLY A 196 28.70 7.39 -27.31
N GLY A 197 29.61 8.09 -26.63
CA GLY A 197 30.19 7.62 -25.40
C GLY A 197 29.35 7.98 -24.18
N CYS A 198 29.97 7.83 -23.01
CA CYS A 198 29.32 8.21 -21.77
C CYS A 198 29.01 9.70 -21.76
N VAL A 199 27.98 10.08 -21.01
CA VAL A 199 27.59 11.48 -20.94
C VAL A 199 28.68 12.28 -20.24
N THR A 200 28.85 13.54 -20.68
CA THR A 200 30.00 14.35 -20.32
C THR A 200 29.73 15.34 -19.21
N SER A 201 28.48 15.68 -18.93
CA SER A 201 28.16 16.71 -17.96
C SER A 201 26.76 16.44 -17.40
N GLY A 202 26.15 17.46 -16.83
CA GLY A 202 24.80 17.34 -16.32
C GLY A 202 24.73 16.56 -15.02
N PRO A 203 23.58 16.63 -14.34
CA PRO A 203 23.44 15.98 -13.03
C PRO A 203 23.41 14.46 -13.08
N PHE A 204 23.61 13.83 -14.24
CA PHE A 204 23.62 12.37 -14.32
C PHE A 204 24.93 11.83 -14.87
N LYS A 205 26.00 12.64 -14.81
CA LYS A 205 27.30 12.19 -15.30
C LYS A 205 27.79 10.96 -14.55
N ASP A 206 27.51 10.89 -13.25
CA ASP A 206 27.95 9.79 -12.41
C ASP A 206 26.82 8.81 -12.08
N TYR A 207 25.73 8.86 -12.83
CA TYR A 207 24.61 7.96 -12.62
C TYR A 207 24.87 6.61 -13.28
N LYS A 208 24.52 5.54 -12.59
CA LYS A 208 24.84 4.18 -13.01
C LYS A 208 23.55 3.45 -13.41
N LEU A 209 23.51 2.98 -14.66
CA LEU A 209 22.53 1.98 -15.03
C LEU A 209 22.98 0.62 -14.52
N ASN A 210 22.06 -0.13 -13.93
CA ASN A 210 22.39 -1.43 -13.34
C ASN A 210 21.77 -2.61 -14.06
N LEU A 211 20.93 -2.36 -15.06
CA LEU A 211 20.20 -3.42 -15.73
C LEU A 211 20.42 -3.33 -17.24
N GLY A 212 20.08 -4.42 -17.93
CA GLY A 212 20.31 -4.51 -19.34
C GLY A 212 21.80 -4.69 -19.64
N PRO A 213 22.18 -4.63 -20.92
CA PRO A 213 21.29 -4.40 -22.07
C PRO A 213 20.43 -5.62 -22.42
N ALA A 214 19.18 -5.37 -22.79
CA ALA A 214 18.28 -6.44 -23.22
C ALA A 214 18.30 -6.61 -24.73
N ALA A 215 18.34 -5.50 -25.48
CA ALA A 215 18.41 -5.54 -26.94
C ALA A 215 18.87 -4.18 -27.46
N LEU A 216 20.16 -3.88 -27.29
CA LEU A 216 20.69 -2.56 -27.58
C LEU A 216 21.13 -2.47 -29.03
N SER A 217 20.46 -1.63 -29.82
CA SER A 217 20.86 -1.40 -31.20
C SER A 217 22.19 -0.67 -31.24
N LEU A 218 23.10 -1.14 -32.09
CA LEU A 218 24.44 -0.59 -32.17
C LEU A 218 24.71 0.02 -33.55
N PRO A 219 25.57 1.03 -33.62
CA PRO A 219 25.98 1.54 -34.93
C PRO A 219 26.63 0.44 -35.76
N GLY A 220 26.27 0.40 -37.04
CA GLY A 220 26.68 -0.66 -37.93
C GLY A 220 25.65 -1.75 -38.12
N GLY A 221 24.65 -1.83 -37.24
CA GLY A 221 23.55 -2.76 -37.39
C GLY A 221 23.53 -3.90 -36.40
N ASN A 222 24.52 -4.01 -35.51
CA ASN A 222 24.54 -5.11 -34.55
C ASN A 222 23.66 -4.78 -33.35
N MET A 223 23.41 -5.82 -32.54
CA MET A 223 22.62 -5.66 -31.34
C MET A 223 23.25 -6.45 -30.20
N THR A 224 23.34 -5.83 -29.03
CA THR A 224 23.83 -6.48 -27.83
C THR A 224 22.64 -6.92 -26.97
N ALA A 225 22.71 -8.13 -26.43
CA ALA A 225 21.69 -8.66 -25.56
C ALA A 225 22.36 -9.47 -24.47
N ALA A 226 22.12 -9.10 -23.21
CA ALA A 226 22.60 -9.89 -22.11
C ALA A 226 21.83 -11.21 -22.03
N ALA A 227 22.48 -12.22 -21.43
CA ALA A 227 21.79 -13.50 -21.24
C ALA A 227 20.58 -13.34 -20.33
N ASN A 228 20.75 -12.57 -19.24
CA ASN A 228 19.63 -12.20 -18.37
C ASN A 228 19.79 -10.72 -18.05
N PRO A 229 19.00 -9.85 -18.69
CA PRO A 229 19.18 -8.40 -18.49
C PRO A 229 18.78 -7.89 -17.12
N LEU A 230 18.18 -8.73 -16.28
CA LEU A 230 17.80 -8.34 -14.92
C LEU A 230 18.91 -8.59 -13.91
N THR A 231 20.10 -8.97 -14.35
CA THR A 231 21.24 -9.16 -13.46
C THR A 231 22.08 -7.89 -13.40
N TYR A 232 22.94 -7.83 -12.38
CA TYR A 232 23.71 -6.62 -12.10
C TYR A 232 24.71 -6.36 -13.22
N ASN A 233 24.70 -5.14 -13.76
CA ASN A 233 25.58 -4.75 -14.85
C ASN A 233 25.76 -3.24 -14.82
N PRO A 234 26.48 -2.72 -13.83
CA PRO A 234 26.60 -1.26 -13.68
C PRO A 234 27.44 -0.65 -14.79
N ARG A 235 26.97 0.47 -15.32
CA ARG A 235 27.69 1.18 -16.37
C ARG A 235 27.14 2.60 -16.49
N CYS A 236 27.89 3.43 -17.20
CA CYS A 236 27.49 4.80 -17.47
C CYS A 236 26.29 4.84 -18.42
N MET A 237 25.62 5.99 -18.44
CA MET A 237 24.60 6.25 -19.46
C MET A 237 25.26 6.90 -20.65
N LYS A 238 25.02 6.33 -21.83
CA LYS A 238 25.58 6.84 -23.08
C LYS A 238 24.52 7.58 -23.86
N ARG A 239 24.96 8.58 -24.63
CA ARG A 239 24.06 9.39 -25.42
C ARG A 239 24.74 9.78 -26.73
N SER A 240 23.90 9.98 -27.76
CA SER A 240 24.36 10.44 -29.08
C SER A 240 23.18 11.20 -29.69
N LEU A 241 23.07 12.48 -29.34
CA LEU A 241 21.95 13.30 -29.78
C LEU A 241 21.94 13.39 -31.31
N THR A 242 20.75 13.22 -31.88
CA THR A 242 20.58 13.12 -33.33
C THR A 242 19.42 14.03 -33.75
N THR A 243 19.76 15.25 -34.17
CA THR A 243 18.74 16.22 -34.56
C THR A 243 17.97 15.74 -35.79
N GLU A 244 18.65 15.06 -36.71
CA GLU A 244 18.01 14.63 -37.96
C GLU A 244 16.85 13.67 -37.69
N ILE A 245 16.97 12.83 -36.66
CA ILE A 245 15.89 11.92 -36.33
C ILE A 245 14.65 12.68 -35.89
N LEU A 246 14.84 13.72 -35.07
CA LEU A 246 13.71 14.59 -34.72
C LEU A 246 13.17 15.32 -35.94
N GLN A 247 14.06 15.69 -36.87
CA GLN A 247 13.62 16.37 -38.09
C GLN A 247 12.75 15.47 -38.94
N ARG A 248 13.02 14.16 -38.95
CA ARG A 248 12.27 13.25 -39.81
C ARG A 248 10.89 12.93 -39.22
N TYR A 249 10.79 12.82 -37.90
CA TYR A 249 9.58 12.29 -37.28
C TYR A 249 8.97 13.13 -36.17
N ASN A 250 9.60 14.23 -35.74
CA ASN A 250 9.13 14.93 -34.55
C ASN A 250 9.04 16.44 -34.74
N THR A 251 8.83 16.90 -35.97
CA THR A 251 8.55 18.30 -36.16
C THR A 251 7.09 18.60 -35.85
N PHE A 252 6.78 19.89 -35.70
CA PHE A 252 5.40 20.29 -35.44
C PHE A 252 4.43 19.81 -36.52
N PRO A 253 4.76 19.84 -37.82
CA PRO A 253 3.86 19.20 -38.79
C PRO A 253 3.63 17.72 -38.52
N LYS A 254 4.65 17.00 -38.06
CA LYS A 254 4.49 15.57 -37.79
C LYS A 254 3.61 15.32 -36.57
N ILE A 255 3.61 16.23 -35.60
CA ILE A 255 2.81 16.04 -34.40
C ILE A 255 1.35 16.36 -34.66
N VAL A 256 1.08 17.52 -35.29
CA VAL A 256 -0.29 17.88 -35.62
C VAL A 256 -0.89 16.91 -36.62
N GLU A 257 -0.05 16.36 -37.51
CA GLU A 257 -0.53 15.34 -38.46
C GLU A 257 -1.02 14.10 -37.72
N LEU A 258 -0.29 13.68 -36.68
CA LEU A 258 -0.69 12.50 -35.92
C LEU A 258 -2.04 12.72 -35.25
N ILE A 259 -2.30 13.93 -34.76
CA ILE A 259 -3.53 14.21 -34.04
C ILE A 259 -4.72 14.33 -35.00
N LEU A 260 -4.54 15.08 -36.09
CA LEU A 260 -5.67 15.43 -36.94
C LEU A 260 -6.02 14.34 -37.94
N ASP A 261 -5.03 13.58 -38.43
CA ASP A 261 -5.27 12.59 -39.46
C ASP A 261 -5.60 11.21 -38.91
N SER A 262 -5.46 10.99 -37.62
CA SER A 262 -5.81 9.71 -37.00
C SER A 262 -7.29 9.72 -36.65
N ASP A 263 -8.05 8.79 -37.24
CA ASP A 263 -9.50 8.80 -37.12
C ASP A 263 -10.03 7.87 -36.04
N ASP A 264 -9.22 6.93 -35.54
CA ASP A 264 -9.62 6.08 -34.43
C ASP A 264 -8.38 5.70 -33.63
N ILE A 265 -8.60 4.97 -32.53
CA ILE A 265 -7.51 4.68 -31.61
C ILE A 265 -6.47 3.77 -32.26
N TRP A 266 -6.88 2.86 -33.16
CA TRP A 266 -5.92 2.00 -33.82
C TRP A 266 -4.99 2.80 -34.71
N ASP A 267 -5.56 3.68 -35.56
CA ASP A 267 -4.73 4.55 -36.40
C ASP A 267 -3.82 5.42 -35.55
N PHE A 268 -4.36 5.98 -34.46
CA PHE A 268 -3.60 6.89 -33.62
C PHE A 268 -2.39 6.20 -32.99
N GLN A 269 -2.64 5.10 -32.27
CA GLN A 269 -1.55 4.44 -31.56
C GLN A 269 -0.58 3.72 -32.49
N MET A 270 -1.01 3.38 -33.71
CA MET A 270 -0.08 2.79 -34.67
C MET A 270 0.79 3.86 -35.32
N THR A 271 0.17 4.96 -35.74
CA THR A 271 0.93 6.08 -36.30
C THR A 271 1.87 6.67 -35.26
N MET A 272 1.47 6.67 -33.99
CA MET A 272 2.34 7.19 -32.93
C MET A 272 3.58 6.34 -32.77
N GLN A 273 3.44 5.01 -32.85
CA GLN A 273 4.56 4.12 -32.62
C GLN A 273 5.34 3.77 -33.87
N GLY A 274 4.74 3.92 -35.05
CA GLY A 274 5.40 3.56 -36.28
C GLY A 274 4.72 2.41 -37.00
N VAL A 275 4.21 2.67 -38.19
CA VAL A 275 3.49 1.64 -38.96
C VAL A 275 4.51 0.82 -39.74
N PRO A 276 4.45 -0.52 -39.65
CA PRO A 276 5.44 -1.34 -40.38
C PRO A 276 5.27 -1.22 -41.88
N GLY A 277 6.40 -1.07 -42.56
CA GLY A 277 6.40 -0.95 -44.01
C GLY A 277 6.24 0.46 -44.53
N SER A 278 6.46 1.47 -43.70
CA SER A 278 6.35 2.86 -44.12
C SER A 278 7.65 3.64 -43.99
N GLY A 279 8.66 3.10 -43.32
CA GLY A 279 9.91 3.81 -43.11
C GLY A 279 9.89 4.79 -41.96
N SER A 280 8.75 5.00 -41.33
CA SER A 280 8.64 5.89 -40.18
C SER A 280 8.65 5.07 -38.89
N ILE A 281 9.08 5.70 -37.80
CA ILE A 281 8.99 5.13 -36.48
C ILE A 281 8.07 5.94 -35.57
N GLY A 282 7.27 6.83 -36.15
CA GLY A 282 6.35 7.64 -35.37
C GLY A 282 7.08 8.67 -34.50
N VAL A 283 6.27 9.47 -33.80
CA VAL A 283 6.84 10.42 -32.86
C VAL A 283 7.38 9.68 -31.63
N HIS A 284 6.78 8.54 -31.29
CA HIS A 284 7.25 7.77 -30.14
C HIS A 284 8.64 7.19 -30.41
N GLY A 285 8.82 6.54 -31.56
CA GLY A 285 10.12 6.02 -31.92
C GLY A 285 11.15 7.12 -32.16
N GLY A 286 10.70 8.22 -32.77
CA GLY A 286 11.63 9.33 -33.02
C GLY A 286 12.16 9.94 -31.75
N GLY A 287 11.33 10.02 -30.72
CA GLY A 287 11.78 10.60 -29.46
C GLY A 287 12.77 9.72 -28.72
N HIS A 288 12.60 8.40 -28.81
CA HIS A 288 13.51 7.49 -28.12
C HIS A 288 14.88 7.46 -28.77
N TYR A 289 14.92 7.27 -30.09
CA TYR A 289 16.19 7.05 -30.78
C TYR A 289 16.95 8.34 -31.05
N SER A 290 16.31 9.51 -30.90
CA SER A 290 17.05 10.76 -31.05
C SER A 290 18.03 10.99 -29.92
N MET A 291 17.87 10.30 -28.79
CA MET A 291 18.85 10.38 -27.71
C MET A 291 20.11 9.57 -28.02
N GLY A 292 19.95 8.46 -28.73
CA GLY A 292 21.08 7.60 -29.05
C GLY A 292 21.63 6.88 -27.83
N GLY A 293 22.73 6.17 -28.06
CA GLY A 293 23.46 5.55 -26.97
C GLY A 293 22.73 4.40 -26.30
N ASP A 294 22.99 4.26 -25.00
CA ASP A 294 22.55 3.15 -24.17
C ASP A 294 22.07 3.74 -22.84
N PRO A 295 20.81 3.49 -22.43
CA PRO A 295 19.82 2.58 -23.00
C PRO A 295 18.85 3.23 -24.01
N GLY A 296 19.21 4.39 -24.55
CA GLY A 296 18.32 5.08 -25.46
C GLY A 296 17.88 4.24 -26.65
N ARG A 297 18.75 3.33 -27.10
CA ARG A 297 18.46 2.48 -28.25
C ARG A 297 18.04 1.07 -27.84
N ASP A 298 17.61 0.89 -26.60
CA ASP A 298 17.09 -0.39 -26.11
C ASP A 298 15.61 -0.23 -25.82
N VAL A 299 14.79 -1.03 -26.50
CA VAL A 299 13.34 -0.93 -26.32
C VAL A 299 12.92 -1.36 -24.93
N TYR A 300 13.65 -2.29 -24.31
CA TYR A 300 13.30 -2.78 -22.98
C TYR A 300 13.77 -1.82 -21.88
N VAL A 301 15.02 -1.37 -21.96
CA VAL A 301 15.68 -0.67 -20.86
C VAL A 301 15.57 0.84 -21.04
N SER A 302 14.75 1.29 -21.99
CA SER A 302 14.68 2.72 -22.29
C SER A 302 14.34 3.61 -21.10
N PRO A 303 13.55 3.21 -20.10
CA PRO A 303 13.38 4.07 -18.91
C PRO A 303 14.67 4.34 -18.17
N GLY A 304 15.74 3.59 -18.44
CA GLY A 304 17.02 3.86 -17.82
C GLY A 304 17.60 5.22 -18.19
N ASP A 305 17.17 5.79 -19.31
CA ASP A 305 17.52 7.17 -19.64
C ASP A 305 16.56 8.11 -18.93
N THR A 306 17.11 9.14 -18.28
CA THR A 306 16.30 10.01 -17.44
C THR A 306 15.36 10.90 -18.24
N ALA A 307 15.59 11.06 -19.54
CA ALA A 307 14.68 11.83 -20.38
C ALA A 307 13.42 11.04 -20.75
N PHE A 308 13.38 9.75 -20.43
CA PHE A 308 12.23 8.92 -20.73
C PHE A 308 10.95 9.51 -20.15
N TRP A 309 11.02 10.04 -18.93
CA TRP A 309 9.81 10.49 -18.24
C TRP A 309 9.26 11.77 -18.86
N LEU A 310 10.14 12.70 -19.24
CA LEU A 310 9.67 13.88 -19.96
C LEU A 310 9.24 13.52 -21.38
N HIS A 311 9.86 12.51 -21.98
CA HIS A 311 9.43 12.05 -23.30
C HIS A 311 8.02 11.50 -23.24
N HIS A 312 7.70 10.70 -22.21
CA HIS A 312 6.38 10.10 -22.12
C HIS A 312 5.35 11.02 -21.47
N GLY A 313 5.77 12.14 -20.88
CA GLY A 313 4.81 13.18 -20.54
C GLY A 313 4.18 13.78 -21.77
N MET A 314 4.98 13.93 -22.84
CA MET A 314 4.47 14.49 -24.10
C MET A 314 3.67 13.46 -24.89
N ILE A 315 4.08 12.18 -24.84
CA ILE A 315 3.28 11.12 -25.44
C ILE A 315 1.88 11.12 -24.83
N ASP A 316 1.80 11.23 -23.51
CA ASP A 316 0.52 11.27 -22.83
C ASP A 316 -0.26 12.52 -23.22
N ARG A 317 0.43 13.66 -23.36
CA ARG A 317 -0.24 14.90 -23.72
C ARG A 317 -0.89 14.80 -25.10
N VAL A 318 -0.19 14.19 -26.06
CA VAL A 318 -0.73 14.07 -27.40
C VAL A 318 -1.97 13.18 -27.41
N TRP A 319 -1.94 12.09 -26.65
CA TRP A 319 -3.13 11.25 -26.51
C TRP A 319 -4.26 12.03 -25.85
N TRP A 320 -3.95 12.84 -24.84
CA TRP A 320 -4.96 13.63 -24.15
C TRP A 320 -5.62 14.63 -25.09
N ILE A 321 -4.82 15.30 -25.94
CA ILE A 321 -5.39 16.23 -26.92
C ILE A 321 -6.28 15.48 -27.90
N TRP A 322 -5.78 14.35 -28.42
CA TRP A 322 -6.55 13.57 -29.37
C TRP A 322 -7.85 13.07 -28.74
N GLN A 323 -7.80 12.68 -27.47
CA GLN A 323 -9.01 12.24 -26.77
C GLN A 323 -10.06 13.34 -26.72
N ASN A 324 -9.64 14.56 -26.40
CA ASN A 324 -10.58 15.64 -26.14
C ASN A 324 -11.18 16.26 -27.39
N LEU A 325 -10.73 15.88 -28.58
CA LEU A 325 -11.32 16.40 -29.80
C LEU A 325 -12.65 15.76 -30.14
N ASP A 326 -12.92 14.58 -29.56
CA ASP A 326 -14.21 13.90 -29.71
C ASP A 326 -14.40 13.00 -28.49
N LEU A 327 -14.70 13.61 -27.35
CA LEU A 327 -14.68 12.90 -26.07
C LEU A 327 -15.68 11.74 -26.06
N ARG A 328 -16.86 11.95 -26.66
CA ARG A 328 -17.90 10.92 -26.61
C ARG A 328 -17.47 9.64 -27.32
N LYS A 329 -16.59 9.75 -28.32
CA LYS A 329 -16.15 8.60 -29.09
C LYS A 329 -14.75 8.13 -28.73
N ARG A 330 -13.92 8.98 -28.12
CA ARG A 330 -12.51 8.68 -27.92
C ARG A 330 -12.11 8.51 -26.46
N GLN A 331 -12.99 8.82 -25.51
CA GLN A 331 -12.60 8.80 -24.11
C GLN A 331 -12.18 7.39 -23.67
N ASN A 332 -12.98 6.38 -24.03
CA ASN A 332 -12.74 5.01 -23.58
C ASN A 332 -12.45 4.08 -24.75
N ALA A 333 -11.86 4.61 -25.81
CA ALA A 333 -11.61 3.82 -27.02
C ALA A 333 -10.35 2.97 -26.88
N ILE A 334 -10.43 1.73 -27.33
CA ILE A 334 -9.35 0.75 -27.21
C ILE A 334 -9.31 -0.10 -28.47
N SER A 335 -8.11 -0.45 -28.92
CA SER A 335 -7.94 -1.39 -30.01
C SER A 335 -6.59 -2.10 -29.86
N GLY A 336 -6.56 -3.38 -30.17
CA GLY A 336 -5.37 -4.20 -30.07
C GLY A 336 -5.59 -5.37 -29.13
N THR A 337 -4.50 -6.09 -28.88
CA THR A 337 -4.51 -7.26 -28.03
C THR A 337 -3.50 -7.09 -26.89
N GLY A 338 -3.22 -8.19 -26.19
CA GLY A 338 -2.28 -8.20 -25.09
C GLY A 338 -0.87 -8.59 -25.44
N THR A 339 -0.56 -8.83 -26.71
CA THR A 339 0.77 -9.21 -27.14
C THR A 339 1.29 -8.25 -28.19
N PHE A 340 2.61 -8.06 -28.18
CA PHE A 340 3.33 -7.23 -29.15
C PHE A 340 2.91 -7.54 -30.58
N MET A 341 2.16 -6.62 -31.20
CA MET A 341 1.70 -6.76 -32.58
C MET A 341 0.92 -8.06 -32.79
N ASN A 342 0.26 -8.54 -31.74
CA ASN A 342 -0.53 -9.78 -31.77
C ASN A 342 0.31 -10.98 -32.17
N ASN A 343 1.58 -10.99 -31.78
CA ASN A 343 2.48 -12.11 -32.04
C ASN A 343 3.04 -12.62 -30.72
N PRO A 344 2.62 -13.79 -30.21
CA PRO A 344 1.56 -14.65 -30.75
C PRO A 344 0.17 -14.10 -30.44
N ALA A 345 -0.87 -14.66 -31.06
CA ALA A 345 -2.21 -14.13 -30.91
C ALA A 345 -2.66 -14.22 -29.46
N SER A 346 -3.54 -13.29 -29.08
CA SER A 346 -4.04 -13.18 -27.71
C SER A 346 -5.40 -12.50 -27.76
N PRO A 347 -6.18 -12.59 -26.68
CA PRO A 347 -7.49 -11.92 -26.66
C PRO A 347 -7.35 -10.41 -26.77
N ASN A 348 -8.45 -9.79 -27.21
CA ASN A 348 -8.51 -8.34 -27.34
C ASN A 348 -8.41 -7.67 -25.97
N THR A 349 -7.79 -6.48 -25.96
CA THR A 349 -7.81 -5.65 -24.77
C THR A 349 -9.22 -5.09 -24.57
N THR A 350 -9.72 -5.16 -23.34
CA THR A 350 -11.03 -4.63 -22.99
C THR A 350 -10.89 -3.65 -21.83
N LEU A 351 -12.00 -2.98 -21.51
CA LEU A 351 -12.01 -2.07 -20.37
C LEU A 351 -11.71 -2.80 -19.06
N ASP A 352 -11.91 -4.11 -19.02
CA ASP A 352 -11.67 -4.91 -17.82
C ASP A 352 -10.26 -5.48 -17.74
N THR A 353 -9.43 -5.25 -18.76
CA THR A 353 -8.05 -5.73 -18.71
C THR A 353 -7.30 -5.04 -17.58
N VAL A 354 -6.50 -5.81 -16.85
CA VAL A 354 -5.82 -5.35 -15.64
C VAL A 354 -4.32 -5.32 -15.88
N ILE A 355 -3.68 -4.24 -15.44
CA ILE A 355 -2.22 -4.09 -15.52
C ILE A 355 -1.69 -3.76 -14.14
N ASP A 356 -0.40 -4.06 -13.94
CA ASP A 356 0.32 -3.64 -12.75
C ASP A 356 1.74 -3.28 -13.14
N LEU A 357 2.47 -2.69 -12.20
CA LEU A 357 3.85 -2.27 -12.40
C LEU A 357 4.81 -3.09 -11.55
N GLY A 358 4.50 -4.36 -11.36
CA GLY A 358 5.36 -5.23 -10.55
C GLY A 358 5.50 -4.66 -9.15
N TYR A 359 6.75 -4.43 -8.75
CA TYR A 359 7.08 -3.83 -7.46
C TYR A 359 7.50 -2.36 -7.58
N ALA A 360 7.30 -1.75 -8.74
CA ALA A 360 7.69 -0.35 -8.92
C ALA A 360 6.90 0.55 -7.98
N ASN A 361 5.58 0.51 -8.09
CA ASN A 361 4.70 1.26 -7.19
C ASN A 361 3.26 0.86 -7.46
N GLY A 362 2.42 1.00 -6.43
CA GLY A 362 1.01 0.77 -6.57
C GLY A 362 0.66 -0.70 -6.79
N GLY A 363 -0.63 -0.92 -7.06
CA GLY A 363 -1.13 -2.25 -7.29
C GLY A 363 -1.77 -2.40 -8.65
N PRO A 364 -2.49 -3.51 -8.85
CA PRO A 364 -3.18 -3.72 -10.14
C PRO A 364 -4.31 -2.73 -10.33
N ILE A 365 -4.65 -2.51 -11.60
CA ILE A 365 -5.67 -1.52 -11.96
C ILE A 365 -6.20 -1.90 -13.33
N ALA A 366 -7.50 -1.64 -13.54
CA ALA A 366 -8.16 -1.99 -14.79
C ALA A 366 -8.12 -0.81 -15.77
N MET A 367 -8.32 -1.14 -17.05
CA MET A 367 -8.24 -0.13 -18.10
C MET A 367 -9.31 0.93 -17.96
N ARG A 368 -10.49 0.57 -17.44
CA ARG A 368 -11.58 1.54 -17.30
C ARG A 368 -11.17 2.70 -16.40
N ASP A 369 -10.33 2.44 -15.40
CA ASP A 369 -9.89 3.47 -14.47
C ASP A 369 -8.72 4.29 -15.00
N LEU A 370 -8.26 4.04 -16.24
CA LEU A 370 -7.08 4.70 -16.77
C LEU A 370 -7.33 5.56 -18.00
N MET A 371 -8.56 5.57 -18.53
CA MET A 371 -8.79 6.20 -19.83
C MET A 371 -8.90 7.71 -19.76
N SER A 372 -9.14 8.28 -18.57
CA SER A 372 -9.31 9.72 -18.42
C SER A 372 -8.30 10.28 -17.44
N THR A 373 -7.73 11.44 -17.76
CA THR A 373 -6.85 12.13 -16.84
C THR A 373 -7.58 12.80 -15.69
N THR A 374 -8.92 12.74 -15.68
CA THR A 374 -9.71 13.33 -14.59
C THR A 374 -10.62 12.30 -13.94
N ALA A 375 -10.32 11.01 -14.09
CA ALA A 375 -11.07 9.95 -13.44
C ALA A 375 -10.08 8.90 -12.93
N GLY A 376 -10.61 7.92 -12.20
CA GLY A 376 -9.78 6.93 -11.56
C GLY A 376 -8.87 7.57 -10.53
N PRO A 377 -7.58 7.21 -10.56
CA PRO A 377 -6.60 7.88 -9.69
C PRO A 377 -6.08 9.19 -10.24
N PHE A 378 -6.56 9.63 -11.40
CA PHE A 378 -6.02 10.78 -12.10
C PHE A 378 -6.88 12.02 -11.87
N CYS A 379 -6.21 13.18 -11.83
CA CYS A 379 -6.88 14.47 -11.90
C CYS A 379 -5.86 15.52 -12.35
N TYR A 380 -5.51 15.51 -13.63
CA TYR A 380 -4.49 16.41 -14.14
C TYR A 380 -4.83 16.84 -15.56
N VAL A 381 -4.27 17.99 -15.94
CA VAL A 381 -4.36 18.53 -17.30
C VAL A 381 -2.96 18.94 -17.73
N TYR A 382 -2.85 19.32 -19.00
CA TYR A 382 -1.57 19.74 -19.57
C TYR A 382 -1.63 21.22 -19.96
N LEU A 383 -0.54 21.92 -19.71
CA LEU A 383 -0.32 23.24 -20.28
C LEU A 383 0.39 23.08 -21.62
N THR B 5 25.53 -17.59 17.77
CA THR B 5 24.42 -18.48 18.05
C THR B 5 23.08 -17.75 17.99
N LEU B 6 23.04 -16.57 18.60
CA LEU B 6 21.85 -15.72 18.58
C LEU B 6 22.28 -14.30 18.23
N PRO B 7 21.62 -13.64 17.29
CA PRO B 7 22.01 -12.29 16.92
C PRO B 7 21.92 -11.34 18.09
N THR B 8 22.79 -10.34 18.09
CA THR B 8 22.83 -9.34 19.14
C THR B 8 22.68 -7.92 18.60
N THR B 9 23.10 -7.67 17.36
CA THR B 9 22.86 -6.41 16.68
C THR B 9 21.99 -6.67 15.46
N ALA B 10 21.00 -5.80 15.25
CA ALA B 10 20.10 -5.95 14.12
C ALA B 10 20.80 -5.52 12.84
N SER B 11 20.78 -6.39 11.84
CA SER B 11 21.46 -6.14 10.58
C SER B 11 20.75 -5.01 9.83
N SER B 12 21.17 -4.77 8.58
CA SER B 12 20.53 -3.78 7.74
C SER B 12 19.96 -4.35 6.45
N SER B 13 20.24 -5.62 6.13
CA SER B 13 19.68 -6.26 4.95
C SER B 13 18.37 -6.95 5.31
N THR B 14 17.33 -6.74 4.49
CA THR B 14 16.04 -7.33 4.79
C THR B 14 16.05 -8.85 4.68
N ALA B 15 16.99 -9.43 3.93
CA ALA B 15 17.12 -10.88 3.90
C ALA B 15 17.84 -11.40 5.14
N VAL B 16 18.93 -10.72 5.54
CA VAL B 16 19.66 -11.13 6.73
C VAL B 16 18.79 -10.96 7.97
N ALA B 17 18.04 -9.85 8.04
CA ALA B 17 17.17 -9.63 9.20
C ALA B 17 16.01 -10.61 9.23
N SER B 18 15.55 -11.07 8.07
CA SER B 18 14.46 -12.06 8.04
C SER B 18 14.88 -13.32 8.78
N SER B 19 16.07 -13.84 8.47
CA SER B 19 16.55 -15.03 9.15
C SER B 19 16.93 -14.73 10.60
N GLN B 20 17.37 -13.50 10.89
CA GLN B 20 17.61 -13.10 12.27
C GLN B 20 16.37 -13.28 13.12
N LEU B 21 15.25 -12.70 12.67
CA LEU B 21 13.99 -12.82 13.39
C LEU B 21 13.55 -14.27 13.53
N ASP B 22 13.85 -15.11 12.54
CA ASP B 22 13.40 -16.50 12.57
C ASP B 22 14.23 -17.35 13.53
N GLN B 23 15.50 -16.98 13.75
CA GLN B 23 16.26 -17.61 14.83
C GLN B 23 15.74 -17.16 16.19
N LEU B 24 15.39 -15.89 16.31
CA LEU B 24 14.82 -15.38 17.56
C LEU B 24 13.47 -16.04 17.85
N ALA B 25 12.62 -16.15 16.83
CA ALA B 25 11.31 -16.76 17.03
C ALA B 25 11.43 -18.25 17.31
N ASN B 26 12.40 -18.93 16.69
CA ASN B 26 12.61 -20.34 16.98
C ASN B 26 13.21 -20.56 18.35
N PHE B 27 14.07 -19.64 18.81
CA PHE B 27 14.57 -19.71 20.17
C PHE B 27 13.45 -19.55 21.18
N ALA B 28 12.50 -18.65 20.90
CA ALA B 28 11.39 -18.43 21.82
C ALA B 28 10.42 -19.60 21.81
N TYR B 29 10.21 -20.22 20.64
CA TYR B 29 9.41 -21.44 20.58
C TYR B 29 10.03 -22.54 21.42
N ASN B 30 11.35 -22.70 21.34
CA ASN B 30 12.05 -23.69 22.13
C ASN B 30 11.86 -23.43 23.63
N VAL B 31 12.10 -22.19 24.05
CA VAL B 31 12.02 -21.86 25.47
C VAL B 31 10.63 -22.13 26.01
N THR B 32 9.60 -21.87 25.22
CA THR B 32 8.23 -22.00 25.70
C THR B 32 7.80 -23.47 25.78
N THR B 33 8.05 -24.25 24.73
CA THR B 33 7.70 -25.67 24.77
C THR B 33 8.50 -26.41 25.83
N ASP B 34 9.70 -25.91 26.15
CA ASP B 34 10.47 -26.47 27.27
C ASP B 34 9.84 -26.08 28.60
N SER B 35 9.34 -24.84 28.71
CA SER B 35 8.77 -24.35 29.95
C SER B 35 7.64 -25.24 30.44
N VAL B 36 6.91 -25.87 29.51
CA VAL B 36 5.97 -26.93 29.87
C VAL B 36 6.79 -28.22 30.03
N ALA B 37 7.42 -28.37 31.19
CA ALA B 37 8.28 -29.51 31.45
C ALA B 37 7.48 -30.81 31.56
N GLY B 46 -2.43 -26.32 33.90
CA GLY B 46 -3.35 -26.93 32.95
C GLY B 46 -2.81 -26.95 31.55
N CYS B 47 -1.96 -25.96 31.23
CA CYS B 47 -1.32 -25.90 29.92
C CYS B 47 -0.32 -27.04 29.77
N THR B 48 -0.53 -27.89 28.78
CA THR B 48 0.35 -29.03 28.54
C THR B 48 0.88 -28.98 27.11
N LEU B 49 1.92 -29.79 26.87
CA LEU B 49 2.42 -29.99 25.52
C LEU B 49 1.35 -30.59 24.61
N GLN B 50 0.33 -31.21 25.18
CA GLN B 50 -0.71 -31.88 24.39
C GLN B 50 -1.86 -30.97 24.00
N ASN B 51 -2.14 -29.93 24.79
CA ASN B 51 -3.23 -29.01 24.49
C ASN B 51 -2.73 -27.63 24.07
N LEU B 52 -1.46 -27.50 23.72
CA LEU B 52 -0.89 -26.21 23.36
C LEU B 52 -1.35 -25.80 21.96
N ARG B 53 -1.86 -24.58 21.85
CA ARG B 53 -2.27 -24.04 20.56
C ARG B 53 -1.10 -23.34 19.88
N VAL B 54 -1.10 -23.37 18.55
CA VAL B 54 -0.07 -22.73 17.74
C VAL B 54 -0.72 -21.65 16.91
N ARG B 55 -0.11 -20.46 16.89
CA ARG B 55 -0.56 -19.35 16.07
C ARG B 55 0.35 -19.22 14.87
N ARG B 56 -0.24 -19.06 13.69
CA ARG B 56 0.47 -19.20 12.43
C ARG B 56 0.41 -17.93 11.60
N ASP B 57 1.43 -17.76 10.77
CA ASP B 57 1.43 -16.70 9.77
C ASP B 57 0.24 -16.90 8.82
N TRP B 58 -0.38 -15.78 8.44
CA TRP B 58 -1.51 -15.83 7.50
C TRP B 58 -1.11 -16.49 6.19
N ARG B 59 0.16 -16.34 5.79
CA ARG B 59 0.65 -16.96 4.56
C ARG B 59 0.71 -18.48 4.66
N ALA B 60 0.77 -19.02 5.88
CA ALA B 60 0.80 -20.47 6.06
C ALA B 60 -0.58 -21.11 6.01
N PHE B 61 -1.64 -20.30 6.01
CA PHE B 61 -2.99 -20.84 5.94
C PHE B 61 -3.30 -21.32 4.53
N SER B 62 -3.88 -22.51 4.42
CA SER B 62 -4.38 -22.96 3.14
C SER B 62 -5.58 -22.10 2.73
N LYS B 63 -6.00 -22.25 1.48
CA LYS B 63 -7.15 -21.49 0.99
C LYS B 63 -8.42 -21.85 1.76
N THR B 64 -8.56 -23.13 2.14
CA THR B 64 -9.71 -23.54 2.93
C THR B 64 -9.66 -22.96 4.34
N GLN B 65 -8.48 -22.93 4.94
CA GLN B 65 -8.35 -22.41 6.30
C GLN B 65 -8.57 -20.91 6.35
N LYS B 66 -8.16 -20.18 5.31
CA LYS B 66 -8.44 -18.75 5.25
C LYS B 66 -9.93 -18.48 5.26
N LYS B 67 -10.69 -19.19 4.43
CA LYS B 67 -12.13 -18.99 4.36
C LYS B 67 -12.80 -19.34 5.69
N ASP B 68 -12.34 -20.41 6.34
CA ASP B 68 -12.91 -20.78 7.63
C ASP B 68 -12.79 -19.65 8.64
N TYR B 69 -11.63 -18.98 8.68
CA TYR B 69 -11.45 -17.86 9.59
C TYR B 69 -12.28 -16.66 9.16
N ILE B 70 -12.30 -16.37 7.86
CA ILE B 70 -13.06 -15.22 7.36
C ILE B 70 -14.55 -15.41 7.63
N ASN B 71 -15.05 -16.63 7.40
CA ASN B 71 -16.46 -16.89 7.63
C ASN B 71 -16.83 -16.79 9.11
N SER B 72 -15.89 -17.12 10.00
CA SER B 72 -16.16 -16.98 11.43
C SER B 72 -16.23 -15.51 11.83
N VAL B 73 -15.32 -14.68 11.29
CA VAL B 73 -15.39 -13.24 11.56
C VAL B 73 -16.67 -12.65 10.99
N LEU B 74 -17.10 -13.15 9.82
CA LEU B 74 -18.35 -12.68 9.23
C LEU B 74 -19.55 -13.08 10.10
N CYS B 75 -19.50 -14.28 10.69
CA CYS B 75 -20.59 -14.70 11.56
C CYS B 75 -20.65 -13.83 12.82
N LEU B 76 -19.49 -13.42 13.34
CA LEU B 76 -19.48 -12.46 14.44
C LEU B 76 -20.14 -11.16 14.05
N GLN B 77 -20.09 -10.79 12.78
CA GLN B 77 -20.68 -9.56 12.28
C GLN B 77 -22.15 -9.71 11.91
N LYS B 78 -22.75 -10.87 12.20
CA LYS B 78 -24.18 -11.08 11.99
C LYS B 78 -24.94 -11.41 13.27
N LEU B 79 -24.26 -11.84 14.33
CA LEU B 79 -24.90 -12.15 15.59
C LEU B 79 -25.25 -10.88 16.35
N PRO B 80 -26.32 -10.89 17.14
CA PRO B 80 -26.72 -9.66 17.85
C PRO B 80 -25.78 -9.33 19.00
N SER B 81 -25.59 -8.03 19.21
CA SER B 81 -24.67 -7.56 20.24
C SER B 81 -25.20 -7.89 21.63
N ARG B 82 -24.28 -7.88 22.60
CA ARG B 82 -24.62 -8.07 24.01
C ARG B 82 -24.65 -6.77 24.80
N THR B 83 -24.09 -5.69 24.27
CA THR B 83 -23.96 -4.48 25.05
C THR B 83 -25.33 -3.89 25.36
N PRO B 84 -25.57 -3.45 26.59
CA PRO B 84 -26.80 -2.70 26.89
C PRO B 84 -26.94 -1.51 25.95
N ALA B 85 -28.14 -1.35 25.40
CA ALA B 85 -28.36 -0.39 24.33
C ALA B 85 -28.14 1.05 24.78
N HIS B 86 -28.24 1.34 26.07
CA HIS B 86 -28.06 2.70 26.56
C HIS B 86 -26.60 3.05 26.85
N LEU B 87 -25.71 2.07 26.88
CA LEU B 87 -24.28 2.33 27.01
C LEU B 87 -23.59 2.48 25.67
N ALA B 88 -24.13 1.84 24.63
CA ALA B 88 -23.61 1.99 23.27
C ALA B 88 -24.79 1.87 22.32
N PRO B 89 -25.49 2.98 22.04
CA PRO B 89 -26.68 2.90 21.18
C PRO B 89 -26.39 2.43 19.77
N GLY B 90 -25.17 2.62 19.28
CA GLY B 90 -24.82 2.22 17.93
C GLY B 90 -24.43 0.77 17.77
N ALA B 91 -24.31 0.03 18.86
CA ALA B 91 -23.93 -1.38 18.77
C ALA B 91 -25.07 -2.19 18.17
N ARG B 92 -24.72 -3.06 17.25
CA ARG B 92 -25.69 -3.95 16.59
C ARG B 92 -25.22 -5.40 16.57
N THR B 93 -23.96 -5.65 16.29
CA THR B 93 -23.41 -6.99 16.20
C THR B 93 -22.47 -7.26 17.37
N ARG B 94 -22.16 -8.54 17.58
CA ARG B 94 -21.16 -8.87 18.59
C ARG B 94 -19.76 -8.44 18.16
N TYR B 95 -19.57 -8.16 16.87
CA TYR B 95 -18.35 -7.47 16.46
C TYR B 95 -18.33 -6.04 16.99
N ASP B 96 -19.49 -5.37 17.01
CA ASP B 96 -19.56 -4.04 17.57
C ASP B 96 -19.25 -4.03 19.06
N ASP B 97 -19.49 -5.14 19.75
CA ASP B 97 -19.18 -5.22 21.18
C ASP B 97 -17.69 -5.05 21.42
N PHE B 98 -16.86 -5.60 20.54
CA PHE B 98 -15.41 -5.48 20.70
C PHE B 98 -14.93 -4.08 20.32
N VAL B 99 -15.52 -3.50 19.28
CA VAL B 99 -15.16 -2.14 18.90
C VAL B 99 -15.64 -1.14 19.95
N ALA B 100 -16.79 -1.40 20.58
CA ALA B 100 -17.34 -0.47 21.55
C ALA B 100 -16.45 -0.37 22.79
N THR B 101 -16.01 -1.51 23.32
CA THR B 101 -15.19 -1.47 24.53
C THR B 101 -13.81 -0.90 24.25
N HIS B 102 -13.31 -1.04 23.01
CA HIS B 102 -12.03 -0.44 22.67
C HIS B 102 -12.13 1.08 22.57
N ILE B 103 -13.22 1.57 21.98
CA ILE B 103 -13.45 3.02 21.92
C ILE B 103 -13.56 3.60 23.32
N ASN B 104 -14.33 2.93 24.18
CA ASN B 104 -14.56 3.41 25.55
C ASN B 104 -13.29 3.45 26.38
N GLN B 105 -12.28 2.65 26.04
CA GLN B 105 -11.11 2.47 26.90
C GLN B 105 -9.80 2.91 26.26
N THR B 106 -9.84 3.59 25.12
CA THR B 106 -8.61 3.91 24.40
C THR B 106 -7.66 4.75 25.25
N GLN B 107 -8.20 5.64 26.08
CA GLN B 107 -7.36 6.57 26.83
C GLN B 107 -6.65 5.93 28.02
N ILE B 108 -6.95 4.67 28.36
CA ILE B 108 -6.28 3.99 29.46
C ILE B 108 -5.62 2.69 29.01
N ILE B 109 -5.60 2.41 27.71
CA ILE B 109 -4.97 1.20 27.20
C ILE B 109 -3.85 1.47 26.22
N HIS B 110 -3.61 2.73 25.83
CA HIS B 110 -2.52 3.07 24.94
C HIS B 110 -1.57 4.02 25.65
N TYR B 111 -0.26 3.78 25.45
CA TYR B 111 0.79 4.49 26.18
C TYR B 111 0.61 4.36 27.68
N THR B 112 0.09 3.22 28.12
CA THR B 112 -0.12 2.90 29.51
C THR B 112 0.70 1.67 29.88
N GLY B 113 0.85 1.42 31.17
CA GLY B 113 1.51 0.22 31.63
C GLY B 113 0.78 -1.06 31.31
N THR B 114 -0.44 -0.97 30.80
CA THR B 114 -1.27 -2.12 30.46
C THR B 114 -1.35 -2.38 28.97
N PHE B 115 -0.67 -1.56 28.15
CA PHE B 115 -0.86 -1.61 26.69
C PHE B 115 -0.68 -3.01 26.13
N LEU B 116 0.41 -3.68 26.52
CA LEU B 116 0.71 -4.99 25.93
C LEU B 116 -0.20 -6.07 26.49
N ALA B 117 -0.45 -6.06 27.80
CA ALA B 117 -1.26 -7.11 28.41
C ALA B 117 -2.72 -6.98 28.01
N TRP B 118 -3.24 -5.75 27.93
CA TRP B 118 -4.64 -5.55 27.57
C TRP B 118 -4.94 -6.10 26.19
N HIS B 119 -4.08 -5.80 25.21
CA HIS B 119 -4.33 -6.25 23.85
C HIS B 119 -4.10 -7.75 23.70
N ARG B 120 -3.19 -8.32 24.50
CA ARG B 120 -3.07 -9.78 24.53
C ARG B 120 -4.37 -10.43 24.97
N TYR B 121 -4.98 -9.90 26.03
CA TYR B 121 -6.29 -10.37 26.47
C TYR B 121 -7.36 -10.06 25.43
N PHE B 122 -7.30 -8.87 24.84
CA PHE B 122 -8.33 -8.43 23.90
C PHE B 122 -8.47 -9.38 22.72
N ILE B 123 -7.34 -9.79 22.14
CA ILE B 123 -7.41 -10.68 20.98
C ILE B 123 -7.70 -12.12 21.38
N TYR B 124 -7.37 -12.52 22.61
CA TYR B 124 -7.71 -13.87 23.06
C TYR B 124 -9.22 -14.02 23.22
N GLU B 125 -9.86 -13.03 23.85
CA GLU B 125 -11.32 -13.08 24.00
C GLU B 125 -12.03 -12.90 22.65
N PHE B 126 -11.38 -12.28 21.68
CA PHE B 126 -11.95 -12.23 20.34
C PHE B 126 -11.96 -13.62 19.70
N GLU B 127 -10.83 -14.32 19.78
CA GLU B 127 -10.77 -15.69 19.28
C GLU B 127 -11.68 -16.62 20.08
N GLN B 128 -11.85 -16.34 21.37
CA GLN B 128 -12.81 -17.10 22.17
C GLN B 128 -14.23 -16.95 21.61
N ALA B 129 -14.56 -15.76 21.13
CA ALA B 129 -15.87 -15.55 20.52
C ALA B 129 -15.99 -16.30 19.20
N LEU B 130 -14.88 -16.38 18.44
CA LEU B 130 -14.91 -17.12 17.18
C LEU B 130 -15.13 -18.62 17.42
N ARG B 131 -14.54 -19.15 18.50
CA ARG B 131 -14.60 -20.60 18.72
C ARG B 131 -15.95 -21.04 19.28
N ASP B 132 -16.56 -20.23 20.15
CA ASP B 132 -17.73 -20.65 20.91
C ASP B 132 -19.05 -20.19 20.30
N GLU B 133 -19.03 -19.29 19.32
CA GLU B 133 -20.26 -18.80 18.71
C GLU B 133 -20.32 -18.98 17.20
N CYS B 134 -19.19 -19.10 16.52
CA CYS B 134 -19.17 -19.26 15.07
C CYS B 134 -18.44 -20.53 14.64
N SER B 135 -18.26 -21.47 15.56
CA SER B 135 -17.76 -22.82 15.25
C SER B 135 -16.38 -22.77 14.58
N TYR B 136 -15.49 -21.95 15.13
CA TYR B 136 -14.13 -21.87 14.61
C TYR B 136 -13.23 -22.83 15.38
N THR B 137 -12.47 -23.64 14.65
CA THR B 137 -11.56 -24.61 15.25
C THR B 137 -10.15 -24.51 14.70
N GLY B 138 -9.84 -23.48 13.91
CA GLY B 138 -8.53 -23.31 13.33
C GLY B 138 -7.59 -22.54 14.24
N ASP B 139 -6.46 -22.15 13.68
CA ASP B 139 -5.43 -21.42 14.41
C ASP B 139 -5.66 -19.92 14.33
N TYR B 140 -5.08 -19.19 15.28
CA TYR B 140 -5.13 -17.74 15.26
C TYR B 140 -4.10 -17.20 14.28
N PRO B 141 -4.46 -16.26 13.41
CA PRO B 141 -3.51 -15.77 12.40
C PRO B 141 -2.82 -14.47 12.79
N TYR B 142 -1.58 -14.30 12.38
CA TYR B 142 -0.87 -13.05 12.52
C TYR B 142 -0.36 -12.58 11.17
N TRP B 143 -0.09 -11.29 11.07
CA TRP B 143 0.37 -10.65 9.83
C TRP B 143 1.81 -10.20 10.03
N ASN B 144 2.73 -10.86 9.34
CA ASN B 144 4.15 -10.52 9.38
C ASN B 144 4.36 -9.30 8.48
N TRP B 145 4.49 -8.12 9.08
CA TRP B 145 4.65 -6.89 8.30
C TRP B 145 5.90 -6.95 7.42
N GLY B 146 6.97 -7.57 7.94
CA GLY B 146 8.24 -7.52 7.24
C GLY B 146 8.20 -8.13 5.85
N ALA B 147 7.37 -9.17 5.66
CA ALA B 147 7.29 -9.83 4.37
C ALA B 147 6.41 -9.08 3.37
N ASP B 148 5.64 -8.09 3.80
CA ASP B 148 4.80 -7.31 2.92
C ASP B 148 5.29 -5.88 2.74
N ALA B 149 6.38 -5.50 3.41
CA ALA B 149 6.93 -4.15 3.26
C ALA B 149 7.45 -3.88 1.86
N ASP B 150 7.57 -4.91 1.01
CA ASP B 150 7.98 -4.69 -0.37
C ASP B 150 6.86 -4.10 -1.20
N ASN B 151 5.62 -4.52 -0.94
CA ASN B 151 4.47 -4.13 -1.75
C ASN B 151 3.18 -4.54 -1.06
N MET B 152 2.53 -3.60 -0.36
CA MET B 152 1.35 -3.93 0.41
C MET B 152 0.18 -4.37 -0.45
N GLU B 153 0.16 -3.97 -1.73
CA GLU B 153 -0.95 -4.34 -2.61
C GLU B 153 -0.95 -5.82 -2.97
N LYS B 154 0.21 -6.49 -2.91
CA LYS B 154 0.30 -7.90 -3.18
C LYS B 154 0.14 -8.76 -1.93
N SER B 155 -0.02 -8.14 -0.76
CA SER B 155 -0.13 -8.87 0.49
C SER B 155 -1.35 -9.79 0.47
N GLN B 156 -1.21 -10.96 1.11
CA GLN B 156 -2.33 -11.88 1.21
C GLN B 156 -3.40 -11.39 2.17
N VAL B 157 -3.05 -10.46 3.07
CA VAL B 157 -4.06 -9.86 3.94
C VAL B 157 -4.86 -8.81 3.18
N PHE B 158 -4.27 -8.18 2.16
CA PHE B 158 -4.84 -6.97 1.59
C PHE B 158 -4.96 -7.00 0.07
N ASP B 159 -4.92 -8.18 -0.57
CA ASP B 159 -4.98 -8.20 -2.02
C ASP B 159 -6.40 -8.11 -2.56
N GLY B 160 -7.41 -8.03 -1.69
CA GLY B 160 -8.78 -7.89 -2.13
C GLY B 160 -9.44 -9.15 -2.65
N SER B 161 -8.75 -10.28 -2.60
CA SER B 161 -9.33 -11.54 -3.07
C SER B 161 -10.34 -12.07 -2.07
N GLU B 162 -10.93 -13.23 -2.38
CA GLU B 162 -11.86 -13.87 -1.46
C GLU B 162 -11.16 -14.39 -0.21
N THR B 163 -9.84 -14.52 -0.24
CA THR B 163 -9.06 -14.98 0.90
C THR B 163 -8.29 -13.85 1.58
N SER B 164 -8.82 -12.63 1.49
CA SER B 164 -8.21 -11.46 2.10
C SER B 164 -9.17 -10.81 3.08
N MET B 165 -8.68 -9.81 3.80
CA MET B 165 -9.53 -8.94 4.61
C MET B 165 -10.03 -7.76 3.79
N SER B 166 -10.50 -8.07 2.58
CA SER B 166 -10.74 -7.08 1.53
C SER B 166 -9.44 -6.36 1.19
N GLY B 167 -9.46 -5.48 0.20
CA GLY B 167 -8.23 -4.88 -0.26
C GLY B 167 -8.17 -3.37 -0.14
N ASN B 168 -7.94 -2.71 -1.27
CA ASN B 168 -7.82 -1.26 -1.31
C ASN B 168 -9.20 -0.62 -1.47
N GLY B 169 -9.24 0.69 -1.27
CA GLY B 169 -10.45 1.46 -1.42
C GLY B 169 -10.51 2.19 -2.76
N GLU B 170 -11.62 2.90 -2.94
CA GLU B 170 -11.83 3.67 -4.17
C GLU B 170 -10.72 4.70 -4.36
N TYR B 171 -10.42 4.99 -5.62
CA TYR B 171 -9.42 6.00 -5.92
C TYR B 171 -9.94 7.38 -5.59
N ILE B 172 -9.11 8.17 -4.91
CA ILE B 172 -9.42 9.57 -4.62
C ILE B 172 -8.18 10.39 -5.00
N PRO B 173 -8.23 11.16 -6.08
CA PRO B 173 -7.02 11.79 -6.61
C PRO B 173 -6.56 12.95 -5.75
N ASN B 174 -5.24 13.21 -5.82
CA ASN B 174 -4.61 14.40 -5.25
C ASN B 174 -4.99 14.60 -3.78
N GLN B 175 -4.74 13.57 -2.99
CA GLN B 175 -4.95 13.65 -1.56
C GLN B 175 -3.74 14.31 -0.89
N GLY B 176 -4.01 15.04 0.20
CA GLY B 176 -2.94 15.62 0.96
C GLY B 176 -2.27 14.61 1.87
N ASP B 177 -1.17 15.04 2.48
CA ASP B 177 -0.44 14.18 3.40
C ASP B 177 -1.21 14.01 4.72
N ILE B 178 -0.92 12.93 5.41
CA ILE B 178 -1.47 12.68 6.74
C ILE B 178 -0.57 13.35 7.75
N LYS B 179 -1.13 14.24 8.57
CA LYS B 179 -0.41 14.91 9.64
C LYS B 179 -0.83 14.33 10.98
N LEU B 180 0.15 13.90 11.79
CA LEU B 180 -0.11 13.26 13.06
C LEU B 180 0.49 14.08 14.18
N LEU B 181 -0.37 14.74 14.96
CA LEU B 181 0.05 15.47 16.15
C LEU B 181 -0.27 14.64 17.40
N LEU B 182 0.53 14.83 18.44
CA LEU B 182 0.24 14.26 19.76
C LEU B 182 1.05 15.05 20.78
N GLY B 183 0.35 15.70 21.71
CA GLY B 183 1.01 16.54 22.68
C GLY B 183 1.40 17.88 22.12
N ASN B 184 2.70 18.18 22.12
CA ASN B 184 3.22 19.46 21.66
C ASN B 184 4.19 19.32 20.49
N TYR B 185 4.61 18.12 20.15
CA TYR B 185 5.69 17.87 19.22
C TYR B 185 5.24 18.10 17.78
N PRO B 186 6.15 18.51 16.90
CA PRO B 186 5.76 18.80 15.52
C PRO B 186 5.19 17.58 14.81
N ALA B 187 4.37 17.83 13.80
CA ALA B 187 3.63 16.78 13.13
C ALA B 187 4.57 15.80 12.42
N ILE B 188 4.10 14.56 12.30
CA ILE B 188 4.74 13.53 11.49
C ILE B 188 3.87 13.31 10.26
N ASP B 189 4.47 13.42 9.08
CA ASP B 189 3.72 13.44 7.83
C ASP B 189 3.91 12.12 7.07
N LEU B 190 2.80 11.53 6.65
CA LEU B 190 2.75 10.25 5.96
C LEU B 190 2.07 10.40 4.61
N PRO B 191 2.53 9.67 3.59
CA PRO B 191 1.83 9.68 2.31
C PRO B 191 0.44 9.08 2.45
N PRO B 192 -0.50 9.46 1.58
CA PRO B 192 -1.90 9.06 1.77
C PRO B 192 -2.31 7.74 1.13
N GLY B 193 -1.38 7.02 0.49
CA GLY B 193 -1.70 5.71 -0.03
C GLY B 193 -2.34 5.73 -1.40
N SER B 194 -2.54 4.53 -1.94
CA SER B 194 -3.05 4.33 -3.29
C SER B 194 -4.56 4.20 -3.35
N GLY B 195 -5.27 4.41 -2.24
CA GLY B 195 -6.71 4.26 -2.23
C GLY B 195 -7.44 5.48 -1.73
N GLY B 196 -8.29 5.30 -0.72
CA GLY B 196 -9.00 6.42 -0.13
C GLY B 196 -10.46 6.17 0.20
N GLY B 197 -11.18 5.52 -0.70
CA GLY B 197 -12.60 5.32 -0.57
C GLY B 197 -12.97 3.99 0.05
N CYS B 198 -14.25 3.63 -0.09
CA CYS B 198 -14.73 2.35 0.41
C CYS B 198 -14.02 1.20 -0.31
N VAL B 199 -13.90 0.07 0.39
CA VAL B 199 -13.27 -1.10 -0.21
C VAL B 199 -14.08 -1.56 -1.41
N THR B 200 -13.38 -2.02 -2.45
CA THR B 200 -14.01 -2.36 -3.71
C THR B 200 -14.21 -3.86 -3.91
N SER B 201 -13.46 -4.69 -3.20
CA SER B 201 -13.51 -6.13 -3.41
C SER B 201 -13.30 -6.83 -2.08
N GLY B 202 -13.50 -8.15 -2.09
CA GLY B 202 -13.20 -8.97 -0.94
C GLY B 202 -14.40 -9.35 -0.12
N PRO B 203 -14.17 -10.14 0.94
CA PRO B 203 -15.30 -10.64 1.74
C PRO B 203 -16.01 -9.57 2.55
N PHE B 204 -15.39 -8.40 2.75
CA PHE B 204 -15.97 -7.35 3.57
C PHE B 204 -16.39 -6.14 2.75
N LYS B 205 -16.69 -6.37 1.46
CA LYS B 205 -17.14 -5.29 0.60
C LYS B 205 -18.44 -4.66 1.11
N ASP B 206 -19.32 -5.48 1.68
CA ASP B 206 -20.62 -5.03 2.15
C ASP B 206 -20.71 -4.98 3.67
N TYR B 207 -19.57 -4.90 4.35
CA TYR B 207 -19.54 -4.89 5.81
C TYR B 207 -19.60 -3.46 6.33
N LYS B 208 -20.35 -3.27 7.41
CA LYS B 208 -20.74 -1.94 7.90
C LYS B 208 -20.03 -1.62 9.20
N LEU B 209 -19.26 -0.54 9.21
CA LEU B 209 -18.80 0.07 10.45
C LEU B 209 -19.97 0.81 11.09
N ASN B 210 -20.36 0.40 12.30
CA ASN B 210 -21.50 1.01 12.97
C ASN B 210 -21.11 2.07 13.99
N LEU B 211 -19.86 2.11 14.41
CA LEU B 211 -19.40 3.02 15.45
C LEU B 211 -18.40 4.02 14.88
N GLY B 212 -18.13 5.07 15.65
CA GLY B 212 -17.20 6.09 15.26
C GLY B 212 -17.80 7.07 14.27
N PRO B 213 -16.98 8.00 13.76
CA PRO B 213 -15.56 8.17 14.11
C PRO B 213 -15.35 8.96 15.39
N ALA B 214 -14.25 8.68 16.09
CA ALA B 214 -13.90 9.38 17.32
C ALA B 214 -12.76 10.37 17.15
N ALA B 215 -11.76 10.04 16.33
CA ALA B 215 -10.65 10.94 16.05
C ALA B 215 -9.96 10.51 14.76
N LEU B 216 -10.66 10.66 13.63
CA LEU B 216 -10.20 10.15 12.35
C LEU B 216 -9.32 11.19 11.68
N SER B 217 -8.03 10.89 11.57
CA SER B 217 -7.13 11.75 10.80
C SER B 217 -7.39 11.58 9.32
N LEU B 218 -7.44 12.70 8.60
CA LEU B 218 -7.78 12.72 7.19
C LEU B 218 -6.69 13.41 6.39
N PRO B 219 -6.57 13.08 5.10
CA PRO B 219 -5.61 13.78 4.24
C PRO B 219 -5.82 15.28 4.27
N GLY B 220 -4.73 16.02 4.45
CA GLY B 220 -4.76 17.46 4.56
C GLY B 220 -4.59 17.99 5.97
N GLY B 221 -4.57 17.11 6.97
CA GLY B 221 -4.29 17.51 8.34
C GLY B 221 -5.49 17.62 9.25
N ASN B 222 -6.71 17.62 8.72
CA ASN B 222 -7.90 17.78 9.52
C ASN B 222 -8.22 16.49 10.28
N MET B 223 -9.27 16.54 11.10
CA MET B 223 -9.67 15.39 11.90
C MET B 223 -11.17 15.46 12.14
N THR B 224 -11.86 14.34 11.89
CA THR B 224 -13.30 14.23 12.07
C THR B 224 -13.61 13.49 13.37
N ALA B 225 -14.50 14.04 14.18
CA ALA B 225 -14.85 13.46 15.47
C ALA B 225 -16.34 13.60 15.69
N ALA B 226 -17.02 12.47 15.85
CA ALA B 226 -18.45 12.49 16.15
C ALA B 226 -18.69 13.00 17.56
N ALA B 227 -19.89 13.55 17.78
CA ALA B 227 -20.25 14.05 19.09
C ALA B 227 -20.27 12.94 20.12
N ASN B 228 -20.74 11.76 19.73
CA ASN B 228 -20.74 10.58 20.60
C ASN B 228 -20.31 9.38 19.75
N PRO B 229 -19.08 8.91 19.90
CA PRO B 229 -18.60 7.80 19.04
C PRO B 229 -19.41 6.52 19.19
N LEU B 230 -20.11 6.33 20.31
CA LEU B 230 -20.86 5.11 20.54
C LEU B 230 -22.28 5.16 19.98
N THR B 231 -22.59 6.14 19.14
CA THR B 231 -23.90 6.25 18.52
C THR B 231 -23.87 5.68 17.11
N TYR B 232 -25.05 5.29 16.63
CA TYR B 232 -25.19 4.61 15.35
C TYR B 232 -24.75 5.51 14.21
N ASN B 233 -23.77 5.04 13.43
CA ASN B 233 -23.30 5.75 12.24
C ASN B 233 -22.84 4.72 11.21
N PRO B 234 -23.79 3.96 10.65
CA PRO B 234 -23.39 2.87 9.74
C PRO B 234 -22.79 3.41 8.46
N ARG B 235 -21.70 2.78 8.03
CA ARG B 235 -20.98 3.20 6.83
C ARG B 235 -20.03 2.10 6.41
N CYS B 236 -19.40 2.30 5.26
CA CYS B 236 -18.47 1.35 4.69
C CYS B 236 -17.13 1.39 5.42
N MET B 237 -16.32 0.37 5.19
CA MET B 237 -14.93 0.38 5.61
C MET B 237 -14.11 0.99 4.48
N LYS B 238 -13.24 1.95 4.84
CA LYS B 238 -12.42 2.64 3.87
C LYS B 238 -10.96 2.26 4.06
N ARG B 239 -10.23 2.17 2.94
CA ARG B 239 -8.85 1.73 2.96
C ARG B 239 -8.03 2.55 1.97
N SER B 240 -6.74 2.68 2.25
CA SER B 240 -5.80 3.34 1.35
C SER B 240 -4.42 2.74 1.64
N LEU B 241 -4.09 1.68 0.92
CA LEU B 241 -2.85 0.94 1.16
C LEU B 241 -1.65 1.84 0.91
N THR B 242 -0.72 1.86 1.88
CA THR B 242 0.44 2.75 1.87
C THR B 242 1.68 1.92 2.14
N THR B 243 2.28 1.38 1.07
CA THR B 243 3.49 0.59 1.23
C THR B 243 4.63 1.41 1.83
N GLU B 244 4.69 2.71 1.53
CA GLU B 244 5.78 3.54 2.03
C GLU B 244 5.80 3.61 3.55
N ILE B 245 4.63 3.54 4.19
CA ILE B 245 4.59 3.52 5.65
C ILE B 245 5.25 2.26 6.18
N LEU B 246 5.00 1.12 5.53
CA LEU B 246 5.66 -0.13 5.94
C LEU B 246 7.17 -0.04 5.74
N GLN B 247 7.60 0.61 4.66
CA GLN B 247 9.04 0.72 4.39
C GLN B 247 9.74 1.54 5.46
N ARG B 248 9.05 2.51 6.06
CA ARG B 248 9.67 3.34 7.08
C ARG B 248 9.69 2.68 8.46
N TYR B 249 8.67 1.88 8.77
CA TYR B 249 8.43 1.47 10.15
C TYR B 249 8.21 -0.02 10.37
N ASN B 250 8.14 -0.84 9.30
CA ASN B 250 7.75 -2.22 9.50
C ASN B 250 8.59 -3.24 8.74
N THR B 251 9.74 -2.84 8.20
CA THR B 251 10.59 -3.81 7.52
C THR B 251 11.25 -4.74 8.54
N PHE B 252 11.82 -5.83 8.03
CA PHE B 252 12.48 -6.79 8.90
C PHE B 252 13.62 -6.18 9.72
N PRO B 253 14.45 -5.26 9.21
CA PRO B 253 15.40 -4.58 10.10
C PRO B 253 14.74 -3.88 11.28
N LYS B 254 13.58 -3.27 11.07
CA LYS B 254 12.94 -2.51 12.15
C LYS B 254 12.32 -3.43 13.20
N ILE B 255 11.91 -4.64 12.79
CA ILE B 255 11.34 -5.58 13.76
C ILE B 255 12.45 -6.17 14.64
N VAL B 256 13.61 -6.45 14.04
CA VAL B 256 14.71 -7.02 14.82
C VAL B 256 15.36 -5.96 15.70
N GLU B 257 15.41 -4.71 15.22
CA GLU B 257 15.92 -3.61 16.04
C GLU B 257 15.10 -3.47 17.31
N LEU B 258 13.78 -3.45 17.19
CA LEU B 258 12.90 -3.30 18.35
C LEU B 258 13.14 -4.38 19.39
N ILE B 259 13.53 -5.58 18.97
CA ILE B 259 13.75 -6.68 19.90
C ILE B 259 15.16 -6.65 20.46
N LEU B 260 16.17 -6.47 19.62
CA LEU B 260 17.56 -6.58 20.05
C LEU B 260 18.06 -5.36 20.81
N ASP B 261 17.39 -4.22 20.69
CA ASP B 261 17.90 -2.97 21.26
C ASP B 261 17.19 -2.53 22.54
N SER B 262 16.07 -3.15 22.90
CA SER B 262 15.31 -2.76 24.08
C SER B 262 15.68 -3.67 25.24
N ASP B 263 16.39 -3.13 26.23
CA ASP B 263 16.87 -3.91 27.36
C ASP B 263 15.99 -3.78 28.60
N ASP B 264 14.82 -3.16 28.48
CA ASP B 264 13.81 -3.23 29.54
C ASP B 264 12.45 -2.95 28.94
N ILE B 265 11.41 -3.19 29.74
CA ILE B 265 10.04 -3.18 29.21
C ILE B 265 9.59 -1.77 28.84
N TRP B 266 10.15 -0.73 29.48
CA TRP B 266 9.75 0.63 29.14
C TRP B 266 10.25 1.00 27.75
N ASP B 267 11.52 0.71 27.45
CA ASP B 267 12.06 1.02 26.13
C ASP B 267 11.33 0.23 25.05
N PHE B 268 10.97 -1.02 25.33
CA PHE B 268 10.36 -1.88 24.33
C PHE B 268 8.97 -1.36 23.93
N GLN B 269 8.14 -1.04 24.92
CA GLN B 269 6.78 -0.61 24.62
C GLN B 269 6.76 0.79 23.98
N MET B 270 7.70 1.65 24.35
CA MET B 270 7.75 2.98 23.75
C MET B 270 8.25 2.92 22.32
N THR B 271 9.31 2.14 22.07
CA THR B 271 9.80 1.97 20.70
C THR B 271 8.75 1.31 19.81
N MET B 272 7.95 0.42 20.38
CA MET B 272 6.90 -0.22 19.60
C MET B 272 5.80 0.76 19.23
N GLN B 273 5.40 1.62 20.17
CA GLN B 273 4.34 2.58 19.94
C GLN B 273 4.83 3.89 19.33
N GLY B 274 6.14 4.13 19.31
CA GLY B 274 6.67 5.36 18.78
C GLY B 274 6.84 6.43 19.84
N VAL B 275 8.07 6.87 20.04
CA VAL B 275 8.36 7.87 21.07
C VAL B 275 8.01 9.26 20.52
N PRO B 276 7.18 10.04 21.22
CA PRO B 276 6.84 11.38 20.73
C PRO B 276 8.08 12.24 20.58
N GLY B 277 8.24 12.84 19.41
CA GLY B 277 9.39 13.67 19.11
C GLY B 277 10.34 13.03 18.14
N SER B 278 10.51 11.72 18.24
CA SER B 278 11.47 11.00 17.41
C SER B 278 11.12 11.00 15.93
N GLY B 279 9.90 11.41 15.56
CA GLY B 279 9.48 11.35 14.19
C GLY B 279 9.08 9.97 13.71
N SER B 280 9.02 8.99 14.61
CA SER B 280 8.68 7.61 14.26
C SER B 280 7.44 7.17 15.01
N ILE B 281 6.68 6.28 14.38
CA ILE B 281 5.43 5.75 14.96
C ILE B 281 5.53 4.28 15.31
N GLY B 282 6.67 3.63 15.05
CA GLY B 282 6.87 2.26 15.44
C GLY B 282 6.10 1.25 14.59
N VAL B 283 6.36 -0.04 14.83
CA VAL B 283 5.65 -1.08 14.10
C VAL B 283 4.16 -1.05 14.40
N HIS B 284 3.79 -0.64 15.62
CA HIS B 284 2.38 -0.53 15.97
C HIS B 284 1.70 0.57 15.17
N GLY B 285 2.27 1.78 15.20
CA GLY B 285 1.72 2.87 14.42
C GLY B 285 1.77 2.60 12.92
N GLY B 286 2.93 2.14 12.45
CA GLY B 286 3.07 1.78 11.04
C GLY B 286 2.17 0.65 10.61
N GLY B 287 1.68 -0.16 11.55
CA GLY B 287 0.75 -1.21 11.22
C GLY B 287 -0.65 -0.68 10.96
N HIS B 288 -1.14 0.18 11.84
CA HIS B 288 -2.47 0.74 11.67
C HIS B 288 -2.53 1.70 10.48
N TYR B 289 -1.62 2.66 10.43
CA TYR B 289 -1.74 3.75 9.46
C TYR B 289 -1.46 3.29 8.04
N SER B 290 -0.65 2.25 7.86
CA SER B 290 -0.42 1.73 6.51
C SER B 290 -1.69 1.18 5.88
N MET B 291 -2.72 0.89 6.68
CA MET B 291 -4.02 0.56 6.12
C MET B 291 -4.73 1.79 5.58
N GLY B 292 -4.50 2.95 6.19
CA GLY B 292 -5.19 4.16 5.79
C GLY B 292 -6.69 4.06 6.06
N GLY B 293 -7.43 4.95 5.40
CA GLY B 293 -8.87 4.92 5.40
C GLY B 293 -9.52 5.06 6.78
N ASP B 294 -10.75 4.55 6.85
CA ASP B 294 -11.59 4.67 8.03
C ASP B 294 -12.03 3.28 8.43
N PRO B 295 -11.74 2.81 9.65
CA PRO B 295 -11.13 3.54 10.77
C PRO B 295 -9.65 3.27 10.98
N GLY B 296 -8.91 3.02 9.90
CA GLY B 296 -7.49 2.74 10.05
C GLY B 296 -6.70 3.90 10.62
N ARG B 297 -7.13 5.13 10.34
CA ARG B 297 -6.50 6.34 10.86
C ARG B 297 -7.26 6.91 12.05
N ASP B 298 -7.76 6.03 12.93
CA ASP B 298 -8.53 6.44 14.10
C ASP B 298 -8.13 5.53 15.25
N VAL B 299 -7.44 6.10 16.25
CA VAL B 299 -6.89 5.30 17.34
C VAL B 299 -7.99 4.66 18.20
N TYR B 300 -9.18 5.26 18.23
CA TYR B 300 -10.25 4.71 19.05
C TYR B 300 -10.96 3.54 18.36
N VAL B 301 -11.17 3.64 17.05
CA VAL B 301 -12.06 2.73 16.32
C VAL B 301 -11.29 1.73 15.48
N SER B 302 -9.97 1.67 15.62
CA SER B 302 -9.14 0.80 14.78
C SER B 302 -9.59 -0.65 14.73
N PRO B 303 -10.09 -1.28 15.81
CA PRO B 303 -10.61 -2.65 15.68
C PRO B 303 -11.75 -2.79 14.68
N GLY B 304 -12.37 -1.69 14.25
CA GLY B 304 -13.36 -1.78 13.19
C GLY B 304 -12.81 -2.27 11.87
N ASP B 305 -11.49 -2.21 11.70
CA ASP B 305 -10.81 -2.80 10.55
C ASP B 305 -10.53 -4.27 10.86
N THR B 306 -11.02 -5.17 10.01
CA THR B 306 -10.90 -6.59 10.30
C THR B 306 -9.44 -7.06 10.35
N ALA B 307 -8.53 -6.35 9.69
CA ALA B 307 -7.11 -6.69 9.77
C ALA B 307 -6.48 -6.29 11.11
N PHE B 308 -7.23 -5.62 11.98
CA PHE B 308 -6.72 -5.27 13.31
C PHE B 308 -6.25 -6.51 14.07
N TRP B 309 -6.98 -7.62 13.92
CA TRP B 309 -6.71 -8.80 14.73
C TRP B 309 -5.43 -9.50 14.29
N LEU B 310 -5.16 -9.52 12.99
CA LEU B 310 -3.89 -10.06 12.52
C LEU B 310 -2.73 -9.13 12.84
N HIS B 311 -2.98 -7.81 12.84
CA HIS B 311 -1.94 -6.86 13.18
C HIS B 311 -1.50 -7.04 14.63
N HIS B 312 -2.45 -7.19 15.54
CA HIS B 312 -2.10 -7.32 16.95
C HIS B 312 -1.66 -8.73 17.32
N GLY B 313 -1.93 -9.73 16.47
CA GLY B 313 -1.30 -11.02 16.65
C GLY B 313 0.20 -10.93 16.48
N MET B 314 0.65 -10.10 15.54
CA MET B 314 2.09 -9.90 15.35
C MET B 314 2.68 -9.05 16.47
N ILE B 315 1.93 -8.06 16.96
CA ILE B 315 2.37 -7.28 18.12
C ILE B 315 2.61 -8.19 19.31
N ASP B 316 1.62 -9.04 19.61
CA ASP B 316 1.75 -10.00 20.70
C ASP B 316 2.92 -10.96 20.47
N ARG B 317 3.16 -11.32 19.21
CA ARG B 317 4.25 -12.25 18.89
C ARG B 317 5.61 -11.62 19.16
N VAL B 318 5.79 -10.35 18.76
CA VAL B 318 7.05 -9.66 19.02
C VAL B 318 7.28 -9.49 20.51
N TRP B 319 6.21 -9.19 21.26
CA TRP B 319 6.33 -9.12 22.71
C TRP B 319 6.66 -10.49 23.30
N TRP B 320 6.05 -11.55 22.76
CA TRP B 320 6.33 -12.90 23.24
C TRP B 320 7.78 -13.30 22.97
N ILE B 321 8.31 -12.93 21.81
CA ILE B 321 9.71 -13.19 21.50
C ILE B 321 10.62 -12.44 22.47
N TRP B 322 10.39 -11.14 22.61
CA TRP B 322 11.23 -10.31 23.47
C TRP B 322 11.22 -10.79 24.92
N GLN B 323 10.09 -11.32 25.38
CA GLN B 323 10.03 -11.86 26.73
C GLN B 323 10.93 -13.07 26.89
N ASN B 324 10.90 -13.98 25.91
CA ASN B 324 11.60 -15.25 26.03
C ASN B 324 13.12 -15.12 25.84
N LEU B 325 13.61 -13.95 25.42
CA LEU B 325 15.06 -13.76 25.33
C LEU B 325 15.70 -13.66 26.71
N ASP B 326 14.92 -13.32 27.73
CA ASP B 326 15.41 -13.21 29.10
C ASP B 326 14.25 -13.39 30.07
N LEU B 327 13.83 -14.64 30.26
CA LEU B 327 12.56 -14.90 30.92
C LEU B 327 12.57 -14.50 32.39
N ARG B 328 13.70 -14.70 33.07
CA ARG B 328 13.76 -14.42 34.50
C ARG B 328 13.40 -12.97 34.82
N LYS B 329 13.84 -12.04 33.97
CA LYS B 329 13.64 -10.61 34.22
C LYS B 329 12.55 -9.98 33.36
N ARG B 330 12.18 -10.59 32.25
CA ARG B 330 11.24 -9.98 31.31
C ARG B 330 9.85 -10.61 31.33
N GLN B 331 9.66 -11.74 32.02
CA GLN B 331 8.37 -12.42 31.99
C GLN B 331 7.25 -11.55 32.57
N ASN B 332 7.51 -10.91 33.70
CA ASN B 332 6.49 -10.14 34.41
C ASN B 332 6.84 -8.65 34.49
N ALA B 333 7.70 -8.17 33.60
CA ALA B 333 8.14 -6.78 33.67
C ALA B 333 7.02 -5.84 33.21
N ILE B 334 6.80 -4.78 33.97
CA ILE B 334 5.77 -3.78 33.69
C ILE B 334 6.35 -2.39 33.99
N SER B 335 6.01 -1.42 33.16
CA SER B 335 6.39 -0.04 33.41
C SER B 335 5.36 0.89 32.78
N GLY B 336 4.97 1.90 33.52
CA GLY B 336 3.97 2.86 33.08
C GLY B 336 2.89 3.07 34.13
N THR B 337 1.97 3.97 33.80
CA THR B 337 0.85 4.32 34.68
C THR B 337 -0.45 3.97 33.99
N GLY B 338 -1.57 4.31 34.65
CA GLY B 338 -2.88 3.98 34.14
C GLY B 338 -3.47 4.94 33.14
N THR B 339 -2.81 6.05 32.84
CA THR B 339 -3.35 7.06 31.94
C THR B 339 -2.44 7.24 30.72
N PHE B 340 -3.08 7.61 29.61
CA PHE B 340 -2.42 7.89 28.33
C PHE B 340 -1.20 8.79 28.51
N MET B 341 0.00 8.24 28.32
CA MET B 341 1.26 8.98 28.47
C MET B 341 1.37 9.63 29.84
N ASN B 342 0.66 9.11 30.84
CA ASN B 342 0.63 9.67 32.19
C ASN B 342 0.11 11.11 32.19
N ASN B 343 -0.91 11.36 31.39
CA ASN B 343 -1.53 12.69 31.30
C ASN B 343 -3.02 12.59 31.58
N PRO B 344 -3.49 13.01 32.77
CA PRO B 344 -2.69 13.53 33.88
C PRO B 344 -1.97 12.41 34.63
N ALA B 345 -1.16 12.78 35.62
CA ALA B 345 -0.43 11.77 36.39
C ALA B 345 -1.40 10.83 37.09
N SER B 346 -0.99 9.56 37.21
CA SER B 346 -1.82 8.52 37.78
C SER B 346 -0.91 7.48 38.42
N PRO B 347 -1.45 6.64 39.30
CA PRO B 347 -0.61 5.61 39.92
C PRO B 347 -0.02 4.66 38.90
N ASN B 348 1.09 4.04 39.30
CA ASN B 348 1.80 3.10 38.46
C ASN B 348 0.99 1.82 38.24
N THR B 349 1.18 1.20 37.09
CA THR B 349 0.59 -0.11 36.84
C THR B 349 1.38 -1.17 37.62
N THR B 350 0.66 -2.02 38.34
CA THR B 350 1.25 -3.12 39.08
C THR B 350 0.68 -4.44 38.56
N LEU B 351 1.19 -5.55 39.11
CA LEU B 351 0.69 -6.87 38.74
C LEU B 351 -0.73 -7.11 39.25
N ASP B 352 -1.20 -6.29 40.19
CA ASP B 352 -2.56 -6.39 40.70
C ASP B 352 -3.54 -5.49 39.96
N THR B 353 -3.08 -4.73 38.97
CA THR B 353 -3.98 -3.88 38.20
C THR B 353 -4.99 -4.73 37.44
N VAL B 354 -6.26 -4.33 37.50
CA VAL B 354 -7.36 -5.10 36.93
C VAL B 354 -7.81 -4.45 35.64
N ILE B 355 -8.06 -5.27 34.62
CA ILE B 355 -8.56 -4.81 33.33
C ILE B 355 -9.75 -5.67 32.92
N ASP B 356 -10.62 -5.11 32.09
CA ASP B 356 -11.79 -5.81 31.60
C ASP B 356 -12.07 -5.38 30.17
N LEU B 357 -12.95 -6.14 29.51
CA LEU B 357 -13.38 -5.84 28.15
C LEU B 357 -14.85 -5.45 28.08
N GLY B 358 -15.41 -4.95 29.19
CA GLY B 358 -16.80 -4.54 29.19
C GLY B 358 -17.71 -5.72 28.94
N TYR B 359 -18.59 -5.58 27.95
CA TYR B 359 -19.51 -6.63 27.55
C TYR B 359 -19.04 -7.37 26.30
N ALA B 360 -17.79 -7.13 25.86
CA ALA B 360 -17.28 -7.82 24.68
C ALA B 360 -17.20 -9.32 24.92
N ASN B 361 -16.49 -9.73 25.97
CA ASN B 361 -16.33 -11.15 26.30
C ASN B 361 -15.58 -11.29 27.61
N GLY B 362 -16.03 -12.23 28.44
CA GLY B 362 -15.31 -12.56 29.66
C GLY B 362 -15.55 -11.59 30.79
N GLY B 363 -14.68 -11.69 31.80
CA GLY B 363 -14.80 -10.88 32.99
C GLY B 363 -13.49 -10.22 33.38
N PRO B 364 -13.46 -9.63 34.58
CA PRO B 364 -12.26 -8.91 35.02
C PRO B 364 -11.08 -9.85 35.24
N ILE B 365 -9.88 -9.33 35.00
CA ILE B 365 -8.66 -10.13 35.13
C ILE B 365 -7.53 -9.20 35.54
N ALA B 366 -6.57 -9.75 36.30
CA ALA B 366 -5.44 -9.00 36.82
C ALA B 366 -4.22 -9.15 35.92
N MET B 367 -3.29 -8.22 36.05
CA MET B 367 -2.12 -8.19 35.18
C MET B 367 -1.27 -9.44 35.34
N ARG B 368 -1.18 -9.96 36.57
CA ARG B 368 -0.31 -11.10 36.83
C ARG B 368 -0.72 -12.33 36.03
N ASP B 369 -2.01 -12.46 35.73
CA ASP B 369 -2.51 -13.60 34.96
C ASP B 369 -2.51 -13.35 33.45
N LEU B 370 -1.82 -12.30 32.99
CA LEU B 370 -1.77 -11.96 31.58
C LEU B 370 -0.36 -11.94 31.01
N MET B 371 0.67 -12.18 31.83
CA MET B 371 2.04 -11.93 31.41
C MET B 371 2.65 -13.08 30.64
N SER B 372 2.13 -14.30 30.77
CA SER B 372 2.69 -15.46 30.08
C SER B 372 1.64 -16.06 29.15
N THR B 373 2.09 -16.44 27.95
CA THR B 373 1.23 -17.16 27.02
C THR B 373 0.98 -18.61 27.44
N THR B 374 1.61 -19.07 28.52
CA THR B 374 1.43 -20.44 29.00
C THR B 374 0.99 -20.49 30.46
N ALA B 375 0.51 -19.38 31.00
CA ALA B 375 -0.07 -19.33 32.33
C ALA B 375 -1.38 -18.56 32.26
N GLY B 376 -2.13 -18.60 33.37
CA GLY B 376 -3.41 -17.95 33.43
C GLY B 376 -4.42 -18.61 32.50
N PRO B 377 -5.18 -17.81 31.76
CA PRO B 377 -6.09 -18.37 30.75
C PRO B 377 -5.41 -18.81 29.47
N PHE B 378 -4.15 -18.42 29.26
CA PHE B 378 -3.49 -18.63 27.99
C PHE B 378 -2.73 -19.95 27.96
N CYS B 379 -2.59 -20.49 26.75
CA CYS B 379 -1.80 -21.69 26.50
C CYS B 379 -1.53 -21.79 25.01
N TYR B 380 -0.56 -21.02 24.51
CA TYR B 380 -0.32 -20.98 23.08
C TYR B 380 1.10 -20.50 22.80
N VAL B 381 1.55 -20.74 21.57
CA VAL B 381 2.84 -20.28 21.06
C VAL B 381 2.64 -19.75 19.65
N TYR B 382 3.72 -19.21 19.09
CA TYR B 382 3.72 -18.70 17.72
C TYR B 382 4.70 -19.51 16.87
N LEU B 383 4.26 -19.91 15.69
CA LEU B 383 5.17 -20.44 14.68
C LEU B 383 5.27 -19.44 13.54
N LEU C 6 1.15 52.94 30.37
CA LEU C 6 0.90 51.56 30.75
C LEU C 6 2.19 50.78 30.94
N PRO C 7 2.21 49.86 31.91
CA PRO C 7 3.38 49.01 32.09
C PRO C 7 3.62 48.12 30.88
N THR C 8 4.89 48.00 30.49
CA THR C 8 5.29 47.11 29.42
C THR C 8 6.22 45.99 29.89
N THR C 9 6.84 46.13 31.05
CA THR C 9 7.74 45.10 31.57
C THR C 9 7.64 45.10 33.09
N ALA C 10 7.34 43.93 33.66
CA ALA C 10 7.27 43.82 35.11
C ALA C 10 8.66 44.02 35.73
N SER C 11 8.68 44.63 36.90
CA SER C 11 9.91 44.91 37.62
C SER C 11 10.11 43.89 38.73
N SER C 12 11.38 43.65 39.08
CA SER C 12 11.71 42.69 40.12
C SER C 12 11.19 43.13 41.49
N SER C 13 10.93 44.42 41.68
CA SER C 13 10.41 44.90 42.95
C SER C 13 8.96 44.48 43.13
N THR C 14 8.62 44.04 44.34
CA THR C 14 7.26 43.55 44.60
C THR C 14 6.27 44.70 44.68
N ALA C 15 6.65 45.80 45.33
CA ALA C 15 5.74 46.95 45.43
C ALA C 15 5.54 47.62 44.07
N VAL C 16 6.59 47.67 43.25
CA VAL C 16 6.45 48.23 41.91
C VAL C 16 5.53 47.36 41.06
N ALA C 17 5.71 46.04 41.13
CA ALA C 17 4.85 45.13 40.37
C ALA C 17 3.41 45.21 40.85
N SER C 18 3.21 45.39 42.17
CA SER C 18 1.85 45.54 42.69
C SER C 18 1.20 46.81 42.15
N SER C 19 1.97 47.88 42.01
CA SER C 19 1.44 49.09 41.39
C SER C 19 1.20 48.87 39.89
N GLN C 20 2.09 48.12 39.23
CA GLN C 20 1.87 47.79 37.83
C GLN C 20 0.59 46.98 37.64
N LEU C 21 0.30 46.07 38.58
CA LEU C 21 -0.95 45.31 38.51
C LEU C 21 -2.15 46.23 38.62
N ASP C 22 -2.11 47.21 39.51
CA ASP C 22 -3.24 48.12 39.70
C ASP C 22 -3.51 48.93 38.44
N GLN C 23 -2.45 49.40 37.78
CA GLN C 23 -2.61 50.18 36.55
C GLN C 23 -3.33 49.35 35.48
N LEU C 24 -2.85 48.13 35.24
CA LEU C 24 -3.47 47.30 34.21
C LEU C 24 -4.88 46.88 34.61
N ALA C 25 -5.11 46.60 35.90
CA ALA C 25 -6.44 46.28 36.35
C ALA C 25 -7.38 47.46 36.18
N ASN C 26 -6.89 48.68 36.44
CA ASN C 26 -7.75 49.85 36.27
C ASN C 26 -7.97 50.17 34.81
N PHE C 27 -6.95 49.94 33.97
CA PHE C 27 -7.16 50.04 32.53
C PHE C 27 -8.25 49.08 32.08
N ALA C 28 -8.20 47.84 32.57
CA ALA C 28 -9.21 46.85 32.18
C ALA C 28 -10.60 47.22 32.67
N TYR C 29 -10.70 47.89 33.83
CA TYR C 29 -12.00 48.35 34.29
C TYR C 29 -12.58 49.39 33.35
N ASN C 30 -11.79 50.43 33.05
CA ASN C 30 -12.22 51.46 32.11
C ASN C 30 -12.70 50.84 30.80
N VAL C 31 -11.98 49.83 30.31
CA VAL C 31 -12.32 49.21 29.02
C VAL C 31 -13.73 48.63 29.06
N THR C 32 -14.05 47.89 30.12
CA THR C 32 -15.29 47.13 30.16
C THR C 32 -16.49 48.02 30.46
N THR C 33 -16.37 48.89 31.47
CA THR C 33 -17.48 49.75 31.86
C THR C 33 -17.77 50.86 30.84
N ASP C 34 -16.90 51.01 29.84
CA ASP C 34 -17.05 51.90 28.70
C ASP C 34 -18.00 51.36 27.64
N SER C 35 -17.98 50.04 27.46
CA SER C 35 -18.62 49.36 26.36
C SER C 35 -19.99 48.82 26.71
N VAL C 36 -20.39 48.92 27.98
CA VAL C 36 -21.69 48.41 28.39
C VAL C 36 -22.80 49.15 27.66
N ALA C 37 -23.86 48.42 27.35
CA ALA C 37 -25.00 48.99 26.64
C ALA C 37 -25.86 49.84 27.58
N GLY C 46 -29.77 41.75 27.43
CA GLY C 46 -28.68 42.70 27.35
C GLY C 46 -28.12 43.09 28.71
N CYS C 47 -26.81 43.33 28.75
CA CYS C 47 -26.12 43.74 29.96
C CYS C 47 -25.86 45.23 29.92
N THR C 48 -26.21 45.92 31.01
CA THR C 48 -26.15 47.37 31.08
C THR C 48 -25.16 47.81 32.16
N LEU C 49 -25.04 49.14 32.30
CA LEU C 49 -24.22 49.74 33.35
C LEU C 49 -24.89 49.73 34.71
N GLN C 50 -26.18 49.39 34.78
CA GLN C 50 -26.91 49.33 36.03
C GLN C 50 -26.77 47.97 36.71
N ASN C 51 -27.00 46.89 35.97
CA ASN C 51 -26.97 45.53 36.49
C ASN C 51 -25.60 44.88 36.34
N LEU C 52 -24.53 45.63 36.56
CA LEU C 52 -23.16 45.16 36.37
C LEU C 52 -22.57 44.83 37.74
N ARG C 53 -22.56 43.54 38.08
CA ARG C 53 -22.02 43.13 39.37
C ARG C 53 -20.51 43.32 39.42
N VAL C 54 -19.98 43.44 40.63
CA VAL C 54 -18.58 43.78 40.85
C VAL C 54 -17.95 42.72 41.74
N ARG C 55 -16.83 42.17 41.29
CA ARG C 55 -16.04 41.22 42.08
C ARG C 55 -14.88 41.95 42.73
N ARG C 56 -14.70 41.75 44.03
CA ARG C 56 -13.71 42.50 44.79
C ARG C 56 -12.80 41.58 45.59
N ASP C 57 -11.61 42.10 45.90
CA ASP C 57 -10.66 41.41 46.75
C ASP C 57 -11.30 41.01 48.07
N TRP C 58 -10.93 39.82 48.55
CA TRP C 58 -11.43 39.36 49.85
C TRP C 58 -11.07 40.33 50.97
N ARG C 59 -9.91 40.97 50.87
CA ARG C 59 -9.50 41.95 51.88
C ARG C 59 -10.40 43.17 51.90
N ALA C 60 -11.17 43.41 50.84
CA ALA C 60 -12.10 44.53 50.79
C ALA C 60 -13.47 44.21 51.36
N PHE C 61 -13.71 42.95 51.72
CA PHE C 61 -14.97 42.57 52.36
C PHE C 61 -14.95 42.99 53.83
N SER C 62 -16.11 43.41 54.32
CA SER C 62 -16.24 43.72 55.74
C SER C 62 -16.42 42.42 56.53
N LYS C 63 -16.49 42.54 57.86
CA LYS C 63 -16.71 41.36 58.68
C LYS C 63 -18.02 40.68 58.32
N THR C 64 -19.11 41.46 58.22
CA THR C 64 -20.39 40.89 57.83
C THR C 64 -20.35 40.37 56.40
N GLN C 65 -19.69 41.10 55.50
CA GLN C 65 -19.68 40.70 54.09
C GLN C 65 -18.93 39.38 53.90
N LYS C 66 -17.87 39.15 54.67
CA LYS C 66 -17.21 37.85 54.63
C LYS C 66 -18.13 36.76 55.16
N LYS C 67 -18.79 37.01 56.30
CA LYS C 67 -19.63 35.99 56.92
C LYS C 67 -20.88 35.72 56.10
N ASP C 68 -21.36 36.70 55.33
CA ASP C 68 -22.51 36.46 54.48
C ASP C 68 -22.17 35.50 53.35
N TYR C 69 -20.96 35.62 52.78
CA TYR C 69 -20.54 34.68 51.75
C TYR C 69 -20.23 33.31 52.34
N ILE C 70 -19.52 33.29 53.48
CA ILE C 70 -19.19 32.02 54.12
C ILE C 70 -20.46 31.25 54.48
N ASN C 71 -21.49 31.97 54.96
CA ASN C 71 -22.74 31.30 55.29
C ASN C 71 -23.44 30.73 54.06
N SER C 72 -23.28 31.39 52.91
CA SER C 72 -23.90 30.88 51.69
C SER C 72 -23.28 29.56 51.26
N VAL C 73 -21.94 29.47 51.27
CA VAL C 73 -21.27 28.24 50.91
C VAL C 73 -21.58 27.15 51.92
N LEU C 74 -21.69 27.51 53.20
CA LEU C 74 -22.12 26.55 54.21
C LEU C 74 -23.51 26.02 53.91
N CYS C 75 -24.36 26.83 53.29
CA CYS C 75 -25.71 26.42 52.95
C CYS C 75 -25.73 25.47 51.75
N LEU C 76 -24.89 25.75 50.74
CA LEU C 76 -24.74 24.82 49.63
C LEU C 76 -24.25 23.46 50.13
N GLN C 77 -23.38 23.47 51.15
CA GLN C 77 -22.87 22.24 51.73
C GLN C 77 -23.92 21.50 52.57
N LYS C 78 -25.08 22.11 52.81
CA LYS C 78 -26.12 21.48 53.62
C LYS C 78 -27.34 21.05 52.82
N LEU C 79 -27.54 21.57 51.62
CA LEU C 79 -28.70 21.22 50.80
C LEU C 79 -28.41 19.94 50.01
N PRO C 80 -29.44 19.13 49.76
CA PRO C 80 -29.20 17.79 49.21
C PRO C 80 -28.73 17.82 47.76
N SER C 81 -28.08 16.72 47.36
CA SER C 81 -27.46 16.66 46.05
C SER C 81 -28.52 16.53 44.95
N ARG C 82 -28.24 17.16 43.81
CA ARG C 82 -29.12 17.11 42.65
C ARG C 82 -28.71 16.03 41.65
N THR C 83 -27.50 15.51 41.75
CA THR C 83 -27.05 14.49 40.82
C THR C 83 -27.83 13.19 41.03
N PRO C 84 -28.21 12.50 39.96
CA PRO C 84 -28.73 11.14 40.12
C PRO C 84 -27.70 10.25 40.79
N ALA C 85 -28.18 9.44 41.75
CA ALA C 85 -27.27 8.67 42.59
C ALA C 85 -26.45 7.68 41.79
N HIS C 86 -27.06 7.05 40.79
CA HIS C 86 -26.36 6.05 39.99
C HIS C 86 -25.27 6.64 39.08
N LEU C 87 -25.02 7.95 39.17
CA LEU C 87 -23.92 8.58 38.45
C LEU C 87 -22.85 9.15 39.38
N ALA C 88 -23.17 9.36 40.65
CA ALA C 88 -22.18 9.79 41.64
C ALA C 88 -22.65 9.28 43.00
N PRO C 89 -22.39 8.01 43.30
CA PRO C 89 -22.90 7.44 44.56
C PRO C 89 -22.42 8.16 45.80
N GLY C 90 -21.34 8.93 45.72
CA GLY C 90 -20.85 9.70 46.84
C GLY C 90 -21.36 11.12 46.92
N ALA C 91 -22.10 11.57 45.90
CA ALA C 91 -22.69 12.90 45.93
C ALA C 91 -23.73 12.96 47.03
N ARG C 92 -23.55 13.90 47.96
CA ARG C 92 -24.49 14.10 49.05
C ARG C 92 -25.13 15.47 49.06
N THR C 93 -24.35 16.52 48.82
CA THR C 93 -24.81 17.89 48.94
C THR C 93 -24.76 18.60 47.61
N ARG C 94 -25.37 19.79 47.57
CA ARG C 94 -25.30 20.62 46.37
C ARG C 94 -23.87 21.04 46.07
N TYR C 95 -23.05 21.21 47.10
CA TYR C 95 -21.63 21.48 46.89
C TYR C 95 -20.92 20.29 46.27
N ASP C 96 -21.41 19.07 46.50
CA ASP C 96 -20.80 17.90 45.91
C ASP C 96 -21.11 17.79 44.43
N ASP C 97 -22.25 18.32 43.99
CA ASP C 97 -22.59 18.28 42.56
C ASP C 97 -21.58 19.06 41.73
N PHE C 98 -21.03 20.14 42.28
CA PHE C 98 -19.99 20.88 41.58
C PHE C 98 -18.66 20.13 41.62
N VAL C 99 -18.34 19.54 42.78
CA VAL C 99 -17.11 18.76 42.89
C VAL C 99 -17.17 17.54 41.97
N ALA C 100 -18.34 16.89 41.89
CA ALA C 100 -18.45 15.65 41.13
C ALA C 100 -18.22 15.90 39.65
N THR C 101 -18.88 16.93 39.09
CA THR C 101 -18.76 17.18 37.65
C THR C 101 -17.37 17.67 37.26
N HIS C 102 -16.61 18.24 38.19
CA HIS C 102 -15.23 18.61 37.91
C HIS C 102 -14.33 17.38 37.89
N ILE C 103 -14.63 16.38 38.72
CA ILE C 103 -13.94 15.09 38.62
C ILE C 103 -14.29 14.43 37.29
N ASN C 104 -15.53 14.60 36.83
CA ASN C 104 -15.98 13.95 35.60
C ASN C 104 -15.22 14.46 34.39
N GLN C 105 -14.90 15.75 34.36
CA GLN C 105 -14.39 16.40 33.16
C GLN C 105 -12.96 16.92 33.30
N THR C 106 -12.23 16.49 34.34
CA THR C 106 -10.89 17.03 34.59
C THR C 106 -9.96 16.85 33.40
N GLN C 107 -10.15 15.80 32.63
CA GLN C 107 -9.29 15.46 31.51
C GLN C 107 -9.69 16.11 30.19
N ILE C 108 -10.79 16.87 30.17
CA ILE C 108 -11.17 17.62 28.96
C ILE C 108 -11.43 19.07 29.30
N ILE C 109 -10.95 19.53 30.46
CA ILE C 109 -11.07 20.93 30.85
C ILE C 109 -9.75 21.53 31.29
N HIS C 110 -8.67 20.76 31.32
CA HIS C 110 -7.35 21.27 31.68
C HIS C 110 -6.37 20.99 30.56
N TYR C 111 -5.48 21.95 30.29
CA TYR C 111 -4.58 21.91 29.14
C TYR C 111 -5.36 21.70 27.85
N THR C 112 -6.58 22.24 27.80
CA THR C 112 -7.44 22.22 26.63
C THR C 112 -7.70 23.66 26.20
N GLY C 113 -8.31 23.79 25.02
CA GLY C 113 -8.75 25.10 24.58
C GLY C 113 -9.86 25.68 25.44
N THR C 114 -10.56 24.84 26.19
CA THR C 114 -11.70 25.25 26.99
C THR C 114 -11.34 25.59 28.42
N PHE C 115 -10.06 25.48 28.81
CA PHE C 115 -9.70 25.61 30.22
C PHE C 115 -10.15 26.95 30.81
N LEU C 116 -9.86 28.04 30.11
CA LEU C 116 -10.17 29.36 30.65
C LEU C 116 -11.68 29.60 30.70
N ALA C 117 -12.38 29.32 29.60
CA ALA C 117 -13.81 29.60 29.56
C ALA C 117 -14.61 28.64 30.44
N TRP C 118 -14.17 27.39 30.56
CA TRP C 118 -14.91 26.42 31.37
C TRP C 118 -14.92 26.84 32.83
N HIS C 119 -13.75 27.20 33.37
CA HIS C 119 -13.68 27.59 34.76
C HIS C 119 -14.33 28.95 35.00
N ARG C 120 -14.35 29.82 33.99
CA ARG C 120 -15.13 31.06 34.10
C ARG C 120 -16.62 30.75 34.21
N TYR C 121 -17.11 29.84 33.37
CA TYR C 121 -18.51 29.41 33.46
C TYR C 121 -18.76 28.55 34.68
N PHE C 122 -17.71 27.91 35.23
CA PHE C 122 -17.89 27.06 36.40
C PHE C 122 -18.17 27.89 37.66
N ILE C 123 -17.44 28.98 37.84
CA ILE C 123 -17.62 29.79 39.04
C ILE C 123 -18.86 30.69 38.91
N TYR C 124 -19.24 31.07 37.69
CA TYR C 124 -20.46 31.85 37.52
C TYR C 124 -21.68 31.06 37.97
N GLU C 125 -21.76 29.78 37.58
CA GLU C 125 -22.89 28.96 37.99
C GLU C 125 -22.84 28.63 39.48
N PHE C 126 -21.64 28.47 40.03
CA PHE C 126 -21.53 28.32 41.48
C PHE C 126 -21.99 29.58 42.20
N GLU C 127 -21.75 30.74 41.60
CA GLU C 127 -22.30 31.98 42.13
C GLU C 127 -23.82 31.99 42.03
N GLN C 128 -24.36 31.42 40.95
CA GLN C 128 -25.81 31.37 40.77
C GLN C 128 -26.46 30.46 41.82
N ALA C 129 -25.79 29.37 42.19
CA ALA C 129 -26.30 28.51 43.25
C ALA C 129 -26.36 29.25 44.57
N LEU C 130 -25.34 30.05 44.88
CA LEU C 130 -25.34 30.84 46.11
C LEU C 130 -26.45 31.88 46.09
N ARG C 131 -26.75 32.46 44.92
CA ARG C 131 -27.73 33.53 44.85
C ARG C 131 -29.16 33.00 44.76
N ASP C 132 -29.39 31.97 43.96
CA ASP C 132 -30.73 31.47 43.72
C ASP C 132 -31.10 30.28 44.61
N GLU C 133 -30.22 29.89 45.54
CA GLU C 133 -30.53 28.77 46.42
C GLU C 133 -30.04 28.97 47.85
N CYS C 134 -29.32 30.05 48.16
CA CYS C 134 -28.85 30.26 49.53
C CYS C 134 -28.86 31.73 49.94
N SER C 135 -29.60 32.58 49.22
CA SER C 135 -29.91 33.96 49.62
C SER C 135 -28.73 34.91 49.52
N TYR C 136 -27.72 34.62 48.70
CA TYR C 136 -26.56 35.48 48.62
C TYR C 136 -26.84 36.70 47.74
N THR C 137 -26.64 37.89 48.31
CA THR C 137 -26.77 39.14 47.56
C THR C 137 -25.46 39.91 47.45
N GLY C 138 -24.39 39.47 48.13
CA GLY C 138 -23.14 40.19 48.11
C GLY C 138 -22.35 40.04 46.81
N ASP C 139 -21.07 40.38 46.85
CA ASP C 139 -20.20 40.33 45.69
C ASP C 139 -19.39 39.04 45.70
N TYR C 140 -19.05 38.57 44.50
CA TYR C 140 -18.18 37.41 44.38
C TYR C 140 -16.74 37.81 44.74
N PRO C 141 -16.06 37.06 45.60
CA PRO C 141 -14.71 37.46 46.01
C PRO C 141 -13.60 36.76 45.25
N TYR C 142 -12.44 37.41 45.12
CA TYR C 142 -11.26 36.81 44.55
C TYR C 142 -10.11 36.87 45.54
N TRP C 143 -9.14 35.96 45.37
CA TRP C 143 -7.99 35.83 46.26
C TRP C 143 -6.75 36.33 45.54
N ASN C 144 -6.20 37.44 46.02
CA ASN C 144 -5.00 38.04 45.44
C ASN C 144 -3.78 37.33 46.01
N TRP C 145 -3.21 36.41 45.23
CA TRP C 145 -2.04 35.65 45.71
C TRP C 145 -0.87 36.56 46.05
N GLY C 146 -0.72 37.68 45.33
CA GLY C 146 0.42 38.54 45.55
C GLY C 146 0.48 39.12 46.95
N ALA C 147 -0.67 39.31 47.59
CA ALA C 147 -0.71 39.89 48.92
C ALA C 147 -0.25 38.91 50.00
N ASP C 148 -0.31 37.61 49.74
CA ASP C 148 -0.03 36.59 50.75
C ASP C 148 1.20 35.75 50.42
N ALA C 149 2.06 36.23 49.51
CA ALA C 149 3.26 35.49 49.16
C ALA C 149 4.33 35.55 50.24
N ASP C 150 4.19 36.43 51.24
CA ASP C 150 5.19 36.58 52.29
C ASP C 150 4.88 35.75 53.53
N ASN C 151 3.62 35.70 53.96
CA ASN C 151 3.20 34.80 55.03
C ASN C 151 1.75 34.38 54.73
N MET C 152 1.62 33.25 54.04
CA MET C 152 0.29 32.74 53.71
C MET C 152 -0.49 32.35 54.95
N GLU C 153 0.21 31.93 56.01
CA GLU C 153 -0.48 31.59 57.26
C GLU C 153 -1.18 32.79 57.88
N LYS C 154 -0.78 34.00 57.51
CA LYS C 154 -1.41 35.23 57.97
C LYS C 154 -2.42 35.79 56.96
N SER C 155 -2.80 35.00 55.97
CA SER C 155 -3.74 35.46 54.96
C SER C 155 -5.15 35.58 55.52
N GLN C 156 -5.93 36.49 54.95
CA GLN C 156 -7.34 36.58 55.30
C GLN C 156 -8.16 35.43 54.72
N VAL C 157 -7.58 34.65 53.82
CA VAL C 157 -8.28 33.47 53.29
C VAL C 157 -8.11 32.28 54.22
N PHE C 158 -6.92 32.12 54.80
CA PHE C 158 -6.63 30.98 55.69
C PHE C 158 -5.96 31.47 56.98
N ASP C 159 -6.65 32.31 57.74
CA ASP C 159 -6.17 32.65 59.07
C ASP C 159 -6.80 31.80 60.16
N GLY C 160 -7.79 30.97 59.82
CA GLY C 160 -8.44 30.12 60.78
C GLY C 160 -9.55 30.76 61.58
N SER C 161 -9.74 32.09 61.46
CA SER C 161 -10.74 32.78 62.24
C SER C 161 -12.11 32.63 61.57
N GLU C 162 -13.11 33.33 62.12
CA GLU C 162 -14.49 33.17 61.68
C GLU C 162 -14.76 33.79 60.30
N THR C 163 -13.82 34.57 59.76
CA THR C 163 -14.02 35.23 58.48
C THR C 163 -13.04 34.73 57.42
N SER C 164 -12.57 33.50 57.56
CA SER C 164 -11.67 32.87 56.59
C SER C 164 -12.37 31.65 56.00
N MET C 165 -11.69 31.02 55.03
CA MET C 165 -12.11 29.72 54.49
C MET C 165 -11.58 28.57 55.33
N SER C 166 -11.67 28.71 56.67
CA SER C 166 -10.91 27.90 57.61
C SER C 166 -9.41 28.14 57.40
N GLY C 167 -8.58 27.54 58.22
CA GLY C 167 -7.16 27.85 58.16
C GLY C 167 -6.28 26.70 57.76
N ASN C 168 -5.19 26.51 58.51
CA ASN C 168 -4.25 25.42 58.24
C ASN C 168 -4.76 24.12 58.86
N GLY C 169 -4.23 23.01 58.36
CA GLY C 169 -4.45 21.74 59.01
C GLY C 169 -3.54 21.56 60.21
N GLU C 170 -3.89 20.59 61.05
CA GLU C 170 -3.07 20.29 62.21
C GLU C 170 -1.66 19.86 61.77
N TYR C 171 -0.72 19.97 62.70
CA TYR C 171 0.69 19.82 62.38
C TYR C 171 1.08 18.34 62.39
N ILE C 172 1.37 17.80 61.20
CA ILE C 172 1.97 16.48 61.06
C ILE C 172 3.46 16.68 60.77
N PRO C 173 4.35 16.31 61.67
CA PRO C 173 5.77 16.62 61.49
C PRO C 173 6.48 15.63 60.57
N ASN C 174 7.73 15.98 60.24
CA ASN C 174 8.69 15.18 59.47
C ASN C 174 8.15 14.72 58.11
N GLN C 175 7.24 15.48 57.51
CA GLN C 175 6.73 15.14 56.19
C GLN C 175 7.81 15.31 55.12
N GLY C 176 7.75 14.46 54.10
CA GLY C 176 8.69 14.52 53.00
C GLY C 176 8.23 15.44 51.88
N ASP C 177 9.09 15.54 50.87
CA ASP C 177 8.85 16.46 49.76
C ASP C 177 7.71 15.96 48.87
N ILE C 178 7.11 16.90 48.15
CA ILE C 178 6.08 16.59 47.15
C ILE C 178 6.76 16.45 45.79
N LYS C 179 6.49 15.35 45.10
CA LYS C 179 7.09 15.05 43.81
C LYS C 179 6.00 15.14 42.74
N LEU C 180 5.90 16.30 42.10
CA LEU C 180 4.93 16.50 41.03
C LEU C 180 5.48 15.93 39.73
N LEU C 181 4.72 15.04 39.09
CA LEU C 181 5.14 14.38 37.87
C LEU C 181 4.06 14.55 36.79
N LEU C 182 4.50 14.84 35.58
CA LEU C 182 3.63 14.87 34.42
C LEU C 182 4.41 14.31 33.22
N GLY C 183 3.75 13.44 32.46
CA GLY C 183 4.44 12.76 31.37
C GLY C 183 5.60 11.95 31.92
N ASN C 184 6.77 12.10 31.31
CA ASN C 184 8.00 11.52 31.81
C ASN C 184 9.02 12.59 32.21
N TYR C 185 8.60 13.85 32.29
CA TYR C 185 9.51 14.90 32.74
C TYR C 185 9.93 14.65 34.18
N PRO C 186 11.12 15.08 34.57
CA PRO C 186 11.56 14.89 35.96
C PRO C 186 10.64 15.60 36.94
N ALA C 187 10.58 15.08 38.16
CA ALA C 187 9.65 15.57 39.15
C ALA C 187 9.95 17.01 39.53
N ILE C 188 8.94 17.70 40.05
CA ILE C 188 9.08 19.02 40.64
C ILE C 188 9.08 18.86 42.15
N ASP C 189 10.15 19.31 42.80
CA ASP C 189 10.31 19.14 44.24
C ASP C 189 9.72 20.35 44.97
N LEU C 190 8.76 20.08 45.85
CA LEU C 190 8.11 21.10 46.65
C LEU C 190 8.18 20.74 48.13
N PRO C 191 8.23 21.73 49.01
CA PRO C 191 8.22 21.45 50.45
C PRO C 191 6.82 21.08 50.90
N PRO C 192 6.70 20.34 52.02
CA PRO C 192 5.37 19.86 52.45
C PRO C 192 4.50 20.92 53.08
N GLY C 193 5.08 21.81 53.87
CA GLY C 193 4.33 22.88 54.51
C GLY C 193 4.26 22.71 56.02
N SER C 194 3.56 23.65 56.64
CA SER C 194 3.47 23.74 58.10
C SER C 194 2.25 23.02 58.67
N GLY C 195 1.50 22.29 57.84
CA GLY C 195 0.32 21.60 58.34
C GLY C 195 0.33 20.11 58.08
N GLY C 196 -0.68 19.62 57.38
CA GLY C 196 -0.74 18.21 57.03
C GLY C 196 -2.00 17.51 57.49
N GLY C 197 -2.48 17.84 58.68
CA GLY C 197 -3.65 17.20 59.26
C GLY C 197 -4.95 17.83 58.80
N CYS C 198 -6.02 17.45 59.50
CA CYS C 198 -7.33 18.00 59.20
C CYS C 198 -7.40 19.48 59.58
N VAL C 199 -8.30 20.20 58.93
CA VAL C 199 -8.62 21.57 59.33
C VAL C 199 -9.70 21.47 60.40
N THR C 200 -9.34 21.85 61.63
CA THR C 200 -10.26 21.85 62.75
C THR C 200 -10.47 23.28 63.26
N SER C 201 -10.29 24.25 62.38
CA SER C 201 -10.42 25.66 62.70
C SER C 201 -11.36 26.32 61.72
N GLY C 202 -12.02 27.38 62.17
CA GLY C 202 -12.82 28.21 61.31
C GLY C 202 -14.17 27.62 60.97
N PRO C 203 -14.88 28.26 60.04
CA PRO C 203 -16.29 27.92 59.80
C PRO C 203 -16.51 26.58 59.11
N PHE C 204 -15.48 25.94 58.57
CA PHE C 204 -15.65 24.73 57.78
C PHE C 204 -15.09 23.49 58.49
N LYS C 205 -15.04 23.51 59.83
CA LYS C 205 -14.46 22.37 60.54
C LYS C 205 -15.40 21.16 60.51
N ASP C 206 -16.70 21.39 60.46
CA ASP C 206 -17.66 20.30 60.34
C ASP C 206 -17.90 19.87 58.90
N TYR C 207 -17.20 20.48 57.95
CA TYR C 207 -17.37 20.15 56.55
C TYR C 207 -16.77 18.78 56.24
N LYS C 208 -17.58 17.90 55.66
CA LYS C 208 -17.18 16.52 55.37
C LYS C 208 -17.04 16.37 53.85
N LEU C 209 -15.80 16.25 53.39
CA LEU C 209 -15.52 15.95 51.99
C LEU C 209 -15.97 14.53 51.68
N ASN C 210 -16.60 14.34 50.51
CA ASN C 210 -17.25 13.08 50.20
C ASN C 210 -16.72 12.37 48.96
N LEU C 211 -16.00 13.05 48.08
CA LEU C 211 -15.55 12.44 46.83
C LEU C 211 -14.03 12.40 46.77
N GLY C 212 -13.52 11.47 45.98
CA GLY C 212 -12.09 11.30 45.80
C GLY C 212 -11.50 10.34 46.82
N PRO C 213 -10.17 10.25 46.85
CA PRO C 213 -9.28 10.98 45.94
C PRO C 213 -9.14 10.30 44.58
N ALA C 214 -9.09 11.09 43.52
CA ALA C 214 -8.89 10.55 42.18
C ALA C 214 -7.42 10.48 41.80
N ALA C 215 -6.61 11.41 42.32
CA ALA C 215 -5.17 11.44 42.07
C ALA C 215 -4.52 12.41 43.04
N LEU C 216 -4.26 11.96 44.27
CA LEU C 216 -3.81 12.83 45.35
C LEU C 216 -2.32 12.62 45.60
N SER C 217 -1.53 13.64 45.34
CA SER C 217 -0.09 13.59 45.64
C SER C 217 0.12 13.77 47.13
N LEU C 218 1.03 12.98 47.69
CA LEU C 218 1.30 12.94 49.12
C LEU C 218 2.77 13.20 49.40
N PRO C 219 3.11 13.64 50.60
CA PRO C 219 4.52 13.76 50.98
C PRO C 219 5.26 12.44 50.78
N GLY C 220 6.49 12.54 50.29
CA GLY C 220 7.29 11.37 49.98
C GLY C 220 7.39 11.12 48.49
N GLY C 221 6.27 11.21 47.80
CA GLY C 221 6.19 10.93 46.39
C GLY C 221 5.21 9.87 45.92
N ASN C 222 4.40 9.20 46.74
CA ASN C 222 3.33 8.34 46.20
C ASN C 222 2.15 9.20 45.85
N MET C 223 1.09 8.50 45.47
CA MET C 223 -0.16 9.09 45.05
C MET C 223 -1.29 8.14 45.40
N THR C 224 -2.29 8.65 46.14
CA THR C 224 -3.46 7.87 46.54
C THR C 224 -4.61 8.16 45.57
N ALA C 225 -5.01 7.14 44.82
CA ALA C 225 -6.15 7.22 43.91
C ALA C 225 -7.16 6.15 44.26
N ALA C 226 -8.45 6.50 44.17
CA ALA C 226 -9.52 5.56 44.46
C ALA C 226 -9.92 4.82 43.20
N ALA C 227 -10.31 3.55 43.38
CA ALA C 227 -10.78 2.74 42.26
C ALA C 227 -11.97 3.40 41.57
N ASN C 228 -12.76 4.17 42.31
CA ASN C 228 -13.81 5.01 41.73
C ASN C 228 -13.93 6.25 42.59
N PRO C 229 -13.40 7.39 42.13
CA PRO C 229 -13.40 8.60 42.98
C PRO C 229 -14.76 9.23 43.17
N LEU C 230 -15.79 8.76 42.46
CA LEU C 230 -17.14 9.29 42.62
C LEU C 230 -17.98 8.50 43.61
N THR C 231 -17.39 7.50 44.28
CA THR C 231 -18.12 6.77 45.31
C THR C 231 -18.04 7.52 46.64
N TYR C 232 -18.77 7.01 47.64
CA TYR C 232 -18.85 7.67 48.93
C TYR C 232 -17.58 7.40 49.74
N ASN C 233 -16.96 8.48 50.21
CA ASN C 233 -15.72 8.39 50.99
C ASN C 233 -15.64 9.60 51.91
N PRO C 234 -16.51 9.68 52.92
CA PRO C 234 -16.52 10.87 53.78
C PRO C 234 -15.28 10.94 54.64
N ARG C 235 -14.66 12.12 54.69
CA ARG C 235 -13.42 12.31 55.41
C ARG C 235 -13.22 13.81 55.64
N CYS C 236 -12.26 14.11 56.51
CA CYS C 236 -11.94 15.50 56.82
C CYS C 236 -11.21 16.15 55.65
N MET C 237 -11.40 17.46 55.50
CA MET C 237 -10.63 18.24 54.54
C MET C 237 -9.30 18.61 55.17
N LYS C 238 -8.21 18.37 54.45
CA LYS C 238 -6.87 18.60 54.96
C LYS C 238 -6.20 19.74 54.21
N ARG C 239 -5.29 20.41 54.90
CA ARG C 239 -4.54 21.53 54.33
C ARG C 239 -3.12 21.51 54.87
N SER C 240 -2.21 22.09 54.08
CA SER C 240 -0.81 22.27 54.51
C SER C 240 -0.30 23.53 53.79
N LEU C 241 -0.58 24.68 54.39
CA LEU C 241 -0.21 25.95 53.80
C LEU C 241 1.31 26.03 53.64
N THR C 242 1.74 26.44 52.45
CA THR C 242 3.15 26.43 52.06
C THR C 242 3.47 27.78 51.42
N THR C 243 4.00 28.71 52.22
CA THR C 243 4.31 30.03 51.71
C THR C 243 5.39 29.99 50.62
N GLU C 244 6.35 29.06 50.74
CA GLU C 244 7.42 28.98 49.76
C GLU C 244 6.89 28.73 48.36
N ILE C 245 5.77 28.02 48.22
CA ILE C 245 5.20 27.78 46.90
C ILE C 245 4.67 29.08 46.31
N LEU C 246 3.88 29.83 47.08
CA LEU C 246 3.40 31.13 46.61
C LEU C 246 4.56 32.06 46.30
N GLN C 247 5.71 31.86 46.94
CA GLN C 247 6.85 32.72 46.69
C GLN C 247 7.54 32.40 45.36
N ARG C 248 7.52 31.14 44.94
CA ARG C 248 8.15 30.78 43.68
C ARG C 248 7.26 31.12 42.49
N TYR C 249 5.94 31.16 42.68
CA TYR C 249 5.02 31.18 41.54
C TYR C 249 3.88 32.18 41.64
N ASN C 250 3.72 32.90 42.75
CA ASN C 250 2.51 33.70 42.94
C ASN C 250 2.77 35.12 43.42
N THR C 251 4.01 35.58 43.48
CA THR C 251 4.29 36.94 43.89
C THR C 251 3.79 37.93 42.83
N PHE C 252 3.95 39.22 43.13
CA PHE C 252 3.47 40.27 42.23
C PHE C 252 4.27 40.34 40.94
N PRO C 253 5.61 40.19 40.96
CA PRO C 253 6.34 40.11 39.68
C PRO C 253 5.82 39.05 38.73
N LYS C 254 5.57 37.82 39.22
CA LYS C 254 5.17 36.73 38.34
C LYS C 254 3.77 36.97 37.77
N ILE C 255 2.87 37.56 38.56
CA ILE C 255 1.52 37.83 38.07
C ILE C 255 1.55 38.83 36.92
N VAL C 256 2.25 39.95 37.12
CA VAL C 256 2.28 41.01 36.11
C VAL C 256 3.07 40.55 34.89
N GLU C 257 4.18 39.85 35.11
CA GLU C 257 4.96 39.35 33.98
C GLU C 257 4.18 38.29 33.20
N LEU C 258 3.24 37.60 33.86
CA LEU C 258 2.40 36.64 33.15
C LEU C 258 1.50 37.32 32.11
N ILE C 259 1.11 38.57 32.37
CA ILE C 259 0.23 39.28 31.43
C ILE C 259 1.05 40.14 30.47
N LEU C 260 2.13 40.75 30.95
CA LEU C 260 2.87 41.70 30.12
C LEU C 260 3.71 41.03 29.04
N ASP C 261 4.09 39.76 29.23
CA ASP C 261 4.97 39.08 28.29
C ASP C 261 4.33 37.88 27.62
N SER C 262 3.01 37.72 27.73
CA SER C 262 2.28 36.66 27.04
C SER C 262 1.56 37.29 25.85
N ASP C 263 2.03 36.98 24.64
CA ASP C 263 1.55 37.65 23.45
C ASP C 263 0.23 37.06 22.94
N ASP C 264 0.13 35.73 22.92
CA ASP C 264 -1.03 35.06 22.37
C ASP C 264 -1.75 34.25 23.46
N ILE C 265 -2.92 33.72 23.09
CA ILE C 265 -3.72 32.99 24.07
C ILE C 265 -3.05 31.66 24.43
N TRP C 266 -2.24 31.09 23.54
CA TRP C 266 -1.53 29.87 23.88
C TRP C 266 -0.48 30.12 24.96
N ASP C 267 0.36 31.12 24.75
CA ASP C 267 1.42 31.40 25.73
C ASP C 267 0.84 31.79 27.08
N PHE C 268 -0.28 32.52 27.08
CA PHE C 268 -0.85 33.00 28.35
C PHE C 268 -1.41 31.84 29.17
N GLN C 269 -2.22 30.97 28.55
CA GLN C 269 -2.80 29.87 29.31
C GLN C 269 -1.78 28.80 29.65
N MET C 270 -0.74 28.64 28.83
CA MET C 270 0.30 27.67 29.14
C MET C 270 1.21 28.18 30.26
N THR C 271 1.56 29.46 30.24
CA THR C 271 2.36 30.03 31.33
C THR C 271 1.56 30.04 32.63
N MET C 272 0.26 30.34 32.56
CA MET C 272 -0.58 30.32 33.74
C MET C 272 -0.70 28.91 34.30
N GLN C 273 -0.98 27.92 33.45
CA GLN C 273 -1.11 26.54 33.88
C GLN C 273 0.23 25.88 34.17
N GLY C 274 1.33 26.48 33.73
CA GLY C 274 2.64 25.87 33.90
C GLY C 274 3.01 24.98 32.72
N VAL C 275 4.10 25.34 32.05
CA VAL C 275 4.52 24.59 30.86
C VAL C 275 5.21 23.30 31.31
N PRO C 276 4.80 22.14 30.81
CA PRO C 276 5.42 20.88 31.25
C PRO C 276 6.89 20.83 30.92
N GLY C 277 7.66 20.22 31.81
CA GLY C 277 9.09 20.11 31.63
C GLY C 277 9.87 21.38 31.84
N SER C 278 9.21 22.46 32.27
CA SER C 278 9.88 23.72 32.53
C SER C 278 10.27 23.91 33.99
N GLY C 279 9.62 23.20 34.91
CA GLY C 279 9.78 23.42 36.32
C GLY C 279 8.80 24.40 36.93
N SER C 280 8.07 25.14 36.11
CA SER C 280 7.10 26.12 36.58
C SER C 280 5.71 25.51 36.55
N ILE C 281 4.96 25.70 37.65
CA ILE C 281 3.54 25.34 37.69
C ILE C 281 2.65 26.56 37.59
N GLY C 282 3.22 27.74 37.36
CA GLY C 282 2.48 28.96 37.16
C GLY C 282 1.64 29.37 38.38
N VAL C 283 0.84 30.41 38.15
CA VAL C 283 -0.05 30.89 39.20
C VAL C 283 -1.15 29.87 39.48
N HIS C 284 -1.64 29.20 38.43
CA HIS C 284 -2.73 28.24 38.60
C HIS C 284 -2.30 27.04 39.43
N GLY C 285 -1.06 26.61 39.31
CA GLY C 285 -0.55 25.49 40.09
C GLY C 285 -0.05 25.93 41.45
N GLY C 286 0.53 27.13 41.51
CA GLY C 286 0.99 27.65 42.79
C GLY C 286 -0.16 27.91 43.76
N GLY C 287 -1.29 28.36 43.23
CA GLY C 287 -2.44 28.61 44.09
C GLY C 287 -3.01 27.33 44.68
N HIS C 288 -3.16 26.30 43.85
CA HIS C 288 -3.68 25.02 44.33
C HIS C 288 -2.71 24.38 45.32
N TYR C 289 -1.46 24.16 44.88
CA TYR C 289 -0.51 23.40 45.68
C TYR C 289 -0.02 24.16 46.92
N SER C 290 -0.29 25.46 47.02
CA SER C 290 0.02 26.17 48.25
C SER C 290 -0.94 25.80 49.38
N MET C 291 -2.09 25.22 49.06
CA MET C 291 -3.05 24.84 50.09
C MET C 291 -2.66 23.53 50.78
N GLY C 292 -1.99 22.63 50.07
CA GLY C 292 -1.61 21.35 50.64
C GLY C 292 -2.79 20.42 50.82
N GLY C 293 -2.54 19.35 51.56
CA GLY C 293 -3.52 18.38 52.02
C GLY C 293 -4.38 17.81 50.90
N ASP C 294 -5.60 17.45 51.28
CA ASP C 294 -6.60 16.86 50.40
C ASP C 294 -7.88 17.69 50.52
N PRO C 295 -8.51 18.08 49.41
CA PRO C 295 -8.23 17.79 48.00
C PRO C 295 -7.26 18.77 47.33
N GLY C 296 -6.36 19.37 48.12
CA GLY C 296 -5.50 20.40 47.58
C GLY C 296 -4.59 19.91 46.47
N ARG C 297 -3.94 18.77 46.69
CA ARG C 297 -2.99 18.21 45.73
C ARG C 297 -3.64 17.17 44.83
N ASP C 298 -4.90 17.38 44.46
CA ASP C 298 -5.66 16.46 43.60
C ASP C 298 -6.33 17.29 42.52
N VAL C 299 -5.85 17.16 41.28
CA VAL C 299 -6.35 17.97 40.17
C VAL C 299 -7.80 17.66 39.83
N TYR C 300 -8.27 16.45 40.15
CA TYR C 300 -9.65 16.10 39.83
C TYR C 300 -10.64 16.71 40.82
N VAL C 301 -10.37 16.55 42.11
CA VAL C 301 -11.32 16.85 43.16
C VAL C 301 -11.00 18.18 43.85
N SER C 302 -10.18 19.02 43.22
CA SER C 302 -9.78 20.28 43.85
C SER C 302 -10.93 21.22 44.20
N PRO C 303 -12.07 21.26 43.49
CA PRO C 303 -13.20 22.08 43.97
C PRO C 303 -13.67 21.70 45.36
N GLY C 304 -13.31 20.51 45.87
CA GLY C 304 -13.67 20.14 47.22
C GLY C 304 -13.08 21.02 48.29
N ASP C 305 -12.03 21.77 47.95
CA ASP C 305 -11.47 22.77 48.86
C ASP C 305 -12.21 24.08 48.68
N THR C 306 -12.48 24.76 49.80
CA THR C 306 -13.32 25.95 49.78
C THR C 306 -12.62 27.16 49.17
N ALA C 307 -11.29 27.17 49.11
CA ALA C 307 -10.57 28.27 48.50
C ALA C 307 -10.53 28.19 46.98
N PHE C 308 -11.05 27.10 46.40
CA PHE C 308 -11.06 26.94 44.95
C PHE C 308 -11.73 28.13 44.26
N TRP C 309 -12.88 28.55 44.79
CA TRP C 309 -13.66 29.60 44.13
C TRP C 309 -13.00 30.96 44.23
N LEU C 310 -12.32 31.23 45.34
CA LEU C 310 -11.56 32.48 45.45
C LEU C 310 -10.31 32.44 44.59
N HIS C 311 -9.70 31.26 44.46
CA HIS C 311 -8.51 31.13 43.62
C HIS C 311 -8.84 31.24 42.14
N HIS C 312 -10.02 30.76 41.74
CA HIS C 312 -10.42 30.84 40.34
C HIS C 312 -11.11 32.16 40.00
N GLY C 313 -11.50 32.95 40.99
CA GLY C 313 -11.84 34.34 40.71
C GLY C 313 -10.63 35.14 40.30
N MET C 314 -9.47 34.84 40.87
CA MET C 314 -8.23 35.51 40.48
C MET C 314 -7.68 34.98 39.17
N ILE C 315 -7.93 33.71 38.85
CA ILE C 315 -7.60 33.21 37.52
C ILE C 315 -8.47 33.90 36.48
N ASP C 316 -9.74 34.10 36.79
CA ASP C 316 -10.66 34.74 35.84
C ASP C 316 -10.34 36.21 35.68
N ARG C 317 -9.93 36.90 36.76
CA ARG C 317 -9.59 38.31 36.66
C ARG C 317 -8.33 38.52 35.83
N VAL C 318 -7.33 37.66 36.01
CA VAL C 318 -6.09 37.79 35.25
C VAL C 318 -6.36 37.61 33.76
N TRP C 319 -7.15 36.58 33.42
CA TRP C 319 -7.57 36.40 32.03
C TRP C 319 -8.39 37.59 31.54
N TRP C 320 -9.04 38.30 32.46
CA TRP C 320 -9.90 39.42 32.09
C TRP C 320 -9.09 40.69 31.80
N ILE C 321 -8.04 40.95 32.60
CA ILE C 321 -7.16 42.08 32.30
C ILE C 321 -6.44 41.86 30.98
N TRP C 322 -5.89 40.66 30.79
CA TRP C 322 -5.17 40.35 29.56
C TRP C 322 -6.05 40.48 28.34
N GLN C 323 -7.32 40.09 28.44
CA GLN C 323 -8.25 40.24 27.33
C GLN C 323 -8.43 41.71 26.97
N ASN C 324 -8.65 42.56 27.96
CA ASN C 324 -8.96 43.97 27.73
C ASN C 324 -7.73 44.81 27.40
N LEU C 325 -6.53 44.23 27.41
CA LEU C 325 -5.35 45.00 27.03
C LEU C 325 -5.21 45.14 25.52
N ASP C 326 -5.77 44.18 24.76
CA ASP C 326 -5.79 44.21 23.30
C ASP C 326 -7.09 43.51 22.88
N LEU C 327 -8.19 44.26 23.00
CA LEU C 327 -9.52 43.65 23.02
C LEU C 327 -9.90 43.08 21.66
N ARG C 328 -9.72 43.85 20.59
CA ARG C 328 -10.15 43.39 19.27
C ARG C 328 -9.36 42.17 18.79
N LYS C 329 -8.21 41.88 19.42
CA LYS C 329 -7.41 40.72 19.08
C LYS C 329 -7.59 39.57 20.07
N ARG C 330 -7.78 39.87 21.36
CA ARG C 330 -7.74 38.87 22.41
C ARG C 330 -9.10 38.55 23.00
N GLN C 331 -10.19 39.11 22.45
CA GLN C 331 -11.50 38.89 23.06
C GLN C 331 -11.96 37.44 22.89
N ASN C 332 -11.97 36.94 21.65
CA ASN C 332 -12.42 35.59 21.36
C ASN C 332 -11.27 34.67 20.93
N ALA C 333 -10.09 34.86 21.52
CA ALA C 333 -8.91 34.10 21.12
C ALA C 333 -8.92 32.71 21.77
N ILE C 334 -8.82 31.67 20.95
CA ILE C 334 -8.81 30.29 21.41
C ILE C 334 -7.58 29.59 20.85
N SER C 335 -6.99 28.71 21.65
CA SER C 335 -5.89 27.86 21.22
C SER C 335 -5.91 26.59 22.05
N GLY C 336 -5.54 25.48 21.43
CA GLY C 336 -5.54 24.18 22.07
C GLY C 336 -6.66 23.30 21.55
N THR C 337 -6.72 22.09 22.09
CA THR C 337 -7.69 21.11 21.64
C THR C 337 -8.66 20.74 22.77
N GLY C 338 -9.35 19.61 22.62
CA GLY C 338 -10.34 19.17 23.58
C GLY C 338 -9.92 18.08 24.53
N THR C 339 -8.65 17.69 24.54
CA THR C 339 -8.16 16.67 25.44
C THR C 339 -6.92 17.18 26.18
N PHE C 340 -6.68 16.58 27.35
CA PHE C 340 -5.56 16.94 28.21
C PHE C 340 -4.24 16.91 27.44
N MET C 341 -3.65 18.08 27.20
CA MET C 341 -2.39 18.21 26.49
C MET C 341 -2.46 17.60 25.09
N ASN C 342 -3.67 17.53 24.52
CA ASN C 342 -3.90 16.88 23.23
C ASN C 342 -3.45 15.42 23.25
N ASN C 343 -3.64 14.76 24.39
CA ASN C 343 -3.34 13.34 24.53
C ASN C 343 -4.61 12.59 24.89
N PRO C 344 -5.20 11.82 23.97
CA PRO C 344 -4.79 11.66 22.56
C PRO C 344 -5.22 12.85 21.70
N ALA C 345 -4.74 12.89 20.46
CA ALA C 345 -5.05 14.01 19.58
C ALA C 345 -6.55 14.15 19.39
N SER C 346 -7.01 15.40 19.35
CA SER C 346 -8.41 15.73 19.18
C SER C 346 -8.50 17.00 18.35
N PRO C 347 -9.67 17.31 17.79
CA PRO C 347 -9.80 18.53 16.99
C PRO C 347 -9.60 19.77 17.84
N ASN C 348 -9.26 20.86 17.14
CA ASN C 348 -9.08 22.15 17.80
C ASN C 348 -10.37 22.63 18.44
N THR C 349 -10.24 23.43 19.48
CA THR C 349 -11.39 24.11 20.06
C THR C 349 -11.73 25.33 19.20
N THR C 350 -12.99 25.41 18.78
CA THR C 350 -13.49 26.53 18.01
C THR C 350 -14.53 27.30 18.83
N LEU C 351 -15.09 28.35 18.22
CA LEU C 351 -16.14 29.10 18.87
C LEU C 351 -17.43 28.28 19.02
N ASP C 352 -17.55 27.17 18.29
CA ASP C 352 -18.74 26.34 18.33
C ASP C 352 -18.67 25.23 19.37
N THR C 353 -17.50 25.00 19.98
CA THR C 353 -17.37 23.94 20.96
C THR C 353 -18.34 24.16 22.12
N VAL C 354 -18.97 23.09 22.56
CA VAL C 354 -19.99 23.14 23.61
C VAL C 354 -19.43 22.47 24.85
N ILE C 355 -19.52 23.17 25.98
CA ILE C 355 -19.21 22.60 27.29
C ILE C 355 -20.47 22.60 28.12
N ASP C 356 -20.46 21.80 29.19
CA ASP C 356 -21.54 21.76 30.14
C ASP C 356 -20.96 21.53 31.53
N LEU C 357 -21.83 21.60 32.53
CA LEU C 357 -21.46 21.30 33.91
C LEU C 357 -22.29 20.15 34.46
N GLY C 358 -22.73 19.26 33.58
CA GLY C 358 -23.53 18.12 34.02
C GLY C 358 -24.78 18.56 34.74
N TYR C 359 -24.99 18.00 35.92
CA TYR C 359 -26.14 18.32 36.75
C TYR C 359 -25.84 19.42 37.78
N ALA C 360 -24.60 19.93 37.82
CA ALA C 360 -24.22 20.89 38.85
C ALA C 360 -25.07 22.16 38.76
N ASN C 361 -25.10 22.77 37.58
CA ASN C 361 -25.87 24.00 37.37
C ASN C 361 -25.89 24.32 35.87
N GLY C 362 -26.91 25.07 35.47
CA GLY C 362 -27.02 25.56 34.12
C GLY C 362 -27.16 24.46 33.07
N GLY C 363 -26.93 24.86 31.81
CA GLY C 363 -27.04 23.95 30.70
C GLY C 363 -25.90 24.12 29.71
N PRO C 364 -25.92 23.33 28.63
CA PRO C 364 -24.85 23.41 27.64
C PRO C 364 -24.78 24.78 26.99
N ILE C 365 -23.58 25.35 26.98
CA ILE C 365 -23.34 26.67 26.43
C ILE C 365 -22.20 26.58 25.42
N ALA C 366 -22.28 27.41 24.37
CA ALA C 366 -21.25 27.43 23.35
C ALA C 366 -20.09 28.34 23.78
N MET C 367 -18.92 28.08 23.18
CA MET C 367 -17.71 28.81 23.56
C MET C 367 -17.83 30.30 23.25
N ARG C 368 -18.51 30.66 22.17
CA ARG C 368 -18.56 32.07 21.78
C ARG C 368 -19.33 32.91 22.79
N ASP C 369 -20.25 32.31 23.53
CA ASP C 369 -21.03 33.04 24.54
C ASP C 369 -20.27 33.23 25.85
N LEU C 370 -19.02 32.77 25.94
CA LEU C 370 -18.27 32.80 27.19
C LEU C 370 -17.04 33.70 27.16
N MET C 371 -16.67 34.25 26.01
CA MET C 371 -15.41 34.97 25.89
C MET C 371 -15.45 36.37 26.48
N SER C 372 -16.62 36.89 26.85
CA SER C 372 -16.74 38.23 27.39
C SER C 372 -17.51 38.19 28.70
N THR C 373 -16.99 38.89 29.71
CA THR C 373 -17.69 39.04 30.98
C THR C 373 -18.89 39.98 30.88
N THR C 374 -19.14 40.54 29.70
CA THR C 374 -20.27 41.45 29.48
C THR C 374 -21.11 41.01 28.29
N ALA C 375 -21.17 39.69 28.04
CA ALA C 375 -21.96 39.15 26.95
C ALA C 375 -22.44 37.76 27.35
N GLY C 376 -23.42 37.25 26.61
CA GLY C 376 -23.99 35.95 26.88
C GLY C 376 -24.69 35.93 28.22
N PRO C 377 -24.25 35.04 29.12
CA PRO C 377 -24.81 35.02 30.48
C PRO C 377 -24.12 35.97 31.44
N PHE C 378 -23.05 36.63 31.01
CA PHE C 378 -22.17 37.37 31.91
C PHE C 378 -22.50 38.86 31.91
N CYS C 379 -22.31 39.47 33.07
CA CYS C 379 -22.50 40.91 33.25
C CYS C 379 -21.81 41.33 34.54
N TYR C 380 -20.48 41.34 34.54
CA TYR C 380 -19.71 41.62 35.74
C TYR C 380 -18.35 42.18 35.37
N VAL C 381 -17.73 42.88 36.33
CA VAL C 381 -16.42 43.49 36.16
C VAL C 381 -15.64 43.34 37.46
N TYR C 382 -14.33 43.19 37.34
CA TYR C 382 -13.44 43.07 38.50
C TYR C 382 -12.98 44.45 38.95
N LEU C 383 -13.21 44.75 40.23
CA LEU C 383 -12.66 45.94 40.84
C LEU C 383 -11.65 45.54 41.91
N THR D 5 17.08 -40.59 -61.15
CA THR D 5 17.19 -39.15 -60.96
C THR D 5 16.02 -38.64 -60.10
N LEU D 6 16.17 -37.43 -59.53
CA LEU D 6 15.24 -36.98 -58.50
C LEU D 6 14.17 -36.05 -59.07
N PRO D 7 13.02 -35.99 -58.41
CA PRO D 7 11.98 -35.02 -58.82
C PRO D 7 12.48 -33.60 -58.76
N THR D 8 11.96 -32.77 -59.66
CA THR D 8 12.38 -31.38 -59.83
C THR D 8 11.33 -30.40 -59.33
N THR D 9 10.06 -30.60 -59.71
CA THR D 9 8.96 -29.80 -59.21
C THR D 9 7.90 -30.74 -58.63
N ALA D 10 7.05 -30.18 -57.78
CA ALA D 10 5.96 -30.95 -57.19
C ALA D 10 4.85 -31.18 -58.21
N SER D 11 4.15 -32.30 -58.05
CA SER D 11 3.10 -32.68 -58.98
C SER D 11 1.74 -32.20 -58.48
N SER D 12 0.88 -31.82 -59.43
CA SER D 12 -0.49 -31.46 -59.13
C SER D 12 -1.40 -32.67 -58.95
N SER D 13 -0.89 -33.87 -59.19
CA SER D 13 -1.63 -35.11 -58.97
C SER D 13 -1.20 -35.72 -57.65
N THR D 14 -2.19 -36.20 -56.89
CA THR D 14 -1.94 -36.63 -55.51
C THR D 14 -1.12 -37.92 -55.47
N ALA D 15 -1.37 -38.84 -56.41
CA ALA D 15 -0.63 -40.10 -56.41
C ALA D 15 0.83 -39.88 -56.80
N VAL D 16 1.07 -39.05 -57.82
CA VAL D 16 2.44 -38.79 -58.26
C VAL D 16 3.23 -38.08 -57.17
N ALA D 17 2.58 -37.18 -56.44
CA ALA D 17 3.26 -36.47 -55.36
C ALA D 17 3.70 -37.44 -54.27
N SER D 18 2.90 -38.48 -54.00
CA SER D 18 3.31 -39.49 -53.04
C SER D 18 4.53 -40.26 -53.52
N SER D 19 4.62 -40.50 -54.83
CA SER D 19 5.77 -41.20 -55.38
C SER D 19 7.04 -40.36 -55.27
N GLN D 20 6.93 -39.07 -55.61
CA GLN D 20 8.07 -38.17 -55.47
C GLN D 20 8.54 -38.11 -54.03
N LEU D 21 7.60 -37.94 -53.09
CA LEU D 21 7.94 -37.90 -51.68
C LEU D 21 8.66 -39.18 -51.25
N ASP D 22 8.14 -40.33 -51.69
CA ASP D 22 8.80 -41.60 -51.40
C ASP D 22 10.23 -41.61 -51.96
N GLN D 23 10.38 -41.22 -53.23
CA GLN D 23 11.70 -41.20 -53.85
C GLN D 23 12.62 -40.19 -53.19
N LEU D 24 12.07 -39.08 -52.69
CA LEU D 24 12.89 -38.12 -51.95
C LEU D 24 13.25 -38.68 -50.57
N ALA D 25 12.32 -39.41 -49.94
CA ALA D 25 12.63 -40.04 -48.66
C ALA D 25 13.64 -41.17 -48.82
N ASN D 26 13.61 -41.87 -49.96
CA ASN D 26 14.61 -42.91 -50.20
C ASN D 26 15.99 -42.30 -50.43
N PHE D 27 16.04 -41.15 -51.12
CA PHE D 27 17.31 -40.45 -51.27
C PHE D 27 17.83 -39.97 -49.93
N ALA D 28 16.94 -39.49 -49.07
CA ALA D 28 17.36 -39.03 -47.75
C ALA D 28 17.85 -40.19 -46.89
N TYR D 29 17.12 -41.32 -46.91
CA TYR D 29 17.55 -42.49 -46.15
C TYR D 29 18.89 -43.01 -46.66
N ASN D 30 19.13 -42.89 -47.97
CA ASN D 30 20.36 -43.41 -48.55
C ASN D 30 21.57 -42.58 -48.13
N VAL D 31 21.44 -41.25 -48.22
CA VAL D 31 22.57 -40.36 -47.91
C VAL D 31 23.02 -40.53 -46.47
N THR D 32 22.06 -40.73 -45.56
CA THR D 32 22.40 -40.78 -44.13
C THR D 32 23.08 -42.09 -43.76
N THR D 33 22.59 -43.21 -44.30
CA THR D 33 23.14 -44.51 -43.89
C THR D 33 24.52 -44.75 -44.49
N ASP D 34 24.81 -44.19 -45.66
CA ASP D 34 26.10 -44.42 -46.30
C ASP D 34 27.23 -43.63 -45.64
N SER D 35 26.90 -42.54 -44.94
CA SER D 35 27.93 -41.74 -44.29
C SER D 35 28.34 -42.34 -42.95
N VAL D 36 27.38 -42.82 -42.17
CA VAL D 36 27.63 -43.26 -40.80
C VAL D 36 28.54 -44.49 -40.80
N ALA D 37 29.37 -44.60 -39.77
CA ALA D 37 30.20 -45.78 -39.56
C ALA D 37 29.44 -46.84 -38.78
N GLY D 46 29.93 -42.03 -31.56
CA GLY D 46 29.02 -42.84 -30.78
C GLY D 46 27.82 -43.34 -31.58
N CYS D 47 27.75 -42.94 -32.85
CA CYS D 47 26.67 -43.31 -33.74
C CYS D 47 27.22 -44.22 -34.84
N THR D 48 26.66 -45.42 -34.93
CA THR D 48 27.06 -46.40 -35.94
C THR D 48 25.84 -46.87 -36.71
N LEU D 49 26.08 -47.70 -37.72
CA LEU D 49 24.97 -48.35 -38.43
C LEU D 49 24.21 -49.32 -37.53
N GLN D 50 24.82 -49.76 -36.43
CA GLN D 50 24.26 -50.82 -35.61
C GLN D 50 23.32 -50.31 -34.52
N ASN D 51 23.50 -49.07 -34.05
CA ASN D 51 22.56 -48.47 -33.11
C ASN D 51 21.79 -47.32 -33.74
N LEU D 52 21.82 -47.21 -35.07
CA LEU D 52 21.03 -46.21 -35.79
C LEU D 52 19.56 -46.60 -35.72
N ARG D 53 18.80 -45.90 -34.88
CA ARG D 53 17.39 -46.20 -34.72
C ARG D 53 16.61 -45.76 -35.96
N VAL D 54 15.43 -46.34 -36.13
CA VAL D 54 14.58 -46.12 -37.30
C VAL D 54 13.21 -45.67 -36.83
N ARG D 55 12.72 -44.57 -37.39
CA ARG D 55 11.37 -44.09 -37.16
C ARG D 55 10.51 -44.42 -38.37
N ARG D 56 9.28 -44.88 -38.12
CA ARG D 56 8.45 -45.48 -39.15
C ARG D 56 7.06 -44.88 -39.14
N ASP D 57 6.38 -45.03 -40.28
CA ASP D 57 5.01 -44.57 -40.42
C ASP D 57 4.10 -45.34 -39.46
N TRP D 58 3.20 -44.60 -38.79
CA TRP D 58 2.27 -45.20 -37.84
C TRP D 58 1.43 -46.30 -38.50
N ARG D 59 1.29 -46.30 -39.82
CA ARG D 59 0.61 -47.39 -40.50
C ARG D 59 1.52 -48.61 -40.65
N ALA D 60 2.83 -48.42 -40.69
CA ALA D 60 3.76 -49.54 -40.69
C ALA D 60 3.84 -50.21 -39.32
N PHE D 61 3.19 -49.64 -38.31
CA PHE D 61 3.15 -50.26 -36.99
C PHE D 61 2.13 -51.38 -36.96
N SER D 62 2.51 -52.50 -36.36
CA SER D 62 1.55 -53.56 -36.11
C SER D 62 0.63 -53.17 -34.96
N LYS D 63 -0.53 -53.82 -34.90
CA LYS D 63 -1.50 -53.48 -33.86
C LYS D 63 -1.04 -53.92 -32.48
N THR D 64 0.06 -54.67 -32.38
CA THR D 64 0.74 -54.90 -31.11
C THR D 64 1.80 -53.84 -30.86
N GLN D 65 2.51 -53.42 -31.91
CA GLN D 65 3.49 -52.34 -31.78
C GLN D 65 2.81 -51.02 -31.43
N LYS D 66 1.58 -50.81 -31.92
CA LYS D 66 0.84 -49.60 -31.57
C LYS D 66 0.54 -49.55 -30.07
N LYS D 67 0.14 -50.70 -29.49
CA LYS D 67 -0.22 -50.72 -28.08
C LYS D 67 0.97 -50.50 -27.17
N ASP D 68 2.17 -50.92 -27.61
CA ASP D 68 3.37 -50.68 -26.80
C ASP D 68 3.65 -49.20 -26.65
N TYR D 69 3.59 -48.46 -27.75
CA TYR D 69 3.78 -47.01 -27.70
C TYR D 69 2.68 -46.35 -26.89
N ILE D 70 1.43 -46.70 -27.16
CA ILE D 70 0.30 -46.13 -26.43
C ILE D 70 0.42 -46.42 -24.95
N ASN D 71 0.78 -47.66 -24.59
CA ASN D 71 0.98 -47.99 -23.18
C ASN D 71 2.14 -47.22 -22.58
N SER D 72 3.17 -46.95 -23.38
CA SER D 72 4.30 -46.15 -22.88
C SER D 72 3.91 -44.69 -22.72
N VAL D 73 3.00 -44.19 -23.57
CA VAL D 73 2.49 -42.84 -23.39
C VAL D 73 1.58 -42.76 -22.17
N LEU D 74 0.72 -43.77 -22.01
CA LEU D 74 -0.18 -43.80 -20.85
C LEU D 74 0.59 -43.87 -19.54
N CYS D 75 1.79 -44.48 -19.56
CA CYS D 75 2.58 -44.61 -18.34
C CYS D 75 3.24 -43.30 -17.95
N LEU D 76 3.78 -42.56 -18.92
CA LEU D 76 4.36 -41.26 -18.63
C LEU D 76 3.32 -40.30 -18.06
N GLN D 77 2.06 -40.47 -18.46
CA GLN D 77 0.96 -39.67 -17.93
C GLN D 77 0.55 -40.09 -16.52
N LYS D 78 1.17 -41.11 -15.95
CA LYS D 78 0.85 -41.57 -14.61
C LYS D 78 2.02 -41.49 -13.64
N LEU D 79 3.22 -41.15 -14.09
CA LEU D 79 4.34 -40.95 -13.21
C LEU D 79 4.29 -39.55 -12.60
N PRO D 80 4.92 -39.34 -11.44
CA PRO D 80 4.91 -38.01 -10.83
C PRO D 80 5.79 -37.03 -11.59
N SER D 81 5.38 -35.77 -11.59
CA SER D 81 6.07 -34.75 -12.36
C SER D 81 7.36 -34.31 -11.67
N ARG D 82 8.28 -33.79 -12.49
CA ARG D 82 9.60 -33.38 -12.02
C ARG D 82 9.72 -31.88 -11.79
N THR D 83 8.79 -31.08 -12.32
CA THR D 83 8.97 -29.64 -12.21
C THR D 83 8.67 -29.16 -10.78
N PRO D 84 9.42 -28.18 -10.29
CA PRO D 84 9.13 -27.63 -8.96
C PRO D 84 7.72 -27.06 -8.90
N ALA D 85 7.06 -27.30 -7.76
CA ALA D 85 5.63 -27.00 -7.65
C ALA D 85 5.33 -25.51 -7.79
N HIS D 86 6.27 -24.64 -7.38
CA HIS D 86 6.01 -23.21 -7.49
C HIS D 86 6.14 -22.72 -8.92
N LEU D 87 7.02 -23.33 -9.72
CA LEU D 87 7.19 -22.91 -11.10
C LEU D 87 6.02 -23.32 -11.99
N ALA D 88 5.22 -24.29 -11.57
CA ALA D 88 4.07 -24.76 -12.33
C ALA D 88 3.14 -25.55 -11.42
N PRO D 89 2.28 -24.88 -10.67
CA PRO D 89 1.42 -25.61 -9.72
C PRO D 89 0.46 -26.59 -10.37
N GLY D 90 0.18 -26.44 -11.66
CA GLY D 90 -0.75 -27.31 -12.35
C GLY D 90 -0.16 -28.58 -12.90
N ALA D 91 1.17 -28.72 -12.89
CA ALA D 91 1.80 -29.92 -13.40
C ALA D 91 1.72 -31.03 -12.36
N ARG D 92 1.24 -32.20 -12.79
CA ARG D 92 1.12 -33.36 -11.92
C ARG D 92 1.88 -34.57 -12.43
N THR D 93 1.98 -34.75 -13.73
CA THR D 93 2.53 -35.96 -14.32
C THR D 93 3.75 -35.62 -15.16
N ARG D 94 4.58 -36.65 -15.40
CA ARG D 94 5.76 -36.49 -16.26
C ARG D 94 5.37 -35.94 -17.61
N TYR D 95 4.18 -36.30 -18.10
CA TYR D 95 3.67 -35.72 -19.34
C TYR D 95 3.48 -34.21 -19.23
N ASP D 96 3.01 -33.75 -18.07
CA ASP D 96 2.74 -32.33 -17.88
C ASP D 96 4.02 -31.49 -17.92
N ASP D 97 5.16 -32.08 -17.55
CA ASP D 97 6.40 -31.32 -17.53
C ASP D 97 6.82 -30.91 -18.95
N PHE D 98 6.64 -31.80 -19.92
CA PHE D 98 6.91 -31.43 -21.30
C PHE D 98 5.93 -30.36 -21.80
N VAL D 99 4.65 -30.51 -21.46
CA VAL D 99 3.66 -29.51 -21.82
C VAL D 99 3.97 -28.17 -21.16
N ALA D 100 4.38 -28.22 -19.89
CA ALA D 100 4.64 -26.99 -19.14
C ALA D 100 5.72 -26.16 -19.81
N THR D 101 6.85 -26.78 -20.16
CA THR D 101 7.95 -26.03 -20.74
C THR D 101 7.65 -25.57 -22.16
N HIS D 102 6.75 -26.26 -22.88
CA HIS D 102 6.32 -25.76 -24.18
C HIS D 102 5.49 -24.50 -24.04
N ILE D 103 4.61 -24.47 -23.03
CA ILE D 103 3.87 -23.25 -22.73
C ILE D 103 4.82 -22.13 -22.35
N ASN D 104 5.85 -22.45 -21.57
CA ASN D 104 6.78 -21.45 -21.05
C ASN D 104 7.59 -20.79 -22.15
N GLN D 105 7.89 -21.51 -23.23
CA GLN D 105 8.82 -21.05 -24.25
C GLN D 105 8.17 -20.81 -25.60
N THR D 106 6.84 -20.74 -25.67
CA THR D 106 6.16 -20.56 -26.95
C THR D 106 6.55 -19.24 -27.61
N GLN D 107 6.88 -18.23 -26.81
CA GLN D 107 7.22 -16.92 -27.39
C GLN D 107 8.59 -16.92 -28.04
N ILE D 108 9.51 -17.79 -27.60
CA ILE D 108 10.85 -17.84 -28.16
C ILE D 108 11.07 -19.05 -29.05
N ILE D 109 10.09 -19.95 -29.15
CA ILE D 109 10.05 -20.93 -30.24
C ILE D 109 8.95 -20.49 -31.18
N HIS D 110 8.78 -21.21 -32.29
CA HIS D 110 7.86 -20.84 -33.37
C HIS D 110 8.26 -19.51 -34.02
N TYR D 111 8.35 -19.51 -35.35
CA TYR D 111 8.79 -18.34 -36.12
C TYR D 111 10.09 -17.77 -35.54
N THR D 112 11.03 -18.68 -35.26
CA THR D 112 12.32 -18.33 -34.73
C THR D 112 13.39 -19.12 -35.47
N GLY D 113 14.64 -18.70 -35.34
CA GLY D 113 15.74 -19.47 -35.87
C GLY D 113 15.90 -20.82 -35.22
N THR D 114 15.28 -21.02 -34.06
CA THR D 114 15.38 -22.26 -33.29
C THR D 114 14.16 -23.15 -33.44
N PHE D 115 13.17 -22.76 -34.26
CA PHE D 115 11.90 -23.46 -34.30
C PHE D 115 12.08 -24.94 -34.65
N LEU D 116 12.83 -25.23 -35.71
CA LEU D 116 12.95 -26.60 -36.18
C LEU D 116 13.82 -27.44 -35.25
N ALA D 117 14.92 -26.88 -34.76
CA ALA D 117 15.84 -27.65 -33.92
C ALA D 117 15.31 -27.85 -32.51
N TRP D 118 14.57 -26.86 -31.97
CA TRP D 118 14.00 -27.02 -30.64
C TRP D 118 13.01 -28.18 -30.59
N HIS D 119 12.21 -28.32 -31.64
CA HIS D 119 11.21 -29.39 -31.66
C HIS D 119 11.83 -30.75 -31.99
N ARG D 120 12.94 -30.77 -32.72
CA ARG D 120 13.66 -32.02 -32.92
C ARG D 120 14.23 -32.54 -31.59
N TYR D 121 14.74 -31.62 -30.77
CA TYR D 121 15.23 -32.01 -29.44
C TYR D 121 14.08 -32.32 -28.50
N PHE D 122 12.97 -31.58 -28.63
CA PHE D 122 11.80 -31.81 -27.79
C PHE D 122 11.28 -33.24 -27.93
N ILE D 123 11.05 -33.68 -29.17
CA ILE D 123 10.49 -35.01 -29.38
C ILE D 123 11.53 -36.08 -29.06
N TYR D 124 12.81 -35.80 -29.28
CA TYR D 124 13.85 -36.76 -28.93
C TYR D 124 13.87 -37.02 -27.42
N GLU D 125 13.80 -35.96 -26.63
CA GLU D 125 13.79 -36.12 -25.18
C GLU D 125 12.48 -36.73 -24.69
N PHE D 126 11.39 -36.55 -25.45
CA PHE D 126 10.16 -37.25 -25.11
C PHE D 126 10.30 -38.75 -25.32
N GLU D 127 11.00 -39.15 -26.37
CA GLU D 127 11.26 -40.57 -26.60
C GLU D 127 12.12 -41.16 -25.48
N GLN D 128 13.13 -40.41 -25.04
CA GLN D 128 14.00 -40.90 -23.96
C GLN D 128 13.20 -41.15 -22.69
N ALA D 129 12.27 -40.25 -22.36
CA ALA D 129 11.42 -40.46 -21.21
C ALA D 129 10.58 -41.72 -21.34
N LEU D 130 10.18 -42.07 -22.57
CA LEU D 130 9.46 -43.32 -22.78
C LEU D 130 10.37 -44.53 -22.59
N ARG D 131 11.61 -44.44 -23.09
CA ARG D 131 12.51 -45.59 -23.04
C ARG D 131 13.10 -45.81 -21.66
N ASP D 132 13.36 -44.74 -20.90
CA ASP D 132 14.03 -44.85 -19.62
C ASP D 132 13.07 -44.88 -18.44
N GLU D 133 11.89 -44.29 -18.56
CA GLU D 133 10.93 -44.26 -17.46
C GLU D 133 9.71 -45.14 -17.69
N CYS D 134 9.42 -45.55 -18.92
CA CYS D 134 8.27 -46.39 -19.20
C CYS D 134 8.62 -47.56 -20.12
N SER D 135 9.90 -47.89 -20.25
CA SER D 135 10.36 -49.15 -20.84
C SER D 135 9.83 -49.35 -22.26
N TYR D 136 10.17 -48.42 -23.14
CA TYR D 136 9.77 -48.49 -24.54
C TYR D 136 10.96 -48.94 -25.39
N THR D 137 10.78 -50.04 -26.12
CA THR D 137 11.81 -50.55 -27.01
C THR D 137 11.48 -50.36 -28.49
N GLY D 138 10.25 -49.97 -28.82
CA GLY D 138 9.82 -49.83 -30.20
C GLY D 138 10.38 -48.60 -30.87
N ASP D 139 9.82 -48.29 -32.03
CA ASP D 139 10.27 -47.21 -32.88
C ASP D 139 9.39 -45.97 -32.67
N TYR D 140 9.97 -44.81 -32.96
CA TYR D 140 9.20 -43.57 -32.88
C TYR D 140 8.25 -43.47 -34.06
N PRO D 141 6.97 -43.17 -33.83
CA PRO D 141 6.02 -43.09 -34.95
C PRO D 141 5.81 -41.67 -35.47
N TYR D 142 5.49 -41.54 -36.76
CA TYR D 142 5.13 -40.25 -37.33
C TYR D 142 3.83 -40.39 -38.11
N TRP D 143 3.13 -39.26 -38.24
CA TRP D 143 1.83 -39.20 -38.89
C TRP D 143 1.99 -38.60 -40.28
N ASN D 144 1.76 -39.40 -41.32
CA ASN D 144 1.79 -38.92 -42.70
C ASN D 144 0.45 -38.26 -43.00
N TRP D 145 0.44 -36.92 -43.11
CA TRP D 145 -0.80 -36.20 -43.29
C TRP D 145 -1.48 -36.56 -44.61
N GLY D 146 -0.71 -36.53 -45.71
CA GLY D 146 -1.30 -36.70 -47.02
C GLY D 146 -2.03 -38.02 -47.21
N ALA D 147 -1.66 -39.03 -46.44
CA ALA D 147 -2.35 -40.32 -46.53
C ALA D 147 -3.79 -40.22 -46.01
N ASP D 148 -4.04 -39.29 -45.09
CA ASP D 148 -5.35 -39.16 -44.45
C ASP D 148 -6.05 -37.86 -44.80
N ALA D 149 -5.71 -37.26 -45.96
CA ALA D 149 -6.20 -35.93 -46.29
C ALA D 149 -7.67 -35.90 -46.71
N ASP D 150 -8.20 -37.01 -47.22
CA ASP D 150 -9.56 -37.04 -47.72
C ASP D 150 -10.58 -37.59 -46.73
N ASN D 151 -10.12 -38.16 -45.61
CA ASN D 151 -11.01 -38.72 -44.61
C ASN D 151 -10.27 -38.92 -43.30
N MET D 152 -10.11 -37.85 -42.53
CA MET D 152 -9.29 -37.90 -41.31
C MET D 152 -9.91 -38.82 -40.26
N GLU D 153 -11.23 -39.00 -40.28
CA GLU D 153 -11.88 -39.86 -39.31
C GLU D 153 -11.53 -41.33 -39.50
N LYS D 154 -11.13 -41.72 -40.71
CA LYS D 154 -10.66 -43.08 -40.97
C LYS D 154 -9.18 -43.25 -40.69
N SER D 155 -8.45 -42.17 -40.43
CA SER D 155 -7.02 -42.25 -40.18
C SER D 155 -6.73 -43.12 -38.97
N GLN D 156 -5.76 -44.01 -39.12
CA GLN D 156 -5.38 -44.91 -38.02
C GLN D 156 -4.74 -44.17 -36.86
N VAL D 157 -4.51 -42.87 -36.97
CA VAL D 157 -4.11 -42.05 -35.84
C VAL D 157 -5.32 -41.56 -35.05
N PHE D 158 -6.45 -41.32 -35.73
CA PHE D 158 -7.61 -40.70 -35.11
C PHE D 158 -8.89 -41.53 -35.26
N ASP D 159 -8.79 -42.82 -35.53
CA ASP D 159 -9.97 -43.60 -35.86
C ASP D 159 -10.80 -44.03 -34.65
N GLY D 160 -10.48 -43.55 -33.45
CA GLY D 160 -11.27 -43.83 -32.28
C GLY D 160 -11.11 -45.23 -31.71
N SER D 161 -10.47 -46.15 -32.42
CA SER D 161 -10.19 -47.46 -31.85
C SER D 161 -9.10 -47.33 -30.79
N GLU D 162 -8.83 -48.45 -30.11
CA GLU D 162 -7.82 -48.51 -29.07
C GLU D 162 -6.41 -48.68 -29.62
N THR D 163 -6.22 -48.53 -30.93
CA THR D 163 -4.92 -48.38 -31.55
C THR D 163 -4.73 -46.97 -32.11
N SER D 164 -5.45 -46.01 -31.56
CA SER D 164 -5.40 -44.62 -31.98
C SER D 164 -4.98 -43.74 -30.81
N MET D 165 -4.73 -42.47 -31.11
CA MET D 165 -4.53 -41.46 -30.07
C MET D 165 -5.89 -40.95 -29.63
N SER D 166 -6.82 -41.88 -29.38
CA SER D 166 -8.24 -41.59 -29.26
C SER D 166 -8.75 -40.96 -30.56
N GLY D 167 -10.07 -40.78 -30.66
CA GLY D 167 -10.62 -40.30 -31.91
C GLY D 167 -11.24 -38.92 -31.84
N ASN D 168 -12.40 -38.75 -32.46
CA ASN D 168 -13.08 -37.48 -32.48
C ASN D 168 -13.75 -37.21 -31.13
N GLY D 169 -14.09 -35.94 -30.91
CA GLY D 169 -14.91 -35.56 -29.79
C GLY D 169 -16.38 -35.61 -30.15
N GLU D 170 -17.21 -35.35 -29.13
CA GLU D 170 -18.65 -35.33 -29.37
C GLU D 170 -19.02 -34.20 -30.32
N TYR D 171 -19.86 -34.52 -31.29
CA TYR D 171 -20.27 -33.57 -32.32
C TYR D 171 -21.17 -32.49 -31.71
N ILE D 172 -20.59 -31.32 -31.46
CA ILE D 172 -21.37 -30.16 -31.01
C ILE D 172 -21.96 -29.49 -32.25
N PRO D 173 -23.28 -29.51 -32.42
CA PRO D 173 -23.89 -28.94 -33.62
C PRO D 173 -23.94 -27.43 -33.58
N ASN D 174 -24.10 -26.84 -34.77
CA ASN D 174 -24.22 -25.39 -34.95
C ASN D 174 -22.99 -24.66 -34.39
N GLN D 175 -21.81 -25.16 -34.77
CA GLN D 175 -20.56 -24.54 -34.37
C GLN D 175 -20.14 -23.49 -35.40
N GLY D 176 -19.65 -22.37 -34.91
CA GLY D 176 -19.22 -21.30 -35.79
C GLY D 176 -17.89 -21.59 -36.45
N ASP D 177 -17.60 -20.80 -37.50
CA ASP D 177 -16.33 -20.90 -38.19
C ASP D 177 -15.20 -20.52 -37.25
N ILE D 178 -14.09 -21.27 -37.35
CA ILE D 178 -12.87 -20.85 -36.65
C ILE D 178 -12.25 -19.70 -37.42
N LYS D 179 -11.88 -18.65 -36.71
CA LYS D 179 -11.23 -17.48 -37.30
C LYS D 179 -9.86 -17.32 -36.67
N LEU D 180 -8.82 -17.35 -37.49
CA LEU D 180 -7.43 -17.29 -37.03
C LEU D 180 -6.85 -15.91 -37.33
N LEU D 181 -6.49 -15.18 -36.28
CA LEU D 181 -5.95 -13.82 -36.39
C LEU D 181 -4.61 -13.78 -35.64
N LEU D 182 -3.54 -14.13 -36.33
CA LEU D 182 -2.19 -13.98 -35.79
C LEU D 182 -1.55 -12.76 -36.42
N GLY D 183 -1.02 -11.87 -35.58
CA GLY D 183 -0.55 -10.59 -36.07
C GLY D 183 -1.72 -9.67 -36.35
N ASN D 184 -1.53 -8.77 -37.32
CA ASN D 184 -2.59 -7.86 -37.76
C ASN D 184 -3.06 -8.17 -39.17
N TYR D 185 -2.81 -9.39 -39.65
CA TYR D 185 -3.24 -9.82 -40.97
C TYR D 185 -4.71 -10.22 -40.95
N PRO D 186 -5.37 -10.20 -42.11
CA PRO D 186 -6.79 -10.58 -42.14
C PRO D 186 -6.99 -12.04 -41.78
N ALA D 187 -8.16 -12.33 -41.23
CA ALA D 187 -8.43 -13.64 -40.66
C ALA D 187 -8.42 -14.74 -41.71
N ILE D 188 -8.12 -15.96 -41.26
CA ILE D 188 -8.25 -17.16 -42.08
C ILE D 188 -9.43 -17.95 -41.53
N ASP D 189 -10.37 -18.27 -42.43
CA ASP D 189 -11.61 -18.93 -42.06
C ASP D 189 -11.46 -20.44 -42.20
N LEU D 190 -11.82 -21.16 -41.14
CA LEU D 190 -11.73 -22.62 -41.14
C LEU D 190 -13.04 -23.24 -40.67
N PRO D 191 -13.39 -24.42 -41.18
CA PRO D 191 -14.60 -25.08 -40.71
C PRO D 191 -14.42 -25.61 -39.31
N PRO D 192 -15.51 -25.76 -38.55
CA PRO D 192 -15.40 -26.13 -37.13
C PRO D 192 -15.15 -27.61 -36.88
N GLY D 193 -15.15 -28.45 -37.90
CA GLY D 193 -14.97 -29.88 -37.72
C GLY D 193 -16.26 -30.57 -37.31
N SER D 194 -16.23 -31.90 -37.34
CA SER D 194 -17.39 -32.73 -37.10
C SER D 194 -17.49 -33.19 -35.65
N GLY D 195 -16.69 -32.63 -34.74
CA GLY D 195 -16.77 -32.97 -33.34
C GLY D 195 -16.97 -31.76 -32.46
N GLY D 196 -16.08 -31.54 -31.50
CA GLY D 196 -16.13 -30.33 -30.71
C GLY D 196 -16.13 -30.55 -29.21
N GLY D 197 -16.58 -31.73 -28.77
CA GLY D 197 -16.69 -32.03 -27.36
C GLY D 197 -15.59 -32.95 -26.86
N CYS D 198 -15.82 -33.49 -25.67
CA CYS D 198 -14.88 -34.43 -25.07
C CYS D 198 -14.70 -35.65 -25.97
N VAL D 199 -13.49 -36.24 -25.92
CA VAL D 199 -13.22 -37.38 -26.79
C VAL D 199 -14.08 -38.57 -26.36
N THR D 200 -14.47 -39.36 -27.35
CA THR D 200 -15.44 -40.45 -27.18
C THR D 200 -14.76 -41.72 -26.69
N SER D 201 -14.03 -42.36 -27.59
CA SER D 201 -13.41 -43.66 -27.44
C SER D 201 -11.89 -43.49 -27.41
N GLY D 202 -11.18 -44.60 -27.49
CA GLY D 202 -9.75 -44.58 -27.54
C GLY D 202 -9.12 -44.64 -26.16
N PRO D 203 -7.83 -44.98 -26.12
CA PRO D 203 -7.16 -45.17 -24.83
C PRO D 203 -6.88 -43.90 -24.05
N PHE D 204 -7.48 -42.77 -24.45
CA PHE D 204 -7.21 -41.49 -23.80
C PHE D 204 -8.48 -40.76 -23.38
N LYS D 205 -9.61 -41.46 -23.27
CA LYS D 205 -10.84 -40.79 -22.87
C LYS D 205 -10.76 -40.28 -21.45
N ASP D 206 -10.11 -41.02 -20.56
CA ASP D 206 -9.93 -40.62 -19.17
C ASP D 206 -8.57 -39.98 -18.93
N TYR D 207 -7.93 -39.48 -19.99
CA TYR D 207 -6.70 -38.71 -19.85
C TYR D 207 -7.06 -37.28 -19.48
N LYS D 208 -6.61 -36.83 -18.31
CA LYS D 208 -6.99 -35.52 -17.77
C LYS D 208 -5.95 -34.49 -18.17
N LEU D 209 -6.31 -33.65 -19.14
CA LEU D 209 -5.50 -32.48 -19.47
C LEU D 209 -5.47 -31.53 -18.28
N ASN D 210 -4.27 -31.09 -17.91
CA ASN D 210 -4.08 -30.37 -16.65
C ASN D 210 -3.77 -28.89 -16.82
N LEU D 211 -2.94 -28.52 -17.79
CA LEU D 211 -2.50 -27.14 -17.96
C LEU D 211 -3.32 -26.45 -19.05
N GLY D 212 -3.24 -25.12 -19.07
CA GLY D 212 -3.94 -24.32 -20.04
C GLY D 212 -5.39 -24.09 -19.65
N PRO D 213 -6.15 -23.42 -20.53
CA PRO D 213 -5.70 -22.90 -21.82
C PRO D 213 -4.94 -21.58 -21.70
N ALA D 214 -4.05 -21.31 -22.66
CA ALA D 214 -3.31 -20.06 -22.73
C ALA D 214 -3.81 -19.12 -23.81
N ALA D 215 -4.15 -19.66 -24.98
CA ALA D 215 -4.70 -18.87 -26.08
C ALA D 215 -5.48 -19.80 -27.01
N LEU D 216 -6.55 -20.38 -26.49
CA LEU D 216 -7.32 -21.39 -27.21
C LEU D 216 -8.36 -20.72 -28.10
N SER D 217 -8.27 -20.96 -29.40
CA SER D 217 -9.29 -20.46 -30.33
C SER D 217 -10.60 -21.21 -30.13
N LEU D 218 -11.70 -20.52 -30.39
CA LEU D 218 -13.02 -21.09 -30.22
C LEU D 218 -13.84 -20.91 -31.49
N PRO D 219 -14.77 -21.85 -31.76
CA PRO D 219 -15.70 -21.64 -32.88
C PRO D 219 -16.55 -20.41 -32.68
N GLY D 220 -16.36 -19.40 -33.52
CA GLY D 220 -17.08 -18.15 -33.41
C GLY D 220 -16.22 -16.92 -33.15
N GLY D 221 -14.92 -17.07 -32.93
CA GLY D 221 -14.01 -15.94 -32.87
C GLY D 221 -13.33 -15.75 -31.52
N ASN D 222 -13.96 -16.17 -30.43
CA ASN D 222 -13.39 -15.93 -29.12
C ASN D 222 -12.08 -16.67 -28.94
N MET D 223 -11.35 -16.28 -27.90
CA MET D 223 -10.10 -16.93 -27.53
C MET D 223 -10.07 -17.05 -26.01
N THR D 224 -10.19 -18.27 -25.52
CA THR D 224 -10.12 -18.51 -24.08
C THR D 224 -8.67 -18.46 -23.62
N ALA D 225 -8.38 -17.56 -22.68
CA ALA D 225 -7.06 -17.43 -22.10
C ALA D 225 -7.20 -17.43 -20.59
N ALA D 226 -6.36 -18.21 -19.91
CA ALA D 226 -6.38 -18.26 -18.46
C ALA D 226 -5.49 -17.19 -17.88
N ALA D 227 -5.81 -16.77 -16.65
CA ALA D 227 -5.00 -15.78 -15.94
C ALA D 227 -3.54 -16.21 -15.91
N ASN D 228 -3.29 -17.48 -15.59
CA ASN D 228 -1.98 -18.07 -15.69
C ASN D 228 -2.14 -19.50 -16.21
N PRO D 229 -1.72 -19.78 -17.45
CA PRO D 229 -1.92 -21.13 -18.01
C PRO D 229 -1.08 -22.21 -17.35
N LEU D 230 -0.28 -21.89 -16.33
CA LEU D 230 0.50 -22.88 -15.61
C LEU D 230 -0.18 -23.37 -14.34
N THR D 231 -1.36 -22.85 -14.02
CA THR D 231 -2.07 -23.28 -12.83
C THR D 231 -2.91 -24.52 -13.14
N TYR D 232 -3.42 -25.15 -12.08
CA TYR D 232 -4.12 -26.42 -12.21
C TYR D 232 -5.55 -26.20 -12.65
N ASN D 233 -5.92 -26.85 -13.76
CA ASN D 233 -7.31 -26.88 -14.22
C ASN D 233 -7.48 -28.20 -14.95
N PRO D 234 -7.91 -29.24 -14.23
CA PRO D 234 -8.11 -30.54 -14.88
C PRO D 234 -9.35 -30.53 -15.74
N ARG D 235 -9.28 -31.21 -16.88
CA ARG D 235 -10.39 -31.26 -17.82
C ARG D 235 -10.10 -32.39 -18.80
N CYS D 236 -11.06 -32.62 -19.68
CA CYS D 236 -10.90 -33.64 -20.71
C CYS D 236 -10.22 -33.05 -21.94
N MET D 237 -9.69 -33.94 -22.78
CA MET D 237 -9.11 -33.56 -24.06
C MET D 237 -10.20 -33.57 -25.12
N LYS D 238 -10.40 -32.44 -25.79
CA LYS D 238 -11.45 -32.29 -26.77
C LYS D 238 -10.89 -32.32 -28.18
N ARG D 239 -11.72 -32.75 -29.13
CA ARG D 239 -11.30 -32.92 -30.50
C ARG D 239 -12.47 -32.59 -31.42
N SER D 240 -12.14 -32.14 -32.65
CA SER D 240 -13.10 -31.90 -33.71
C SER D 240 -12.34 -32.05 -35.03
N LEU D 241 -12.14 -33.30 -35.44
CA LEU D 241 -11.33 -33.58 -36.62
C LEU D 241 -11.95 -32.95 -37.85
N THR D 242 -11.18 -32.11 -38.52
CA THR D 242 -11.63 -31.32 -39.66
C THR D 242 -10.85 -31.78 -40.89
N THR D 243 -11.45 -32.67 -41.68
CA THR D 243 -10.79 -33.18 -42.87
C THR D 243 -10.51 -32.06 -43.87
N GLU D 244 -11.43 -31.10 -43.98
CA GLU D 244 -11.26 -30.01 -44.94
C GLU D 244 -9.98 -29.23 -44.69
N ILE D 245 -9.57 -29.08 -43.43
CA ILE D 245 -8.33 -28.36 -43.13
C ILE D 245 -7.13 -29.10 -43.71
N LEU D 246 -7.16 -30.44 -43.65
CA LEU D 246 -6.02 -31.22 -44.12
C LEU D 246 -5.89 -31.14 -45.64
N GLN D 247 -6.99 -31.28 -46.38
CA GLN D 247 -6.92 -31.26 -47.83
C GLN D 247 -6.72 -29.86 -48.40
N ARG D 248 -6.51 -28.86 -47.56
CA ARG D 248 -6.14 -27.53 -48.01
C ARG D 248 -4.66 -27.23 -47.80
N TYR D 249 -4.06 -27.74 -46.72
CA TYR D 249 -2.67 -27.46 -46.41
C TYR D 249 -1.81 -28.70 -46.20
N ASN D 250 -2.37 -29.91 -46.38
CA ASN D 250 -1.61 -31.11 -46.02
C ASN D 250 -1.75 -32.24 -47.04
N THR D 251 -2.09 -31.94 -48.29
CA THR D 251 -2.08 -32.99 -49.30
C THR D 251 -0.65 -33.32 -49.69
N PHE D 252 -0.49 -34.45 -50.38
CA PHE D 252 0.84 -34.82 -50.89
C PHE D 252 1.46 -33.74 -51.77
N PRO D 253 0.72 -33.08 -52.68
CA PRO D 253 1.34 -31.94 -53.40
C PRO D 253 1.89 -30.87 -52.48
N LYS D 254 1.13 -30.47 -51.45
CA LYS D 254 1.61 -29.43 -50.54
C LYS D 254 2.89 -29.87 -49.82
N ILE D 255 2.99 -31.15 -49.48
CA ILE D 255 4.16 -31.64 -48.75
C ILE D 255 5.38 -31.66 -49.67
N VAL D 256 5.21 -32.11 -50.91
CA VAL D 256 6.34 -32.13 -51.83
C VAL D 256 6.67 -30.73 -52.32
N GLU D 257 5.66 -29.85 -52.42
CA GLU D 257 5.92 -28.46 -52.78
C GLU D 257 6.73 -27.76 -51.70
N LEU D 258 6.48 -28.09 -50.44
CA LEU D 258 7.26 -27.51 -49.35
C LEU D 258 8.73 -27.90 -49.43
N ILE D 259 9.01 -29.10 -49.93
CA ILE D 259 10.39 -29.59 -49.99
C ILE D 259 11.09 -29.15 -51.27
N LEU D 260 10.40 -29.23 -52.41
CA LEU D 260 11.04 -29.04 -53.71
C LEU D 260 11.12 -27.59 -54.17
N ASP D 261 10.35 -26.68 -53.54
CA ASP D 261 10.36 -25.28 -53.96
C ASP D 261 10.76 -24.34 -52.84
N SER D 262 11.25 -24.87 -51.72
CA SER D 262 11.95 -24.08 -50.72
C SER D 262 13.44 -24.27 -50.97
N ASP D 263 14.10 -23.22 -51.43
CA ASP D 263 15.51 -23.32 -51.80
C ASP D 263 16.46 -22.80 -50.73
N ASP D 264 15.96 -22.13 -49.70
CA ASP D 264 16.76 -21.73 -48.56
C ASP D 264 16.03 -22.10 -47.27
N ILE D 265 16.77 -22.04 -46.15
CA ILE D 265 16.19 -22.41 -44.87
C ILE D 265 15.10 -21.42 -44.47
N TRP D 266 15.20 -20.17 -44.90
CA TRP D 266 14.17 -19.18 -44.61
C TRP D 266 12.85 -19.58 -45.25
N ASP D 267 12.86 -19.86 -46.56
CA ASP D 267 11.64 -20.21 -47.26
C ASP D 267 11.02 -21.50 -46.71
N PHE D 268 11.86 -22.43 -46.24
CA PHE D 268 11.34 -23.71 -45.77
C PHE D 268 10.52 -23.56 -44.51
N GLN D 269 11.11 -23.00 -43.45
CA GLN D 269 10.39 -22.85 -42.19
C GLN D 269 9.21 -21.89 -42.32
N MET D 270 9.35 -20.85 -43.13
CA MET D 270 8.24 -19.92 -43.34
C MET D 270 7.07 -20.61 -44.03
N THR D 271 7.33 -21.29 -45.14
CA THR D 271 6.28 -22.04 -45.82
C THR D 271 5.71 -23.12 -44.92
N MET D 272 6.56 -23.77 -44.13
CA MET D 272 6.10 -24.85 -43.25
C MET D 272 5.12 -24.34 -42.20
N GLN D 273 5.42 -23.20 -41.59
CA GLN D 273 4.59 -22.67 -40.52
C GLN D 273 3.44 -21.81 -41.02
N GLY D 274 3.52 -21.30 -42.24
CA GLY D 274 2.49 -20.41 -42.75
C GLY D 274 3.03 -19.02 -43.04
N VAL D 275 3.13 -18.67 -44.31
CA VAL D 275 3.68 -17.37 -44.69
C VAL D 275 2.72 -16.27 -44.23
N PRO D 276 3.20 -15.23 -43.55
CA PRO D 276 2.31 -14.17 -43.08
C PRO D 276 1.60 -13.47 -44.23
N GLY D 277 0.32 -13.19 -44.04
CA GLY D 277 -0.47 -12.53 -45.07
C GLY D 277 -0.66 -13.34 -46.33
N SER D 278 -0.64 -14.67 -46.24
CA SER D 278 -0.79 -15.53 -47.40
C SER D 278 -2.03 -16.41 -47.36
N GLY D 279 -2.77 -16.44 -46.26
CA GLY D 279 -3.93 -17.31 -46.16
C GLY D 279 -3.60 -18.78 -46.01
N SER D 280 -2.34 -19.12 -45.75
CA SER D 280 -1.91 -20.50 -45.58
C SER D 280 -1.28 -20.66 -44.20
N ILE D 281 -1.69 -21.70 -43.48
CA ILE D 281 -1.10 -22.03 -42.18
C ILE D 281 0.00 -23.07 -42.32
N GLY D 282 0.35 -23.46 -43.54
CA GLY D 282 1.42 -24.41 -43.76
C GLY D 282 1.06 -25.81 -43.29
N VAL D 283 2.04 -26.71 -43.43
CA VAL D 283 1.83 -28.08 -42.98
C VAL D 283 1.83 -28.16 -41.46
N HIS D 284 2.55 -27.25 -40.79
CA HIS D 284 2.60 -27.28 -39.33
C HIS D 284 1.27 -26.82 -38.74
N GLY D 285 0.76 -25.67 -39.20
CA GLY D 285 -0.50 -25.18 -38.69
C GLY D 285 -1.66 -26.09 -39.04
N GLY D 286 -1.72 -26.54 -40.29
CA GLY D 286 -2.80 -27.40 -40.75
C GLY D 286 -2.83 -28.76 -40.04
N GLY D 287 -1.69 -29.21 -39.53
CA GLY D 287 -1.68 -30.44 -38.77
C GLY D 287 -2.20 -30.26 -37.35
N HIS D 288 -2.02 -29.07 -36.78
CA HIS D 288 -2.51 -28.79 -35.43
C HIS D 288 -4.02 -28.55 -35.43
N TYR D 289 -4.48 -27.59 -36.24
CA TYR D 289 -5.88 -27.18 -36.21
C TYR D 289 -6.82 -28.19 -36.83
N SER D 290 -6.32 -29.19 -37.55
CA SER D 290 -7.19 -30.21 -38.10
C SER D 290 -7.77 -31.10 -37.01
N MET D 291 -7.02 -31.31 -35.92
CA MET D 291 -7.57 -32.06 -34.79
C MET D 291 -8.68 -31.30 -34.09
N GLY D 292 -8.64 -29.97 -34.16
CA GLY D 292 -9.61 -29.13 -33.48
C GLY D 292 -9.61 -29.35 -31.97
N GLY D 293 -10.64 -28.80 -31.34
CA GLY D 293 -10.85 -29.03 -29.92
C GLY D 293 -9.81 -28.38 -29.04
N ASP D 294 -9.56 -29.04 -27.90
CA ASP D 294 -8.68 -28.53 -26.85
C ASP D 294 -7.73 -29.65 -26.48
N PRO D 295 -6.40 -29.45 -26.57
CA PRO D 295 -5.70 -28.20 -26.90
C PRO D 295 -5.31 -28.08 -28.37
N GLY D 296 -6.10 -28.69 -29.26
CA GLY D 296 -5.75 -28.68 -30.68
C GLY D 296 -5.60 -27.28 -31.25
N ARG D 297 -6.48 -26.36 -30.84
CA ARG D 297 -6.46 -24.99 -31.34
C ARG D 297 -5.77 -24.03 -30.38
N ASP D 298 -4.82 -24.51 -29.59
CA ASP D 298 -4.07 -23.69 -28.66
C ASP D 298 -2.58 -23.89 -28.96
N VAL D 299 -1.94 -22.85 -29.50
CA VAL D 299 -0.54 -22.96 -29.90
C VAL D 299 0.39 -23.13 -28.69
N TYR D 300 -0.06 -22.75 -27.49
CA TYR D 300 0.76 -22.93 -26.30
C TYR D 300 0.64 -24.35 -25.74
N VAL D 301 -0.57 -24.89 -25.70
CA VAL D 301 -0.87 -26.13 -24.98
C VAL D 301 -0.94 -27.34 -25.90
N SER D 302 -0.71 -27.17 -27.20
CA SER D 302 -0.88 -28.22 -28.19
C SER D 302 -0.20 -29.55 -27.84
N PRO D 303 0.95 -29.59 -27.15
CA PRO D 303 1.48 -30.88 -26.69
C PRO D 303 0.53 -31.64 -25.76
N GLY D 304 -0.51 -30.99 -25.24
CA GLY D 304 -1.50 -31.71 -24.46
C GLY D 304 -2.30 -32.72 -25.27
N ASP D 305 -2.28 -32.60 -26.60
CA ASP D 305 -2.91 -33.57 -27.48
C ASP D 305 -1.86 -34.63 -27.83
N THR D 306 -2.16 -35.89 -27.53
CA THR D 306 -1.19 -36.96 -27.70
C THR D 306 -0.78 -37.17 -29.15
N ALA D 307 -1.57 -36.67 -30.10
CA ALA D 307 -1.20 -36.72 -31.52
C ALA D 307 -0.22 -35.61 -31.90
N PHE D 308 0.35 -34.92 -30.92
CA PHE D 308 1.35 -33.89 -31.19
C PHE D 308 2.69 -34.52 -31.58
N TRP D 309 3.03 -35.64 -30.96
CA TRP D 309 4.35 -36.25 -31.15
C TRP D 309 4.44 -37.02 -32.46
N LEU D 310 3.32 -37.59 -32.94
CA LEU D 310 3.31 -38.12 -34.30
C LEU D 310 3.30 -36.99 -35.33
N HIS D 311 2.68 -35.87 -34.99
CA HIS D 311 2.66 -34.73 -35.90
C HIS D 311 4.06 -34.16 -36.10
N HIS D 312 4.80 -34.00 -35.00
CA HIS D 312 6.13 -33.41 -35.09
C HIS D 312 7.19 -34.41 -35.53
N GLY D 313 6.93 -35.71 -35.41
CA GLY D 313 7.78 -36.69 -36.07
C GLY D 313 7.78 -36.51 -37.57
N MET D 314 6.63 -36.14 -38.13
CA MET D 314 6.53 -35.87 -39.56
C MET D 314 7.15 -34.52 -39.92
N ILE D 315 6.98 -33.52 -39.04
CA ILE D 315 7.63 -32.22 -39.25
C ILE D 315 9.14 -32.41 -39.34
N ASP D 316 9.70 -33.17 -38.39
CA ASP D 316 11.14 -33.42 -38.40
C ASP D 316 11.56 -34.21 -39.63
N ARG D 317 10.72 -35.15 -40.07
CA ARG D 317 11.06 -35.95 -41.24
C ARG D 317 11.08 -35.10 -42.51
N VAL D 318 10.12 -34.18 -42.64
CA VAL D 318 10.12 -33.29 -43.80
C VAL D 318 11.34 -32.39 -43.79
N TRP D 319 11.73 -31.92 -42.60
CA TRP D 319 12.98 -31.15 -42.49
C TRP D 319 14.19 -32.04 -42.78
N TRP D 320 14.14 -33.30 -42.32
CA TRP D 320 15.25 -34.21 -42.54
C TRP D 320 15.44 -34.52 -44.03
N ILE D 321 14.32 -34.67 -44.76
CA ILE D 321 14.41 -34.91 -46.20
C ILE D 321 14.99 -33.70 -46.91
N TRP D 322 14.43 -32.52 -46.64
CA TRP D 322 14.90 -31.30 -47.29
C TRP D 322 16.37 -31.05 -46.99
N GLN D 323 16.82 -31.37 -45.77
CA GLN D 323 18.20 -31.15 -45.39
C GLN D 323 19.16 -31.97 -46.27
N ASN D 324 18.84 -33.25 -46.46
CA ASN D 324 19.77 -34.15 -47.16
C ASN D 324 19.82 -33.90 -48.66
N LEU D 325 18.84 -33.19 -49.22
CA LEU D 325 18.87 -32.91 -50.65
C LEU D 325 20.05 -32.04 -51.04
N ASP D 326 20.69 -31.38 -50.07
CA ASP D 326 21.91 -30.62 -50.31
C ASP D 326 22.64 -30.42 -48.98
N LEU D 327 23.22 -31.50 -48.45
CA LEU D 327 23.87 -31.44 -47.14
C LEU D 327 25.02 -30.45 -47.11
N ARG D 328 25.55 -30.08 -48.27
CA ARG D 328 26.60 -29.05 -48.33
C ARG D 328 26.08 -27.72 -47.80
N LYS D 329 24.88 -27.33 -48.24
CA LYS D 329 24.34 -26.01 -47.96
C LYS D 329 23.21 -26.00 -46.95
N ARG D 330 22.69 -27.16 -46.54
CA ARG D 330 21.46 -27.21 -45.78
C ARG D 330 21.57 -27.86 -44.40
N GLN D 331 22.68 -28.51 -44.08
CA GLN D 331 22.78 -29.19 -42.79
C GLN D 331 22.74 -28.19 -41.64
N ASN D 332 23.60 -27.18 -41.67
CA ASN D 332 23.71 -26.21 -40.59
C ASN D 332 22.98 -24.90 -40.91
N ALA D 333 22.07 -24.91 -41.89
CA ALA D 333 21.41 -23.69 -42.30
C ALA D 333 20.44 -23.20 -41.21
N ILE D 334 20.56 -21.91 -40.87
CA ILE D 334 19.72 -21.28 -39.85
C ILE D 334 19.32 -19.90 -40.35
N SER D 335 18.09 -19.49 -40.04
CA SER D 335 17.63 -18.14 -40.35
C SER D 335 16.54 -17.76 -39.36
N GLY D 336 16.58 -16.52 -38.90
CA GLY D 336 15.62 -16.01 -37.95
C GLY D 336 16.29 -15.53 -36.67
N THR D 337 15.46 -15.15 -35.71
CA THR D 337 15.96 -14.62 -34.44
C THR D 337 15.42 -15.41 -33.26
N GLY D 338 15.52 -14.86 -32.05
CA GLY D 338 15.08 -15.50 -30.83
C GLY D 338 13.70 -15.09 -30.34
N THR D 339 12.93 -14.36 -31.14
CA THR D 339 11.59 -13.92 -30.74
C THR D 339 10.60 -14.26 -31.84
N PHE D 340 9.35 -14.47 -31.41
CA PHE D 340 8.24 -14.79 -32.31
C PHE D 340 8.08 -13.71 -33.38
N MET D 341 8.40 -14.07 -34.63
CA MET D 341 8.30 -13.15 -35.77
C MET D 341 9.17 -11.91 -35.58
N ASN D 342 10.29 -12.05 -34.87
CA ASN D 342 11.17 -10.94 -34.55
C ASN D 342 10.43 -9.80 -33.85
N ASN D 343 9.44 -10.16 -33.04
CA ASN D 343 8.60 -9.17 -32.34
C ASN D 343 8.73 -9.36 -30.84
N PRO D 344 9.42 -8.46 -30.11
CA PRO D 344 10.20 -7.37 -30.70
C PRO D 344 11.56 -7.86 -31.19
N ALA D 345 12.35 -6.98 -31.80
CA ALA D 345 13.60 -7.39 -32.41
C ALA D 345 14.54 -8.05 -31.41
N SER D 346 15.22 -9.09 -31.85
CA SER D 346 16.14 -9.86 -31.03
C SER D 346 17.30 -10.30 -31.92
N PRO D 347 18.44 -10.67 -31.32
CA PRO D 347 19.61 -11.02 -32.14
C PRO D 347 19.36 -12.22 -33.03
N ASN D 348 20.22 -12.35 -34.05
CA ASN D 348 20.13 -13.45 -34.99
C ASN D 348 20.48 -14.77 -34.32
N THR D 349 19.75 -15.83 -34.68
CA THR D 349 20.07 -17.16 -34.18
C THR D 349 21.35 -17.65 -34.83
N THR D 350 22.28 -18.15 -34.01
CA THR D 350 23.56 -18.67 -34.49
C THR D 350 23.73 -20.11 -34.02
N LEU D 351 24.77 -20.76 -34.57
CA LEU D 351 25.09 -22.13 -34.19
C LEU D 351 25.51 -22.23 -32.73
N ASP D 352 25.87 -21.12 -32.09
CA ASP D 352 26.27 -21.11 -30.70
C ASP D 352 25.11 -20.82 -29.75
N THR D 353 23.91 -20.62 -30.27
CA THR D 353 22.75 -20.33 -29.44
C THR D 353 22.36 -21.56 -28.64
N VAL D 354 22.23 -21.40 -27.32
CA VAL D 354 21.95 -22.50 -26.41
C VAL D 354 20.47 -22.49 -26.07
N ILE D 355 19.82 -23.65 -26.20
CA ILE D 355 18.42 -23.82 -25.87
C ILE D 355 18.29 -24.97 -24.87
N ASP D 356 17.14 -25.01 -24.21
CA ASP D 356 16.88 -26.03 -23.19
C ASP D 356 15.41 -26.41 -23.22
N LEU D 357 15.07 -27.43 -22.43
CA LEU D 357 13.71 -27.96 -22.36
C LEU D 357 13.15 -27.89 -20.94
N GLY D 358 13.63 -26.94 -20.14
CA GLY D 358 13.10 -26.78 -18.79
C GLY D 358 13.39 -28.00 -17.94
N TYR D 359 12.33 -28.50 -17.28
CA TYR D 359 12.44 -29.65 -16.40
C TYR D 359 11.92 -30.94 -17.03
N ALA D 360 11.68 -30.94 -18.34
CA ALA D 360 11.11 -32.11 -19.00
C ALA D 360 12.15 -33.22 -19.11
N ASN D 361 13.28 -32.94 -19.75
CA ASN D 361 14.34 -33.91 -19.95
C ASN D 361 15.57 -33.22 -20.52
N GLY D 362 16.74 -33.72 -20.16
CA GLY D 362 17.98 -33.26 -20.73
C GLY D 362 18.48 -31.95 -20.13
N GLY D 363 19.50 -31.40 -20.79
CA GLY D 363 20.10 -30.16 -20.36
C GLY D 363 20.31 -29.20 -21.52
N PRO D 364 20.72 -27.97 -21.20
CA PRO D 364 20.96 -26.97 -22.25
C PRO D 364 22.00 -27.44 -23.24
N ILE D 365 21.79 -27.10 -24.51
CA ILE D 365 22.60 -27.63 -25.61
C ILE D 365 22.66 -26.58 -26.72
N ALA D 366 23.81 -26.49 -27.39
CA ALA D 366 24.00 -25.53 -28.46
C ALA D 366 23.30 -26.01 -29.74
N MET D 367 23.04 -25.05 -30.64
CA MET D 367 22.26 -25.35 -31.83
C MET D 367 23.00 -26.29 -32.77
N ARG D 368 24.32 -26.16 -32.88
CA ARG D 368 25.06 -26.94 -33.87
C ARG D 368 25.04 -28.43 -33.55
N ASP D 369 24.87 -28.80 -32.28
CA ASP D 369 24.73 -30.21 -31.90
C ASP D 369 23.35 -30.77 -32.25
N LEU D 370 22.48 -29.97 -32.85
CA LEU D 370 21.11 -30.39 -33.15
C LEU D 370 20.83 -30.54 -34.63
N MET D 371 21.68 -29.99 -35.51
CA MET D 371 21.33 -29.88 -36.92
C MET D 371 21.36 -31.22 -37.65
N SER D 372 21.98 -32.24 -37.08
CA SER D 372 22.15 -33.54 -37.74
C SER D 372 21.51 -34.64 -36.90
N THR D 373 20.73 -35.50 -37.54
CA THR D 373 20.11 -36.63 -36.85
C THR D 373 21.09 -37.75 -36.55
N THR D 374 22.33 -37.66 -37.05
CA THR D 374 23.37 -38.64 -36.76
C THR D 374 24.58 -37.95 -36.14
N ALA D 375 24.33 -36.99 -35.26
CA ALA D 375 25.37 -36.29 -34.53
C ALA D 375 24.77 -35.73 -33.25
N GLY D 376 25.64 -35.24 -32.38
CA GLY D 376 25.23 -34.75 -31.07
C GLY D 376 24.70 -35.88 -30.21
N PRO D 377 23.49 -35.71 -29.66
CA PRO D 377 22.82 -36.80 -28.97
C PRO D 377 21.98 -37.69 -29.87
N PHE D 378 21.95 -37.41 -31.17
CA PHE D 378 21.05 -38.06 -32.11
C PHE D 378 21.76 -39.17 -32.87
N CYS D 379 20.99 -40.21 -33.21
CA CYS D 379 21.46 -41.30 -34.04
C CYS D 379 20.25 -42.07 -34.58
N TYR D 380 19.61 -41.53 -35.62
CA TYR D 380 18.37 -42.09 -36.12
C TYR D 380 18.13 -41.64 -37.55
N VAL D 381 17.27 -42.38 -38.24
CA VAL D 381 16.86 -42.08 -39.61
C VAL D 381 15.35 -42.28 -39.71
N TYR D 382 14.80 -41.99 -40.88
CA TYR D 382 13.38 -42.14 -41.14
C TYR D 382 13.14 -43.12 -42.27
N LEU D 383 12.02 -43.83 -42.20
CA LEU D 383 11.57 -44.66 -43.31
C LEU D 383 10.18 -44.22 -43.75
#